data_2CXY
# 
_entry.id   2CXY 
# 
_audit_conform.dict_name       mmcif_pdbx.dic 
_audit_conform.dict_version    5.397 
_audit_conform.dict_location   http://mmcif.pdb.org/dictionaries/ascii/mmcif_pdbx.dic 
# 
loop_
_database_2.database_id 
_database_2.database_code 
_database_2.pdbx_database_accession 
_database_2.pdbx_DOI 
PDB   2CXY         pdb_00002cxy 10.2210/pdb2cxy/pdb 
RCSB  RCSB024752   ?            ?                   
WWPDB D_1000024752 ?            ?                   
# 
loop_
_pdbx_audit_revision_history.ordinal 
_pdbx_audit_revision_history.data_content_type 
_pdbx_audit_revision_history.major_revision 
_pdbx_audit_revision_history.minor_revision 
_pdbx_audit_revision_history.revision_date 
1 'Structure model' 1 0 2006-10-10 
2 'Structure model' 1 1 2008-04-30 
3 'Structure model' 1 2 2011-07-13 
4 'Structure model' 1 3 2024-10-16 
# 
_pdbx_audit_revision_details.ordinal             1 
_pdbx_audit_revision_details.revision_ordinal    1 
_pdbx_audit_revision_details.data_content_type   'Structure model' 
_pdbx_audit_revision_details.provider            repository 
_pdbx_audit_revision_details.type                'Initial release' 
_pdbx_audit_revision_details.description         ? 
_pdbx_audit_revision_details.details             ? 
# 
loop_
_pdbx_audit_revision_group.ordinal 
_pdbx_audit_revision_group.revision_ordinal 
_pdbx_audit_revision_group.data_content_type 
_pdbx_audit_revision_group.group 
1 2 'Structure model' 'Version format compliance' 
2 3 'Structure model' 'Version format compliance' 
3 4 'Structure model' 'Data collection'           
4 4 'Structure model' 'Database references'       
5 4 'Structure model' 'Derived calculations'      
6 4 'Structure model' 'Structure summary'         
# 
loop_
_pdbx_audit_revision_category.ordinal 
_pdbx_audit_revision_category.revision_ordinal 
_pdbx_audit_revision_category.data_content_type 
_pdbx_audit_revision_category.category 
1 4 'Structure model' chem_comp_atom            
2 4 'Structure model' chem_comp_bond            
3 4 'Structure model' database_2                
4 4 'Structure model' pdbx_entry_details        
5 4 'Structure model' pdbx_modification_feature 
6 4 'Structure model' struct_conn               
7 4 'Structure model' struct_ref_seq_dif        
# 
loop_
_pdbx_audit_revision_item.ordinal 
_pdbx_audit_revision_item.revision_ordinal 
_pdbx_audit_revision_item.data_content_type 
_pdbx_audit_revision_item.item 
1 4 'Structure model' '_database_2.pdbx_DOI'                
2 4 'Structure model' '_database_2.pdbx_database_accession' 
3 4 'Structure model' '_struct_conn.pdbx_leaving_atom_flag' 
4 4 'Structure model' '_struct_ref_seq_dif.details'         
# 
_pdbx_database_status.status_code                     REL 
_pdbx_database_status.entry_id                        2CXY 
_pdbx_database_status.recvd_initial_deposition_date   2005-07-01 
_pdbx_database_status.deposit_site                    PDBJ 
_pdbx_database_status.process_site                    PDBJ 
_pdbx_database_status.status_code_sf                  REL 
_pdbx_database_status.status_code_mr                  ? 
_pdbx_database_status.SG_entry                        Y 
_pdbx_database_status.pdb_format_compatible           Y 
_pdbx_database_status.status_code_cs                  ? 
_pdbx_database_status.status_code_nmr_data            ? 
_pdbx_database_status.methods_development_category    ? 
# 
_pdbx_database_related.db_name        TargetDB 
_pdbx_database_related.db_id          hsk002001209.1 
_pdbx_database_related.details        . 
_pdbx_database_related.content_type   unspecified 
# 
loop_
_audit_author.name 
_audit_author.pdbx_ordinal 
'Shimada, A.'                                            1 
'Niwa, H.'                                               2 
'Yokoyama, S.'                                           3 
'RIKEN Structural Genomics/Proteomics Initiative (RSGI)' 4 
# 
_citation.id                        primary 
_citation.title                     'Crystal structure of the hBAF250b AT-rich interaction domain (ARID)' 
_citation.journal_abbrev            'To be Published' 
_citation.journal_volume            ? 
_citation.page_first                ? 
_citation.page_last                 ? 
_citation.year                      ? 
_citation.journal_id_ASTM           ? 
_citation.country                   ? 
_citation.journal_id_ISSN           ? 
_citation.journal_id_CSD            0353 
_citation.book_publisher            ? 
_citation.pdbx_database_id_PubMed   ? 
_citation.pdbx_database_id_DOI      ? 
# 
loop_
_citation_author.citation_id 
_citation_author.name 
_citation_author.ordinal 
_citation_author.identifier_ORCID 
primary 'Shimada, A.'  1 ? 
primary 'Niwa, H.'     2 ? 
primary 'Yokoyama, S.' 3 ? 
# 
loop_
_entity.id 
_entity.type 
_entity.src_method 
_entity.pdbx_description 
_entity.formula_weight 
_entity.pdbx_number_of_molecules 
_entity.pdbx_ec 
_entity.pdbx_mutation 
_entity.pdbx_fragment 
_entity.details 
1 polymer man 'BAF250b subunit' 13973.688 1   ? ? 'AT-rich interaction domain (ARID)' ? 
2 water   nat water             18.015    119 ? ? ?                                   ? 
# 
_entity_name_com.entity_id   1 
_entity_name_com.name        hBAF250b 
# 
_entity_poly.entity_id                      1 
_entity_poly.type                           'polypeptide(L)' 
_entity_poly.nstd_linkage                   no 
_entity_poly.nstd_monomer                   yes 
_entity_poly.pdbx_seq_one_letter_code       
;GSSGSSGEKITKVYELGNEPERKLWVDRYLTF(MSE)EERGSPVSSLPAVGKKPLDLFRLYVCVKEIGGLAQVNKNKKWR
ELATNLNVGTSSSAASSLKKQYIQYLFAFECKIERGEEPPPEVFSTGDT
;
_entity_poly.pdbx_seq_one_letter_code_can   
;GSSGSSGEKITKVYELGNEPERKLWVDRYLTFMEERGSPVSSLPAVGKKPLDLFRLYVCVKEIGGLAQVNKNKKWRELAT
NLNVGTSSSAASSLKKQYIQYLFAFECKIERGEEPPPEVFSTGDT
;
_entity_poly.pdbx_strand_id                 A 
_entity_poly.pdbx_target_identifier         hsk002001209.1 
# 
_pdbx_entity_nonpoly.entity_id   2 
_pdbx_entity_nonpoly.name        water 
_pdbx_entity_nonpoly.comp_id     HOH 
# 
loop_
_entity_poly_seq.entity_id 
_entity_poly_seq.num 
_entity_poly_seq.mon_id 
_entity_poly_seq.hetero 
1 1   GLY n 
1 2   SER n 
1 3   SER n 
1 4   GLY n 
1 5   SER n 
1 6   SER n 
1 7   GLY n 
1 8   GLU n 
1 9   LYS n 
1 10  ILE n 
1 11  THR n 
1 12  LYS n 
1 13  VAL n 
1 14  TYR n 
1 15  GLU n 
1 16  LEU n 
1 17  GLY n 
1 18  ASN n 
1 19  GLU n 
1 20  PRO n 
1 21  GLU n 
1 22  ARG n 
1 23  LYS n 
1 24  LEU n 
1 25  TRP n 
1 26  VAL n 
1 27  ASP n 
1 28  ARG n 
1 29  TYR n 
1 30  LEU n 
1 31  THR n 
1 32  PHE n 
1 33  MSE n 
1 34  GLU n 
1 35  GLU n 
1 36  ARG n 
1 37  GLY n 
1 38  SER n 
1 39  PRO n 
1 40  VAL n 
1 41  SER n 
1 42  SER n 
1 43  LEU n 
1 44  PRO n 
1 45  ALA n 
1 46  VAL n 
1 47  GLY n 
1 48  LYS n 
1 49  LYS n 
1 50  PRO n 
1 51  LEU n 
1 52  ASP n 
1 53  LEU n 
1 54  PHE n 
1 55  ARG n 
1 56  LEU n 
1 57  TYR n 
1 58  VAL n 
1 59  CYS n 
1 60  VAL n 
1 61  LYS n 
1 62  GLU n 
1 63  ILE n 
1 64  GLY n 
1 65  GLY n 
1 66  LEU n 
1 67  ALA n 
1 68  GLN n 
1 69  VAL n 
1 70  ASN n 
1 71  LYS n 
1 72  ASN n 
1 73  LYS n 
1 74  LYS n 
1 75  TRP n 
1 76  ARG n 
1 77  GLU n 
1 78  LEU n 
1 79  ALA n 
1 80  THR n 
1 81  ASN n 
1 82  LEU n 
1 83  ASN n 
1 84  VAL n 
1 85  GLY n 
1 86  THR n 
1 87  SER n 
1 88  SER n 
1 89  SER n 
1 90  ALA n 
1 91  ALA n 
1 92  SER n 
1 93  SER n 
1 94  LEU n 
1 95  LYS n 
1 96  LYS n 
1 97  GLN n 
1 98  TYR n 
1 99  ILE n 
1 100 GLN n 
1 101 TYR n 
1 102 LEU n 
1 103 PHE n 
1 104 ALA n 
1 105 PHE n 
1 106 GLU n 
1 107 CYS n 
1 108 LYS n 
1 109 ILE n 
1 110 GLU n 
1 111 ARG n 
1 112 GLY n 
1 113 GLU n 
1 114 GLU n 
1 115 PRO n 
1 116 PRO n 
1 117 PRO n 
1 118 GLU n 
1 119 VAL n 
1 120 PHE n 
1 121 SER n 
1 122 THR n 
1 123 GLY n 
1 124 ASP n 
1 125 THR n 
# 
_entity_src_gen.entity_id                          1 
_entity_src_gen.pdbx_src_id                        1 
_entity_src_gen.pdbx_alt_source_flag               sample 
_entity_src_gen.pdbx_seq_type                      ? 
_entity_src_gen.pdbx_beg_seq_num                   ? 
_entity_src_gen.pdbx_end_seq_num                   ? 
_entity_src_gen.gene_src_common_name               human 
_entity_src_gen.gene_src_genus                     Homo 
_entity_src_gen.pdbx_gene_src_gene                 hBAF250b 
_entity_src_gen.gene_src_species                   ? 
_entity_src_gen.gene_src_strain                    ? 
_entity_src_gen.gene_src_tissue                    ? 
_entity_src_gen.gene_src_tissue_fraction           ? 
_entity_src_gen.gene_src_details                   ? 
_entity_src_gen.pdbx_gene_src_fragment             ? 
_entity_src_gen.pdbx_gene_src_scientific_name      'Homo sapiens' 
_entity_src_gen.pdbx_gene_src_ncbi_taxonomy_id     9606 
_entity_src_gen.pdbx_gene_src_variant              ? 
_entity_src_gen.pdbx_gene_src_cell_line            ? 
_entity_src_gen.pdbx_gene_src_atcc                 ? 
_entity_src_gen.pdbx_gene_src_organ                ? 
_entity_src_gen.pdbx_gene_src_organelle            ? 
_entity_src_gen.pdbx_gene_src_cell                 ? 
_entity_src_gen.pdbx_gene_src_cellular_location    ? 
_entity_src_gen.host_org_common_name               ? 
_entity_src_gen.pdbx_host_org_scientific_name      'Cell free synthesis' 
_entity_src_gen.pdbx_host_org_ncbi_taxonomy_id     ? 
_entity_src_gen.host_org_genus                     ? 
_entity_src_gen.pdbx_host_org_gene                 ? 
_entity_src_gen.pdbx_host_org_organ                ? 
_entity_src_gen.host_org_species                   ? 
_entity_src_gen.pdbx_host_org_tissue               ? 
_entity_src_gen.pdbx_host_org_tissue_fraction      ? 
_entity_src_gen.pdbx_host_org_strain               ? 
_entity_src_gen.pdbx_host_org_variant              ? 
_entity_src_gen.pdbx_host_org_cell_line            ? 
_entity_src_gen.pdbx_host_org_atcc                 ? 
_entity_src_gen.pdbx_host_org_culture_collection   ? 
_entity_src_gen.pdbx_host_org_cell                 ? 
_entity_src_gen.pdbx_host_org_organelle            ? 
_entity_src_gen.pdbx_host_org_cellular_location    ? 
_entity_src_gen.pdbx_host_org_vector_type          PLASMID 
_entity_src_gen.pdbx_host_org_vector               ? 
_entity_src_gen.host_org_details                   ? 
_entity_src_gen.expression_system_id               ? 
_entity_src_gen.plasmid_name                       PX041105-20 
_entity_src_gen.plasmid_details                    ? 
_entity_src_gen.pdbx_description                   'Cell-free protein synthesis' 
# 
loop_
_chem_comp.id 
_chem_comp.type 
_chem_comp.mon_nstd_flag 
_chem_comp.name 
_chem_comp.pdbx_synonyms 
_chem_comp.formula 
_chem_comp.formula_weight 
ALA 'L-peptide linking' y ALANINE          ? 'C3 H7 N O2'     89.093  
ARG 'L-peptide linking' y ARGININE         ? 'C6 H15 N4 O2 1' 175.209 
ASN 'L-peptide linking' y ASPARAGINE       ? 'C4 H8 N2 O3'    132.118 
ASP 'L-peptide linking' y 'ASPARTIC ACID'  ? 'C4 H7 N O4'     133.103 
CYS 'L-peptide linking' y CYSTEINE         ? 'C3 H7 N O2 S'   121.158 
GLN 'L-peptide linking' y GLUTAMINE        ? 'C5 H10 N2 O3'   146.144 
GLU 'L-peptide linking' y 'GLUTAMIC ACID'  ? 'C5 H9 N O4'     147.129 
GLY 'peptide linking'   y GLYCINE          ? 'C2 H5 N O2'     75.067  
HOH non-polymer         . WATER            ? 'H2 O'           18.015  
ILE 'L-peptide linking' y ISOLEUCINE       ? 'C6 H13 N O2'    131.173 
LEU 'L-peptide linking' y LEUCINE          ? 'C6 H13 N O2'    131.173 
LYS 'L-peptide linking' y LYSINE           ? 'C6 H15 N2 O2 1' 147.195 
MET 'L-peptide linking' y METHIONINE       ? 'C5 H11 N O2 S'  149.211 
MSE 'L-peptide linking' n SELENOMETHIONINE ? 'C5 H11 N O2 Se' 196.106 
PHE 'L-peptide linking' y PHENYLALANINE    ? 'C9 H11 N O2'    165.189 
PRO 'L-peptide linking' y PROLINE          ? 'C5 H9 N O2'     115.130 
SER 'L-peptide linking' y SERINE           ? 'C3 H7 N O3'     105.093 
THR 'L-peptide linking' y THREONINE        ? 'C4 H9 N O3'     119.119 
TRP 'L-peptide linking' y TRYPTOPHAN       ? 'C11 H12 N2 O2'  204.225 
TYR 'L-peptide linking' y TYROSINE         ? 'C9 H11 N O3'    181.189 
VAL 'L-peptide linking' y VALINE           ? 'C5 H11 N O2'    117.146 
# 
loop_
_pdbx_poly_seq_scheme.asym_id 
_pdbx_poly_seq_scheme.entity_id 
_pdbx_poly_seq_scheme.seq_id 
_pdbx_poly_seq_scheme.mon_id 
_pdbx_poly_seq_scheme.ndb_seq_num 
_pdbx_poly_seq_scheme.pdb_seq_num 
_pdbx_poly_seq_scheme.auth_seq_num 
_pdbx_poly_seq_scheme.pdb_mon_id 
_pdbx_poly_seq_scheme.auth_mon_id 
_pdbx_poly_seq_scheme.pdb_strand_id 
_pdbx_poly_seq_scheme.pdb_ins_code 
_pdbx_poly_seq_scheme.hetero 
A 1 1   GLY 1   -5  ?   ?   ?   A . n 
A 1 2   SER 2   -4  ?   ?   ?   A . n 
A 1 3   SER 3   -3  ?   ?   ?   A . n 
A 1 4   GLY 4   -2  ?   ?   ?   A . n 
A 1 5   SER 5   -1  ?   ?   ?   A . n 
A 1 6   SER 6   0   ?   ?   ?   A . n 
A 1 7   GLY 7   1   1   GLY GLY A . n 
A 1 8   GLU 8   2   2   GLU GLU A . n 
A 1 9   LYS 9   3   3   LYS LYS A . n 
A 1 10  ILE 10  4   4   ILE ILE A . n 
A 1 11  THR 11  5   5   THR THR A . n 
A 1 12  LYS 12  6   6   LYS LYS A . n 
A 1 13  VAL 13  7   7   VAL VAL A . n 
A 1 14  TYR 14  8   8   TYR TYR A . n 
A 1 15  GLU 15  9   9   GLU GLU A . n 
A 1 16  LEU 16  10  10  LEU LEU A . n 
A 1 17  GLY 17  11  11  GLY GLY A . n 
A 1 18  ASN 18  12  12  ASN ASN A . n 
A 1 19  GLU 19  13  13  GLU GLU A . n 
A 1 20  PRO 20  14  14  PRO PRO A . n 
A 1 21  GLU 21  15  15  GLU GLU A . n 
A 1 22  ARG 22  16  16  ARG ARG A . n 
A 1 23  LYS 23  17  17  LYS LYS A . n 
A 1 24  LEU 24  18  18  LEU LEU A . n 
A 1 25  TRP 25  19  19  TRP TRP A . n 
A 1 26  VAL 26  20  20  VAL VAL A . n 
A 1 27  ASP 27  21  21  ASP ASP A . n 
A 1 28  ARG 28  22  22  ARG ARG A . n 
A 1 29  TYR 29  23  23  TYR TYR A . n 
A 1 30  LEU 30  24  24  LEU LEU A . n 
A 1 31  THR 31  25  25  THR THR A . n 
A 1 32  PHE 32  26  26  PHE PHE A . n 
A 1 33  MSE 33  27  27  MSE MSE A . n 
A 1 34  GLU 34  28  28  GLU GLU A . n 
A 1 35  GLU 35  29  29  GLU GLU A . n 
A 1 36  ARG 36  30  30  ARG ARG A . n 
A 1 37  GLY 37  31  31  GLY GLY A . n 
A 1 38  SER 38  32  32  SER SER A . n 
A 1 39  PRO 39  33  33  PRO PRO A . n 
A 1 40  VAL 40  34  34  VAL VAL A . n 
A 1 41  SER 41  35  35  SER SER A . n 
A 1 42  SER 42  36  36  SER SER A . n 
A 1 43  LEU 43  37  37  LEU LEU A . n 
A 1 44  PRO 44  38  38  PRO PRO A . n 
A 1 45  ALA 45  39  39  ALA ALA A . n 
A 1 46  VAL 46  40  40  VAL VAL A . n 
A 1 47  GLY 47  41  41  GLY GLY A . n 
A 1 48  LYS 48  42  42  LYS LYS A . n 
A 1 49  LYS 49  43  43  LYS LYS A . n 
A 1 50  PRO 50  44  44  PRO PRO A . n 
A 1 51  LEU 51  45  45  LEU LEU A . n 
A 1 52  ASP 52  46  46  ASP ASP A . n 
A 1 53  LEU 53  47  47  LEU LEU A . n 
A 1 54  PHE 54  48  48  PHE PHE A . n 
A 1 55  ARG 55  49  49  ARG ARG A . n 
A 1 56  LEU 56  50  50  LEU LEU A . n 
A 1 57  TYR 57  51  51  TYR TYR A . n 
A 1 58  VAL 58  52  52  VAL VAL A . n 
A 1 59  CYS 59  53  53  CYS CYS A . n 
A 1 60  VAL 60  54  54  VAL VAL A . n 
A 1 61  LYS 61  55  55  LYS LYS A . n 
A 1 62  GLU 62  56  56  GLU GLU A . n 
A 1 63  ILE 63  57  57  ILE ILE A . n 
A 1 64  GLY 64  58  58  GLY GLY A . n 
A 1 65  GLY 65  59  59  GLY GLY A . n 
A 1 66  LEU 66  60  60  LEU LEU A . n 
A 1 67  ALA 67  61  61  ALA ALA A . n 
A 1 68  GLN 68  62  62  GLN GLN A . n 
A 1 69  VAL 69  63  63  VAL VAL A . n 
A 1 70  ASN 70  64  64  ASN ASN A . n 
A 1 71  LYS 71  65  65  LYS LYS A . n 
A 1 72  ASN 72  66  66  ASN ASN A . n 
A 1 73  LYS 73  67  67  LYS LYS A . n 
A 1 74  LYS 74  68  68  LYS LYS A . n 
A 1 75  TRP 75  69  69  TRP TRP A . n 
A 1 76  ARG 76  70  70  ARG ARG A . n 
A 1 77  GLU 77  71  71  GLU GLU A . n 
A 1 78  LEU 78  72  72  LEU LEU A . n 
A 1 79  ALA 79  73  73  ALA ALA A . n 
A 1 80  THR 80  74  74  THR THR A . n 
A 1 81  ASN 81  75  75  ASN ASN A . n 
A 1 82  LEU 82  76  76  LEU LEU A . n 
A 1 83  ASN 83  77  77  ASN ASN A . n 
A 1 84  VAL 84  78  78  VAL VAL A . n 
A 1 85  GLY 85  79  79  GLY GLY A . n 
A 1 86  THR 86  80  80  THR THR A . n 
A 1 87  SER 87  81  81  SER SER A . n 
A 1 88  SER 88  82  82  SER SER A . n 
A 1 89  SER 89  83  83  SER SER A . n 
A 1 90  ALA 90  84  84  ALA ALA A . n 
A 1 91  ALA 91  85  85  ALA ALA A . n 
A 1 92  SER 92  86  86  SER SER A . n 
A 1 93  SER 93  87  87  SER SER A . n 
A 1 94  LEU 94  88  88  LEU LEU A . n 
A 1 95  LYS 95  89  89  LYS LYS A . n 
A 1 96  LYS 96  90  90  LYS LYS A . n 
A 1 97  GLN 97  91  91  GLN GLN A . n 
A 1 98  TYR 98  92  92  TYR TYR A . n 
A 1 99  ILE 99  93  93  ILE ILE A . n 
A 1 100 GLN 100 94  94  GLN GLN A . n 
A 1 101 TYR 101 95  95  TYR TYR A . n 
A 1 102 LEU 102 96  96  LEU LEU A . n 
A 1 103 PHE 103 97  97  PHE PHE A . n 
A 1 104 ALA 104 98  98  ALA ALA A . n 
A 1 105 PHE 105 99  99  PHE PHE A . n 
A 1 106 GLU 106 100 100 GLU GLU A . n 
A 1 107 CYS 107 101 101 CYS CYS A . n 
A 1 108 LYS 108 102 102 LYS LYS A . n 
A 1 109 ILE 109 103 103 ILE ILE A . n 
A 1 110 GLU 110 104 104 GLU GLU A . n 
A 1 111 ARG 111 105 105 ARG ARG A . n 
A 1 112 GLY 112 106 106 GLY GLY A . n 
A 1 113 GLU 113 107 107 GLU GLU A . n 
A 1 114 GLU 114 108 108 GLU GLU A . n 
A 1 115 PRO 115 109 109 PRO ALA A . n 
A 1 116 PRO 116 110 110 PRO ALA A . n 
A 1 117 PRO 117 111 111 PRO ALA A . n 
A 1 118 GLU 118 112 112 GLU ALA A . n 
A 1 119 VAL 119 113 113 VAL ALA A . n 
A 1 120 PHE 120 114 114 PHE PHE A . n 
A 1 121 SER 121 115 ?   ?   ?   A . n 
A 1 122 THR 122 116 ?   ?   ?   A . n 
A 1 123 GLY 123 117 ?   ?   ?   A . n 
A 1 124 ASP 124 118 ?   ?   ?   A . n 
A 1 125 THR 125 119 ?   ?   ?   A . n 
# 
loop_
_pdbx_nonpoly_scheme.asym_id 
_pdbx_nonpoly_scheme.entity_id 
_pdbx_nonpoly_scheme.mon_id 
_pdbx_nonpoly_scheme.ndb_seq_num 
_pdbx_nonpoly_scheme.pdb_seq_num 
_pdbx_nonpoly_scheme.auth_seq_num 
_pdbx_nonpoly_scheme.pdb_mon_id 
_pdbx_nonpoly_scheme.auth_mon_id 
_pdbx_nonpoly_scheme.pdb_strand_id 
_pdbx_nonpoly_scheme.pdb_ins_code 
B 2 HOH 1   120 1   HOH TIP A . 
B 2 HOH 2   121 2   HOH TIP A . 
B 2 HOH 3   122 3   HOH TIP A . 
B 2 HOH 4   123 4   HOH TIP A . 
B 2 HOH 5   124 5   HOH TIP A . 
B 2 HOH 6   125 6   HOH TIP A . 
B 2 HOH 7   126 7   HOH TIP A . 
B 2 HOH 8   127 8   HOH TIP A . 
B 2 HOH 9   128 9   HOH TIP A . 
B 2 HOH 10  129 10  HOH TIP A . 
B 2 HOH 11  130 11  HOH TIP A . 
B 2 HOH 12  131 12  HOH TIP A . 
B 2 HOH 13  132 13  HOH TIP A . 
B 2 HOH 14  133 14  HOH TIP A . 
B 2 HOH 15  134 15  HOH TIP A . 
B 2 HOH 16  135 16  HOH TIP A . 
B 2 HOH 17  136 17  HOH TIP A . 
B 2 HOH 18  137 18  HOH TIP A . 
B 2 HOH 19  138 19  HOH TIP A . 
B 2 HOH 20  139 20  HOH TIP A . 
B 2 HOH 21  140 21  HOH TIP A . 
B 2 HOH 22  141 22  HOH TIP A . 
B 2 HOH 23  142 23  HOH TIP A . 
B 2 HOH 24  143 24  HOH TIP A . 
B 2 HOH 25  144 25  HOH TIP A . 
B 2 HOH 26  145 26  HOH TIP A . 
B 2 HOH 27  146 27  HOH TIP A . 
B 2 HOH 28  147 28  HOH TIP A . 
B 2 HOH 29  148 29  HOH TIP A . 
B 2 HOH 30  149 30  HOH TIP A . 
B 2 HOH 31  150 31  HOH TIP A . 
B 2 HOH 32  151 32  HOH TIP A . 
B 2 HOH 33  152 33  HOH TIP A . 
B 2 HOH 34  153 34  HOH TIP A . 
B 2 HOH 35  154 35  HOH TIP A . 
B 2 HOH 36  155 36  HOH TIP A . 
B 2 HOH 37  156 37  HOH TIP A . 
B 2 HOH 38  157 38  HOH TIP A . 
B 2 HOH 39  158 39  HOH TIP A . 
B 2 HOH 40  159 40  HOH TIP A . 
B 2 HOH 41  160 41  HOH TIP A . 
B 2 HOH 42  161 42  HOH TIP A . 
B 2 HOH 43  162 43  HOH TIP A . 
B 2 HOH 44  163 44  HOH TIP A . 
B 2 HOH 45  164 45  HOH TIP A . 
B 2 HOH 46  165 46  HOH TIP A . 
B 2 HOH 47  166 47  HOH TIP A . 
B 2 HOH 48  167 48  HOH TIP A . 
B 2 HOH 49  168 49  HOH TIP A . 
B 2 HOH 50  169 50  HOH TIP A . 
B 2 HOH 51  170 51  HOH TIP A . 
B 2 HOH 52  171 52  HOH TIP A . 
B 2 HOH 53  172 53  HOH TIP A . 
B 2 HOH 54  173 54  HOH TIP A . 
B 2 HOH 55  174 55  HOH TIP A . 
B 2 HOH 56  175 56  HOH TIP A . 
B 2 HOH 57  176 57  HOH TIP A . 
B 2 HOH 58  177 58  HOH TIP A . 
B 2 HOH 59  178 59  HOH TIP A . 
B 2 HOH 60  179 60  HOH TIP A . 
B 2 HOH 61  180 61  HOH TIP A . 
B 2 HOH 62  181 62  HOH TIP A . 
B 2 HOH 63  182 63  HOH TIP A . 
B 2 HOH 64  183 64  HOH TIP A . 
B 2 HOH 65  184 65  HOH TIP A . 
B 2 HOH 66  185 66  HOH TIP A . 
B 2 HOH 67  186 67  HOH TIP A . 
B 2 HOH 68  187 68  HOH TIP A . 
B 2 HOH 69  188 69  HOH TIP A . 
B 2 HOH 70  189 70  HOH TIP A . 
B 2 HOH 71  190 71  HOH TIP A . 
B 2 HOH 72  191 72  HOH TIP A . 
B 2 HOH 73  192 73  HOH TIP A . 
B 2 HOH 74  193 74  HOH TIP A . 
B 2 HOH 75  194 75  HOH TIP A . 
B 2 HOH 76  195 76  HOH TIP A . 
B 2 HOH 77  196 77  HOH TIP A . 
B 2 HOH 78  197 78  HOH TIP A . 
B 2 HOH 79  198 79  HOH TIP A . 
B 2 HOH 80  199 80  HOH TIP A . 
B 2 HOH 81  200 81  HOH TIP A . 
B 2 HOH 82  201 82  HOH TIP A . 
B 2 HOH 83  202 83  HOH TIP A . 
B 2 HOH 84  203 84  HOH TIP A . 
B 2 HOH 85  204 85  HOH TIP A . 
B 2 HOH 86  205 86  HOH TIP A . 
B 2 HOH 87  206 87  HOH TIP A . 
B 2 HOH 88  207 88  HOH TIP A . 
B 2 HOH 89  208 89  HOH TIP A . 
B 2 HOH 90  209 90  HOH TIP A . 
B 2 HOH 91  210 91  HOH TIP A . 
B 2 HOH 92  211 92  HOH TIP A . 
B 2 HOH 93  212 93  HOH TIP A . 
B 2 HOH 94  213 94  HOH TIP A . 
B 2 HOH 95  214 95  HOH TIP A . 
B 2 HOH 96  215 96  HOH TIP A . 
B 2 HOH 97  216 97  HOH TIP A . 
B 2 HOH 98  217 98  HOH TIP A . 
B 2 HOH 99  218 99  HOH TIP A . 
B 2 HOH 100 219 100 HOH TIP A . 
B 2 HOH 101 220 101 HOH TIP A . 
B 2 HOH 102 221 102 HOH TIP A . 
B 2 HOH 103 222 103 HOH TIP A . 
B 2 HOH 104 223 104 HOH TIP A . 
B 2 HOH 105 224 105 HOH TIP A . 
B 2 HOH 106 225 106 HOH TIP A . 
B 2 HOH 107 226 107 HOH TIP A . 
B 2 HOH 108 227 108 HOH TIP A . 
B 2 HOH 109 228 109 HOH TIP A . 
B 2 HOH 110 229 110 HOH TIP A . 
B 2 HOH 111 230 111 HOH TIP A . 
B 2 HOH 112 231 112 HOH TIP A . 
B 2 HOH 113 232 113 HOH TIP A . 
B 2 HOH 114 233 114 HOH TIP A . 
B 2 HOH 115 234 115 HOH TIP A . 
B 2 HOH 116 235 116 HOH TIP A . 
B 2 HOH 117 236 117 HOH TIP A . 
B 2 HOH 118 237 118 HOH TIP A . 
B 2 HOH 119 238 119 HOH TIP A . 
# 
loop_
_pdbx_unobs_or_zero_occ_atoms.id 
_pdbx_unobs_or_zero_occ_atoms.PDB_model_num 
_pdbx_unobs_or_zero_occ_atoms.polymer_flag 
_pdbx_unobs_or_zero_occ_atoms.occupancy_flag 
_pdbx_unobs_or_zero_occ_atoms.auth_asym_id 
_pdbx_unobs_or_zero_occ_atoms.auth_comp_id 
_pdbx_unobs_or_zero_occ_atoms.auth_seq_id 
_pdbx_unobs_or_zero_occ_atoms.PDB_ins_code 
_pdbx_unobs_or_zero_occ_atoms.auth_atom_id 
_pdbx_unobs_or_zero_occ_atoms.label_alt_id 
_pdbx_unobs_or_zero_occ_atoms.label_asym_id 
_pdbx_unobs_or_zero_occ_atoms.label_comp_id 
_pdbx_unobs_or_zero_occ_atoms.label_seq_id 
_pdbx_unobs_or_zero_occ_atoms.label_atom_id 
1  1 Y 1 A PRO 109 ? CG  ? A PRO 115 CG  
2  1 Y 1 A PRO 109 ? CD  ? A PRO 115 CD  
3  1 Y 1 A PRO 110 ? CG  ? A PRO 116 CG  
4  1 Y 1 A PRO 110 ? CD  ? A PRO 116 CD  
5  1 Y 1 A PRO 111 ? CG  ? A PRO 117 CG  
6  1 Y 1 A PRO 111 ? CD  ? A PRO 117 CD  
7  1 Y 1 A GLU 112 ? CG  ? A GLU 118 CG  
8  1 Y 1 A GLU 112 ? CD  ? A GLU 118 CD  
9  1 Y 1 A GLU 112 ? OE1 ? A GLU 118 OE1 
10 1 Y 1 A GLU 112 ? OE2 ? A GLU 118 OE2 
11 1 Y 1 A VAL 113 ? CG1 ? A VAL 119 CG1 
12 1 Y 1 A VAL 113 ? CG2 ? A VAL 119 CG2 
# 
loop_
_software.name 
_software.classification 
_software.version 
_software.citation_id 
_software.pdbx_ordinal 
CNS       refinement       1.1 ? 1 
HKL-2000  'data reduction' .   ? 2 
SCALEPACK 'data scaling'   .   ? 3 
CNS       phasing          .   ? 4 
# 
_cell.entry_id           2CXY 
_cell.length_a           68.870 
_cell.length_b           68.870 
_cell.length_c           46.204 
_cell.angle_alpha        90.00 
_cell.angle_beta         90.00 
_cell.angle_gamma        120.00 
_cell.Z_PDB              6 
_cell.pdbx_unique_axis   ? 
_cell.length_a_esd       ? 
_cell.length_b_esd       ? 
_cell.length_c_esd       ? 
_cell.angle_alpha_esd    ? 
_cell.angle_beta_esd     ? 
_cell.angle_gamma_esd    ? 
# 
_symmetry.entry_id                         2CXY 
_symmetry.space_group_name_H-M             'P 65' 
_symmetry.pdbx_full_space_group_name_H-M   ? 
_symmetry.cell_setting                     ? 
_symmetry.Int_Tables_number                170 
_symmetry.space_group_name_Hall            ? 
# 
_exptl.entry_id          2CXY 
_exptl.method            'X-RAY DIFFRACTION' 
_exptl.crystals_number   1 
# 
_exptl_crystal.id                    1 
_exptl_crystal.density_meas          ? 
_exptl_crystal.density_Matthews      2.27 
_exptl_crystal.density_percent_sol   46.0 
_exptl_crystal.description           ? 
_exptl_crystal.F_000                 ? 
_exptl_crystal.preparation           ? 
# 
_exptl_crystal_grow.crystal_id      1 
_exptl_crystal_grow.method          'VAPOR DIFFUSION, HANGING DROP' 
_exptl_crystal_grow.temp            293 
_exptl_crystal_grow.temp_details    ? 
_exptl_crystal_grow.pH              6.5 
_exptl_crystal_grow.pdbx_details    'tri-sodium citrate dihydrate, pH 6.5, VAPOR DIFFUSION, HANGING DROP, temperature 293K' 
_exptl_crystal_grow.pdbx_pH_range   . 
# 
_diffrn.id                     1 
_diffrn.ambient_temp           100 
_diffrn.ambient_temp_details   ? 
_diffrn.crystal_id             1 
# 
_diffrn_detector.diffrn_id              1 
_diffrn_detector.detector               'IMAGE PLATE' 
_diffrn_detector.type                   RIGAKU 
_diffrn_detector.pdbx_collection_date   2005-04-13 
_diffrn_detector.details                ? 
# 
_diffrn_radiation.diffrn_id                        1 
_diffrn_radiation.wavelength_id                    1 
_diffrn_radiation.pdbx_monochromatic_or_laue_m_l   M 
_diffrn_radiation.monochromator                    'Si double-crystal monochromator' 
_diffrn_radiation.pdbx_diffrn_protocol             MAD 
_diffrn_radiation.pdbx_scattering_type             x-ray 
# 
loop_
_diffrn_radiation_wavelength.id 
_diffrn_radiation_wavelength.wavelength 
_diffrn_radiation_wavelength.wt 
1 0.9791 1.0 
2 0.9794 1.0 
3 0.9640 1.0 
# 
_diffrn_source.diffrn_id                   1 
_diffrn_source.source                      SYNCHROTRON 
_diffrn_source.type                        'SPRING-8 BEAMLINE BL26B1' 
_diffrn_source.pdbx_synchrotron_site       SPring-8 
_diffrn_source.pdbx_synchrotron_beamline   BL26B1 
_diffrn_source.pdbx_wavelength             ? 
_diffrn_source.pdbx_wavelength_list        '0.9791, 0.9794, 0.9640' 
# 
_reflns.entry_id                     2CXY 
_reflns.observed_criterion_sigma_I   0.0 
_reflns.observed_criterion_sigma_F   0.0 
_reflns.d_resolution_low             50 
_reflns.d_resolution_high            1.6 
_reflns.number_obs                   16439 
_reflns.number_all                   16439 
_reflns.percent_possible_obs         100 
_reflns.pdbx_Rmerge_I_obs            0.067 
_reflns.pdbx_Rsym_value              0.067 
_reflns.pdbx_netI_over_sigmaI        28.2 
_reflns.B_iso_Wilson_estimate        23.9 
_reflns.pdbx_redundancy              13 
_reflns.R_free_details               ? 
_reflns.limit_h_max                  ? 
_reflns.limit_h_min                  ? 
_reflns.limit_k_max                  ? 
_reflns.limit_k_min                  ? 
_reflns.limit_l_max                  ? 
_reflns.limit_l_min                  ? 
_reflns.observed_criterion_F_max     ? 
_reflns.observed_criterion_F_min     ? 
_reflns.pdbx_chi_squared             ? 
_reflns.pdbx_scaling_rejects         ? 
_reflns.pdbx_diffrn_id               1 
_reflns.pdbx_ordinal                 1 
# 
_reflns_shell.d_res_high             1.58 
_reflns_shell.d_res_low              1.64 
_reflns_shell.percent_possible_all   67.6 
_reflns_shell.Rmerge_I_obs           0.346 
_reflns_shell.pdbx_Rsym_value        0.346 
_reflns_shell.meanI_over_sigI_obs    3.34 
_reflns_shell.pdbx_redundancy        4.4 
_reflns_shell.percent_possible_obs   ? 
_reflns_shell.number_unique_all      1152 
_reflns_shell.number_measured_all    ? 
_reflns_shell.number_measured_obs    ? 
_reflns_shell.number_unique_obs      ? 
_reflns_shell.pdbx_chi_squared       ? 
_reflns_shell.pdbx_diffrn_id         ? 
_reflns_shell.pdbx_ordinal           1 
# 
_refine.entry_id                                 2CXY 
_refine.ls_number_reflns_obs                     15780 
_refine.ls_number_reflns_all                     15780 
_refine.pdbx_ls_sigma_I                          ? 
_refine.pdbx_ls_sigma_F                          0.0 
_refine.pdbx_data_cutoff_high_absF               1148253.96 
_refine.pdbx_data_cutoff_low_absF                0.000000 
_refine.pdbx_data_cutoff_high_rms_absF           ? 
_refine.ls_d_res_low                             36.53 
_refine.ls_d_res_high                            1.60 
_refine.ls_percent_reflns_obs                    95.5 
_refine.ls_R_factor_obs                          0.186 
_refine.ls_R_factor_all                          0.186 
_refine.ls_R_factor_R_work                       0.185 
_refine.ls_R_factor_R_free                       0.203 
_refine.ls_R_factor_R_free_error                 0.007 
_refine.ls_R_factor_R_free_error_details         ? 
_refine.ls_percent_reflns_R_free                 4.9 
_refine.ls_number_reflns_R_free                  772 
_refine.ls_number_parameters                     ? 
_refine.ls_number_restraints                     ? 
_refine.occupancy_min                            ? 
_refine.occupancy_max                            ? 
_refine.correlation_coeff_Fo_to_Fc               ? 
_refine.correlation_coeff_Fo_to_Fc_free          ? 
_refine.B_iso_mean                               26.8 
_refine.aniso_B[1][1]                            -1.98 
_refine.aniso_B[2][2]                            -1.98 
_refine.aniso_B[3][3]                            3.95 
_refine.aniso_B[1][2]                            -0.07 
_refine.aniso_B[1][3]                            0.00 
_refine.aniso_B[2][3]                            0.00 
_refine.solvent_model_details                    'FLAT MODEL' 
_refine.solvent_model_param_ksol                 0.378512 
_refine.solvent_model_param_bsol                 43.54 
_refine.pdbx_solvent_vdw_probe_radii             ? 
_refine.pdbx_solvent_ion_probe_radii             ? 
_refine.pdbx_solvent_shrinkage_radii             ? 
_refine.pdbx_ls_cross_valid_method               THROUGHOUT 
_refine.details                                  ? 
_refine.pdbx_starting_model                      ? 
_refine.pdbx_method_to_determine_struct          MAD 
_refine.pdbx_isotropic_thermal_model             RESTRAINED 
_refine.pdbx_stereochemistry_target_values       'Engh & Huber' 
_refine.pdbx_stereochem_target_val_spec_case     ? 
_refine.pdbx_R_Free_selection_details            RANDOM 
_refine.pdbx_overall_ESU_R                       ? 
_refine.pdbx_overall_ESU_R_Free                  ? 
_refine.overall_SU_ML                            ? 
_refine.overall_SU_B                             ? 
_refine.ls_redundancy_reflns_obs                 ? 
_refine.B_iso_min                                ? 
_refine.B_iso_max                                ? 
_refine.overall_SU_R_Cruickshank_DPI             ? 
_refine.overall_SU_R_free                        ? 
_refine.ls_wR_factor_R_free                      ? 
_refine.ls_wR_factor_R_work                      ? 
_refine.overall_FOM_free_R_set                   ? 
_refine.overall_FOM_work_R_set                   ? 
_refine.pdbx_refine_id                           'X-RAY DIFFRACTION' 
_refine.pdbx_diffrn_id                           1 
_refine.pdbx_TLS_residual_ADP_flag               ? 
_refine.pdbx_overall_phase_error                 ? 
_refine.pdbx_overall_SU_R_free_Cruickshank_DPI   ? 
_refine.pdbx_overall_SU_R_Blow_DPI               ? 
_refine.pdbx_overall_SU_R_free_Blow_DPI          ? 
# 
_refine_analyze.entry_id                        2CXY 
_refine_analyze.Luzzati_coordinate_error_obs    0.18 
_refine_analyze.Luzzati_sigma_a_obs             0.18 
_refine_analyze.Luzzati_d_res_low_obs           5.00 
_refine_analyze.Luzzati_coordinate_error_free   0.21 
_refine_analyze.Luzzati_sigma_a_free            0.17 
_refine_analyze.Luzzati_d_res_low_free          ? 
_refine_analyze.number_disordered_residues      ? 
_refine_analyze.occupancy_sum_hydrogen          ? 
_refine_analyze.occupancy_sum_non_hydrogen      ? 
_refine_analyze.pdbx_Luzzati_d_res_high_obs     ? 
_refine_analyze.pdbx_refine_id                  'X-RAY DIFFRACTION' 
# 
_refine_hist.pdbx_refine_id                   'X-RAY DIFFRACTION' 
_refine_hist.cycle_id                         LAST 
_refine_hist.pdbx_number_atoms_protein        903 
_refine_hist.pdbx_number_atoms_nucleic_acid   0 
_refine_hist.pdbx_number_atoms_ligand         0 
_refine_hist.number_atoms_solvent             119 
_refine_hist.number_atoms_total               1022 
_refine_hist.d_res_high                       1.60 
_refine_hist.d_res_low                        36.53 
# 
loop_
_refine_ls_restr.type 
_refine_ls_restr.dev_ideal 
_refine_ls_restr.dev_ideal_target 
_refine_ls_restr.weight 
_refine_ls_restr.number 
_refine_ls_restr.pdbx_refine_id 
_refine_ls_restr.pdbx_restraint_function 
c_bond_d           0.007 ?    ? ? 'X-RAY DIFFRACTION' ? 
c_angle_deg        1.3   ?    ? ? 'X-RAY DIFFRACTION' ? 
c_dihedral_angle_d 20.4  ?    ? ? 'X-RAY DIFFRACTION' ? 
c_improper_angle_d 0.82  ?    ? ? 'X-RAY DIFFRACTION' ? 
c_mcbond_it        1.24  1.50 ? ? 'X-RAY DIFFRACTION' ? 
c_mcangle_it       1.99  2.00 ? ? 'X-RAY DIFFRACTION' ? 
c_scbond_it        2.41  2.00 ? ? 'X-RAY DIFFRACTION' ? 
c_scangle_it       3.59  2.50 ? ? 'X-RAY DIFFRACTION' ? 
# 
_refine_ls_shell.pdbx_total_number_of_bins_used   6 
_refine_ls_shell.d_res_high                       1.60 
_refine_ls_shell.d_res_low                        1.70 
_refine_ls_shell.number_reflns_R_work             1941 
_refine_ls_shell.R_factor_R_work                  0.297 
_refine_ls_shell.percent_reflns_obs               74.9 
_refine_ls_shell.R_factor_R_free                  0.311 
_refine_ls_shell.R_factor_R_free_error            0.029 
_refine_ls_shell.percent_reflns_R_free            5.5 
_refine_ls_shell.number_reflns_R_free             113 
_refine_ls_shell.number_reflns_obs                ? 
_refine_ls_shell.redundancy_reflns_obs            ? 
_refine_ls_shell.number_reflns_all                ? 
_refine_ls_shell.R_factor_all                     ? 
_refine_ls_shell.pdbx_refine_id                   'X-RAY DIFFRACTION' 
# 
loop_
_pdbx_xplor_file.serial_no 
_pdbx_xplor_file.param_file 
_pdbx_xplor_file.topol_file 
_pdbx_xplor_file.pdbx_refine_id 
1 protein_rep.param protein.top 'X-RAY DIFFRACTION' 
2 water_rep.param   water.top   'X-RAY DIFFRACTION' 
# 
_struct.entry_id                  2CXY 
_struct.title                     'Crystal structure of the hBAF250b AT-rich interaction domain (ARID)' 
_struct.pdbx_model_details        ? 
_struct.pdbx_CASP_flag            ? 
_struct.pdbx_model_type_details   ? 
# 
_struct_keywords.entry_id        2CXY 
_struct_keywords.pdbx_keywords   'DNA BINDING PROTEIN' 
_struct_keywords.text            
;DNA-binding domain, Structural Genomics, NPPSFA, National Project on Protein Structural and Functional Analyses, RIKEN Structural Genomics/Proteomics Initiative, RSGI, DNA BINDING PROTEIN
;
# 
loop_
_struct_asym.id 
_struct_asym.pdbx_blank_PDB_chainid_flag 
_struct_asym.pdbx_modified 
_struct_asym.entity_id 
_struct_asym.details 
A N N 1 ? 
B N N 2 ? 
# 
_struct_ref.id                         1 
_struct_ref.db_name                    UNP 
_struct_ref.db_code                    ARI1B_HUMAN 
_struct_ref.pdbx_db_accession          Q8NFD5 
_struct_ref.entity_id                  1 
_struct_ref.pdbx_align_begin           1041 
_struct_ref.pdbx_db_isoform            ? 
_struct_ref.pdbx_seq_one_letter_code   ? 
# 
_struct_ref_seq.align_id                      1 
_struct_ref_seq.ref_id                        1 
_struct_ref_seq.pdbx_PDB_id_code              2CXY 
_struct_ref_seq.pdbx_strand_id                A 
_struct_ref_seq.seq_align_beg                 7 
_struct_ref_seq.pdbx_seq_align_beg_ins_code   ? 
_struct_ref_seq.seq_align_end                 125 
_struct_ref_seq.pdbx_seq_align_end_ins_code   ? 
_struct_ref_seq.pdbx_db_accession             Q8NFD5 
_struct_ref_seq.db_align_beg                  1041 
_struct_ref_seq.pdbx_db_align_beg_ins_code    ? 
_struct_ref_seq.db_align_end                  1159 
_struct_ref_seq.pdbx_db_align_end_ins_code    ? 
_struct_ref_seq.pdbx_auth_seq_align_beg       1 
_struct_ref_seq.pdbx_auth_seq_align_end       119 
# 
loop_
_struct_ref_seq_dif.align_id 
_struct_ref_seq_dif.pdbx_pdb_id_code 
_struct_ref_seq_dif.mon_id 
_struct_ref_seq_dif.pdbx_pdb_strand_id 
_struct_ref_seq_dif.seq_num 
_struct_ref_seq_dif.pdbx_pdb_ins_code 
_struct_ref_seq_dif.pdbx_seq_db_name 
_struct_ref_seq_dif.pdbx_seq_db_accession_code 
_struct_ref_seq_dif.db_mon_id 
_struct_ref_seq_dif.pdbx_seq_db_seq_num 
_struct_ref_seq_dif.details 
_struct_ref_seq_dif.pdbx_auth_seq_num 
_struct_ref_seq_dif.pdbx_ordinal 
1 2CXY GLY A 1  ? UNP Q8NFD5 ?   ?   'cloning artifact' -5 1 
1 2CXY SER A 2  ? UNP Q8NFD5 ?   ?   'cloning artifact' -4 2 
1 2CXY SER A 3  ? UNP Q8NFD5 ?   ?   'cloning artifact' -3 3 
1 2CXY GLY A 4  ? UNP Q8NFD5 ?   ?   'cloning artifact' -2 4 
1 2CXY SER A 5  ? UNP Q8NFD5 ?   ?   'cloning artifact' -1 5 
1 2CXY SER A 6  ? UNP Q8NFD5 ?   ?   'cloning artifact' 0  6 
1 2CXY MSE A 33 ? UNP Q8NFD5 MET 788 'modified residue' 27 7 
# 
_pdbx_struct_assembly.id                   1 
_pdbx_struct_assembly.details              author_defined_assembly 
_pdbx_struct_assembly.method_details       ? 
_pdbx_struct_assembly.oligomeric_details   monomeric 
_pdbx_struct_assembly.oligomeric_count     1 
# 
_pdbx_struct_assembly_gen.assembly_id       1 
_pdbx_struct_assembly_gen.oper_expression   1 
_pdbx_struct_assembly_gen.asym_id_list      A,B 
# 
_pdbx_struct_oper_list.id                   1 
_pdbx_struct_oper_list.type                 'identity operation' 
_pdbx_struct_oper_list.name                 1_555 
_pdbx_struct_oper_list.symmetry_operation   x,y,z 
_pdbx_struct_oper_list.matrix[1][1]         1.0000000000 
_pdbx_struct_oper_list.matrix[1][2]         0.0000000000 
_pdbx_struct_oper_list.matrix[1][3]         0.0000000000 
_pdbx_struct_oper_list.vector[1]            0.0000000000 
_pdbx_struct_oper_list.matrix[2][1]         0.0000000000 
_pdbx_struct_oper_list.matrix[2][2]         1.0000000000 
_pdbx_struct_oper_list.matrix[2][3]         0.0000000000 
_pdbx_struct_oper_list.vector[2]            0.0000000000 
_pdbx_struct_oper_list.matrix[3][1]         0.0000000000 
_pdbx_struct_oper_list.matrix[3][2]         0.0000000000 
_pdbx_struct_oper_list.matrix[3][3]         1.0000000000 
_pdbx_struct_oper_list.vector[3]            0.0000000000 
# 
_struct_biol.id                    1 
_struct_biol.pdbx_parent_biol_id   ? 
_struct_biol.details               ? 
# 
loop_
_struct_conf.conf_type_id 
_struct_conf.id 
_struct_conf.pdbx_PDB_helix_id 
_struct_conf.beg_label_comp_id 
_struct_conf.beg_label_asym_id 
_struct_conf.beg_label_seq_id 
_struct_conf.pdbx_beg_PDB_ins_code 
_struct_conf.end_label_comp_id 
_struct_conf.end_label_asym_id 
_struct_conf.end_label_seq_id 
_struct_conf.pdbx_end_PDB_ins_code 
_struct_conf.beg_auth_comp_id 
_struct_conf.beg_auth_asym_id 
_struct_conf.beg_auth_seq_id 
_struct_conf.end_auth_comp_id 
_struct_conf.end_auth_asym_id 
_struct_conf.end_auth_seq_id 
_struct_conf.pdbx_PDB_helix_class 
_struct_conf.details 
_struct_conf.pdbx_PDB_helix_length 
HELX_P HELX_P1 1 THR A 11  ? LEU A 16  ? THR A 5  LEU A 10  1 ? 6  
HELX_P HELX_P2 2 GLU A 21  ? GLY A 37  ? GLU A 15 GLY A 31  1 ? 17 
HELX_P HELX_P3 3 ASP A 52  ? GLY A 64  ? ASP A 46 GLY A 58  1 ? 13 
HELX_P HELX_P4 4 GLY A 65  ? LYS A 73  ? GLY A 59 LYS A 67  1 ? 9  
HELX_P HELX_P5 5 LYS A 74  ? LEU A 82  ? LYS A 68 LEU A 76  1 ? 9  
HELX_P HELX_P6 6 SER A 87  ? LEU A 102 ? SER A 81 LEU A 96  1 ? 16 
HELX_P HELX_P7 7 LEU A 102 ? GLY A 112 ? LEU A 96 GLY A 106 1 ? 11 
# 
_struct_conf_type.id          HELX_P 
_struct_conf_type.criteria    ? 
_struct_conf_type.reference   ? 
# 
loop_
_struct_conn.id 
_struct_conn.conn_type_id 
_struct_conn.pdbx_leaving_atom_flag 
_struct_conn.pdbx_PDB_id 
_struct_conn.ptnr1_label_asym_id 
_struct_conn.ptnr1_label_comp_id 
_struct_conn.ptnr1_label_seq_id 
_struct_conn.ptnr1_label_atom_id 
_struct_conn.pdbx_ptnr1_label_alt_id 
_struct_conn.pdbx_ptnr1_PDB_ins_code 
_struct_conn.pdbx_ptnr1_standard_comp_id 
_struct_conn.ptnr1_symmetry 
_struct_conn.ptnr2_label_asym_id 
_struct_conn.ptnr2_label_comp_id 
_struct_conn.ptnr2_label_seq_id 
_struct_conn.ptnr2_label_atom_id 
_struct_conn.pdbx_ptnr2_label_alt_id 
_struct_conn.pdbx_ptnr2_PDB_ins_code 
_struct_conn.ptnr1_auth_asym_id 
_struct_conn.ptnr1_auth_comp_id 
_struct_conn.ptnr1_auth_seq_id 
_struct_conn.ptnr2_auth_asym_id 
_struct_conn.ptnr2_auth_comp_id 
_struct_conn.ptnr2_auth_seq_id 
_struct_conn.ptnr2_symmetry 
_struct_conn.pdbx_ptnr3_label_atom_id 
_struct_conn.pdbx_ptnr3_label_seq_id 
_struct_conn.pdbx_ptnr3_label_comp_id 
_struct_conn.pdbx_ptnr3_label_asym_id 
_struct_conn.pdbx_ptnr3_label_alt_id 
_struct_conn.pdbx_ptnr3_PDB_ins_code 
_struct_conn.details 
_struct_conn.pdbx_dist_value 
_struct_conn.pdbx_value_order 
_struct_conn.pdbx_role 
covale1 covale both ? A PHE 32 C ? ? ? 1_555 A MSE 33 N ? ? A PHE 26 A MSE 27 1_555 ? ? ? ? ? ? ? 1.331 ? ? 
covale2 covale both ? A MSE 33 C ? ? ? 1_555 A GLU 34 N ? ? A MSE 27 A GLU 28 1_555 ? ? ? ? ? ? ? 1.330 ? ? 
# 
_struct_conn_type.id          covale 
_struct_conn_type.criteria    ? 
_struct_conn_type.reference   ? 
# 
_pdbx_modification_feature.ordinal                            1 
_pdbx_modification_feature.label_comp_id                      MSE 
_pdbx_modification_feature.label_asym_id                      A 
_pdbx_modification_feature.label_seq_id                       33 
_pdbx_modification_feature.label_alt_id                       ? 
_pdbx_modification_feature.modified_residue_label_comp_id     . 
_pdbx_modification_feature.modified_residue_label_asym_id     . 
_pdbx_modification_feature.modified_residue_label_seq_id      . 
_pdbx_modification_feature.modified_residue_label_alt_id      . 
_pdbx_modification_feature.auth_comp_id                       MSE 
_pdbx_modification_feature.auth_asym_id                       A 
_pdbx_modification_feature.auth_seq_id                        27 
_pdbx_modification_feature.PDB_ins_code                       ? 
_pdbx_modification_feature.symmetry                           1_555 
_pdbx_modification_feature.modified_residue_auth_comp_id      . 
_pdbx_modification_feature.modified_residue_auth_asym_id      . 
_pdbx_modification_feature.modified_residue_auth_seq_id       . 
_pdbx_modification_feature.modified_residue_PDB_ins_code      . 
_pdbx_modification_feature.modified_residue_symmetry          . 
_pdbx_modification_feature.comp_id_linking_atom               . 
_pdbx_modification_feature.modified_residue_id_linking_atom   . 
_pdbx_modification_feature.modified_residue_id                MET 
_pdbx_modification_feature.ref_pcm_id                         1 
_pdbx_modification_feature.ref_comp_id                        MSE 
_pdbx_modification_feature.type                               Selenomethionine 
_pdbx_modification_feature.category                           'Named protein modification' 
# 
_struct_sheet.id               A 
_struct_sheet.type             ? 
_struct_sheet.number_strands   2 
_struct_sheet.details          ? 
# 
_struct_sheet_order.sheet_id     A 
_struct_sheet_order.range_id_1   1 
_struct_sheet_order.range_id_2   2 
_struct_sheet_order.offset       ? 
_struct_sheet_order.sense        anti-parallel 
# 
loop_
_struct_sheet_range.sheet_id 
_struct_sheet_range.id 
_struct_sheet_range.beg_label_comp_id 
_struct_sheet_range.beg_label_asym_id 
_struct_sheet_range.beg_label_seq_id 
_struct_sheet_range.pdbx_beg_PDB_ins_code 
_struct_sheet_range.end_label_comp_id 
_struct_sheet_range.end_label_asym_id 
_struct_sheet_range.end_label_seq_id 
_struct_sheet_range.pdbx_end_PDB_ins_code 
_struct_sheet_range.beg_auth_comp_id 
_struct_sheet_range.beg_auth_asym_id 
_struct_sheet_range.beg_auth_seq_id 
_struct_sheet_range.end_auth_comp_id 
_struct_sheet_range.end_auth_asym_id 
_struct_sheet_range.end_auth_seq_id 
A 1 ALA A 45 ? VAL A 46 ? ALA A 39 VAL A 40 
A 2 LYS A 49 ? PRO A 50 ? LYS A 43 PRO A 44 
# 
_pdbx_struct_sheet_hbond.sheet_id                A 
_pdbx_struct_sheet_hbond.range_id_1              1 
_pdbx_struct_sheet_hbond.range_id_2              2 
_pdbx_struct_sheet_hbond.range_1_label_atom_id   N 
_pdbx_struct_sheet_hbond.range_1_label_comp_id   VAL 
_pdbx_struct_sheet_hbond.range_1_label_asym_id   A 
_pdbx_struct_sheet_hbond.range_1_label_seq_id    46 
_pdbx_struct_sheet_hbond.range_1_PDB_ins_code    ? 
_pdbx_struct_sheet_hbond.range_1_auth_atom_id    N 
_pdbx_struct_sheet_hbond.range_1_auth_comp_id    VAL 
_pdbx_struct_sheet_hbond.range_1_auth_asym_id    A 
_pdbx_struct_sheet_hbond.range_1_auth_seq_id     40 
_pdbx_struct_sheet_hbond.range_2_label_atom_id   O 
_pdbx_struct_sheet_hbond.range_2_label_comp_id   LYS 
_pdbx_struct_sheet_hbond.range_2_label_asym_id   A 
_pdbx_struct_sheet_hbond.range_2_label_seq_id    49 
_pdbx_struct_sheet_hbond.range_2_PDB_ins_code    ? 
_pdbx_struct_sheet_hbond.range_2_auth_atom_id    O 
_pdbx_struct_sheet_hbond.range_2_auth_comp_id    LYS 
_pdbx_struct_sheet_hbond.range_2_auth_asym_id    A 
_pdbx_struct_sheet_hbond.range_2_auth_seq_id     43 
# 
_pdbx_entry_details.entry_id                   2CXY 
_pdbx_entry_details.compound_details           ? 
_pdbx_entry_details.source_details             ? 
_pdbx_entry_details.nonpolymer_details         ? 
_pdbx_entry_details.sequence_details           ? 
_pdbx_entry_details.has_ligand_of_interest     ? 
_pdbx_entry_details.has_protein_modification   Y 
# 
loop_
_pdbx_validate_torsion.id 
_pdbx_validate_torsion.PDB_model_num 
_pdbx_validate_torsion.auth_comp_id 
_pdbx_validate_torsion.auth_asym_id 
_pdbx_validate_torsion.auth_seq_id 
_pdbx_validate_torsion.PDB_ins_code 
_pdbx_validate_torsion.label_alt_id 
_pdbx_validate_torsion.phi 
_pdbx_validate_torsion.psi 
1 1 PRO A 109 ? ? -29.49  110.50 
2 1 GLU A 112 ? ? -54.55  85.37  
3 1 VAL A 113 ? ? -121.82 -72.47 
# 
_pdbx_SG_project.id                    1 
_pdbx_SG_project.project_name          'NPPSFA, National Project on Protein Structural and Functional Analyses' 
_pdbx_SG_project.full_name_of_center   'RIKEN Structural Genomics/Proteomics Initiative' 
_pdbx_SG_project.initial_of_center     RSGI 
# 
_pdbx_struct_mod_residue.id               1 
_pdbx_struct_mod_residue.label_asym_id    A 
_pdbx_struct_mod_residue.label_comp_id    MSE 
_pdbx_struct_mod_residue.label_seq_id     33 
_pdbx_struct_mod_residue.auth_asym_id     A 
_pdbx_struct_mod_residue.auth_comp_id     MSE 
_pdbx_struct_mod_residue.auth_seq_id      27 
_pdbx_struct_mod_residue.PDB_ins_code     ? 
_pdbx_struct_mod_residue.parent_comp_id   MET 
_pdbx_struct_mod_residue.details          SELENOMETHIONINE 
# 
loop_
_pdbx_unobs_or_zero_occ_residues.id 
_pdbx_unobs_or_zero_occ_residues.PDB_model_num 
_pdbx_unobs_or_zero_occ_residues.polymer_flag 
_pdbx_unobs_or_zero_occ_residues.occupancy_flag 
_pdbx_unobs_or_zero_occ_residues.auth_asym_id 
_pdbx_unobs_or_zero_occ_residues.auth_comp_id 
_pdbx_unobs_or_zero_occ_residues.auth_seq_id 
_pdbx_unobs_or_zero_occ_residues.PDB_ins_code 
_pdbx_unobs_or_zero_occ_residues.label_asym_id 
_pdbx_unobs_or_zero_occ_residues.label_comp_id 
_pdbx_unobs_or_zero_occ_residues.label_seq_id 
1  1 Y 1 A GLY -5  ? A GLY 1   
2  1 Y 1 A SER -4  ? A SER 2   
3  1 Y 1 A SER -3  ? A SER 3   
4  1 Y 1 A GLY -2  ? A GLY 4   
5  1 Y 1 A SER -1  ? A SER 5   
6  1 Y 1 A SER 0   ? A SER 6   
7  1 Y 1 A SER 115 ? A SER 121 
8  1 Y 1 A THR 116 ? A THR 122 
9  1 Y 1 A GLY 117 ? A GLY 123 
10 1 Y 1 A ASP 118 ? A ASP 124 
11 1 Y 1 A THR 119 ? A THR 125 
# 
loop_
_chem_comp_atom.comp_id 
_chem_comp_atom.atom_id 
_chem_comp_atom.type_symbol 
_chem_comp_atom.pdbx_aromatic_flag 
_chem_comp_atom.pdbx_stereo_config 
_chem_comp_atom.pdbx_ordinal 
ALA N    N  N N 1   
ALA CA   C  N S 2   
ALA C    C  N N 3   
ALA O    O  N N 4   
ALA CB   C  N N 5   
ALA OXT  O  N N 6   
ALA H    H  N N 7   
ALA H2   H  N N 8   
ALA HA   H  N N 9   
ALA HB1  H  N N 10  
ALA HB2  H  N N 11  
ALA HB3  H  N N 12  
ALA HXT  H  N N 13  
ARG N    N  N N 14  
ARG CA   C  N S 15  
ARG C    C  N N 16  
ARG O    O  N N 17  
ARG CB   C  N N 18  
ARG CG   C  N N 19  
ARG CD   C  N N 20  
ARG NE   N  N N 21  
ARG CZ   C  N N 22  
ARG NH1  N  N N 23  
ARG NH2  N  N N 24  
ARG OXT  O  N N 25  
ARG H    H  N N 26  
ARG H2   H  N N 27  
ARG HA   H  N N 28  
ARG HB2  H  N N 29  
ARG HB3  H  N N 30  
ARG HG2  H  N N 31  
ARG HG3  H  N N 32  
ARG HD2  H  N N 33  
ARG HD3  H  N N 34  
ARG HE   H  N N 35  
ARG HH11 H  N N 36  
ARG HH12 H  N N 37  
ARG HH21 H  N N 38  
ARG HH22 H  N N 39  
ARG HXT  H  N N 40  
ASN N    N  N N 41  
ASN CA   C  N S 42  
ASN C    C  N N 43  
ASN O    O  N N 44  
ASN CB   C  N N 45  
ASN CG   C  N N 46  
ASN OD1  O  N N 47  
ASN ND2  N  N N 48  
ASN OXT  O  N N 49  
ASN H    H  N N 50  
ASN H2   H  N N 51  
ASN HA   H  N N 52  
ASN HB2  H  N N 53  
ASN HB3  H  N N 54  
ASN HD21 H  N N 55  
ASN HD22 H  N N 56  
ASN HXT  H  N N 57  
ASP N    N  N N 58  
ASP CA   C  N S 59  
ASP C    C  N N 60  
ASP O    O  N N 61  
ASP CB   C  N N 62  
ASP CG   C  N N 63  
ASP OD1  O  N N 64  
ASP OD2  O  N N 65  
ASP OXT  O  N N 66  
ASP H    H  N N 67  
ASP H2   H  N N 68  
ASP HA   H  N N 69  
ASP HB2  H  N N 70  
ASP HB3  H  N N 71  
ASP HD2  H  N N 72  
ASP HXT  H  N N 73  
CYS N    N  N N 74  
CYS CA   C  N R 75  
CYS C    C  N N 76  
CYS O    O  N N 77  
CYS CB   C  N N 78  
CYS SG   S  N N 79  
CYS OXT  O  N N 80  
CYS H    H  N N 81  
CYS H2   H  N N 82  
CYS HA   H  N N 83  
CYS HB2  H  N N 84  
CYS HB3  H  N N 85  
CYS HG   H  N N 86  
CYS HXT  H  N N 87  
GLN N    N  N N 88  
GLN CA   C  N S 89  
GLN C    C  N N 90  
GLN O    O  N N 91  
GLN CB   C  N N 92  
GLN CG   C  N N 93  
GLN CD   C  N N 94  
GLN OE1  O  N N 95  
GLN NE2  N  N N 96  
GLN OXT  O  N N 97  
GLN H    H  N N 98  
GLN H2   H  N N 99  
GLN HA   H  N N 100 
GLN HB2  H  N N 101 
GLN HB3  H  N N 102 
GLN HG2  H  N N 103 
GLN HG3  H  N N 104 
GLN HE21 H  N N 105 
GLN HE22 H  N N 106 
GLN HXT  H  N N 107 
GLU N    N  N N 108 
GLU CA   C  N S 109 
GLU C    C  N N 110 
GLU O    O  N N 111 
GLU CB   C  N N 112 
GLU CG   C  N N 113 
GLU CD   C  N N 114 
GLU OE1  O  N N 115 
GLU OE2  O  N N 116 
GLU OXT  O  N N 117 
GLU H    H  N N 118 
GLU H2   H  N N 119 
GLU HA   H  N N 120 
GLU HB2  H  N N 121 
GLU HB3  H  N N 122 
GLU HG2  H  N N 123 
GLU HG3  H  N N 124 
GLU HE2  H  N N 125 
GLU HXT  H  N N 126 
GLY N    N  N N 127 
GLY CA   C  N N 128 
GLY C    C  N N 129 
GLY O    O  N N 130 
GLY OXT  O  N N 131 
GLY H    H  N N 132 
GLY H2   H  N N 133 
GLY HA2  H  N N 134 
GLY HA3  H  N N 135 
GLY HXT  H  N N 136 
HOH O    O  N N 137 
HOH H1   H  N N 138 
HOH H2   H  N N 139 
ILE N    N  N N 140 
ILE CA   C  N S 141 
ILE C    C  N N 142 
ILE O    O  N N 143 
ILE CB   C  N S 144 
ILE CG1  C  N N 145 
ILE CG2  C  N N 146 
ILE CD1  C  N N 147 
ILE OXT  O  N N 148 
ILE H    H  N N 149 
ILE H2   H  N N 150 
ILE HA   H  N N 151 
ILE HB   H  N N 152 
ILE HG12 H  N N 153 
ILE HG13 H  N N 154 
ILE HG21 H  N N 155 
ILE HG22 H  N N 156 
ILE HG23 H  N N 157 
ILE HD11 H  N N 158 
ILE HD12 H  N N 159 
ILE HD13 H  N N 160 
ILE HXT  H  N N 161 
LEU N    N  N N 162 
LEU CA   C  N S 163 
LEU C    C  N N 164 
LEU O    O  N N 165 
LEU CB   C  N N 166 
LEU CG   C  N N 167 
LEU CD1  C  N N 168 
LEU CD2  C  N N 169 
LEU OXT  O  N N 170 
LEU H    H  N N 171 
LEU H2   H  N N 172 
LEU HA   H  N N 173 
LEU HB2  H  N N 174 
LEU HB3  H  N N 175 
LEU HG   H  N N 176 
LEU HD11 H  N N 177 
LEU HD12 H  N N 178 
LEU HD13 H  N N 179 
LEU HD21 H  N N 180 
LEU HD22 H  N N 181 
LEU HD23 H  N N 182 
LEU HXT  H  N N 183 
LYS N    N  N N 184 
LYS CA   C  N S 185 
LYS C    C  N N 186 
LYS O    O  N N 187 
LYS CB   C  N N 188 
LYS CG   C  N N 189 
LYS CD   C  N N 190 
LYS CE   C  N N 191 
LYS NZ   N  N N 192 
LYS OXT  O  N N 193 
LYS H    H  N N 194 
LYS H2   H  N N 195 
LYS HA   H  N N 196 
LYS HB2  H  N N 197 
LYS HB3  H  N N 198 
LYS HG2  H  N N 199 
LYS HG3  H  N N 200 
LYS HD2  H  N N 201 
LYS HD3  H  N N 202 
LYS HE2  H  N N 203 
LYS HE3  H  N N 204 
LYS HZ1  H  N N 205 
LYS HZ2  H  N N 206 
LYS HZ3  H  N N 207 
LYS HXT  H  N N 208 
MET N    N  N N 209 
MET CA   C  N S 210 
MET C    C  N N 211 
MET O    O  N N 212 
MET CB   C  N N 213 
MET CG   C  N N 214 
MET SD   S  N N 215 
MET CE   C  N N 216 
MET OXT  O  N N 217 
MET H    H  N N 218 
MET H2   H  N N 219 
MET HA   H  N N 220 
MET HB2  H  N N 221 
MET HB3  H  N N 222 
MET HG2  H  N N 223 
MET HG3  H  N N 224 
MET HE1  H  N N 225 
MET HE2  H  N N 226 
MET HE3  H  N N 227 
MET HXT  H  N N 228 
MSE N    N  N N 229 
MSE CA   C  N S 230 
MSE C    C  N N 231 
MSE O    O  N N 232 
MSE OXT  O  N N 233 
MSE CB   C  N N 234 
MSE CG   C  N N 235 
MSE SE   SE N N 236 
MSE CE   C  N N 237 
MSE H    H  N N 238 
MSE H2   H  N N 239 
MSE HA   H  N N 240 
MSE HXT  H  N N 241 
MSE HB2  H  N N 242 
MSE HB3  H  N N 243 
MSE HG2  H  N N 244 
MSE HG3  H  N N 245 
MSE HE1  H  N N 246 
MSE HE2  H  N N 247 
MSE HE3  H  N N 248 
PHE N    N  N N 249 
PHE CA   C  N S 250 
PHE C    C  N N 251 
PHE O    O  N N 252 
PHE CB   C  N N 253 
PHE CG   C  Y N 254 
PHE CD1  C  Y N 255 
PHE CD2  C  Y N 256 
PHE CE1  C  Y N 257 
PHE CE2  C  Y N 258 
PHE CZ   C  Y N 259 
PHE OXT  O  N N 260 
PHE H    H  N N 261 
PHE H2   H  N N 262 
PHE HA   H  N N 263 
PHE HB2  H  N N 264 
PHE HB3  H  N N 265 
PHE HD1  H  N N 266 
PHE HD2  H  N N 267 
PHE HE1  H  N N 268 
PHE HE2  H  N N 269 
PHE HZ   H  N N 270 
PHE HXT  H  N N 271 
PRO N    N  N N 272 
PRO CA   C  N S 273 
PRO C    C  N N 274 
PRO O    O  N N 275 
PRO CB   C  N N 276 
PRO CG   C  N N 277 
PRO CD   C  N N 278 
PRO OXT  O  N N 279 
PRO H    H  N N 280 
PRO HA   H  N N 281 
PRO HB2  H  N N 282 
PRO HB3  H  N N 283 
PRO HG2  H  N N 284 
PRO HG3  H  N N 285 
PRO HD2  H  N N 286 
PRO HD3  H  N N 287 
PRO HXT  H  N N 288 
SER N    N  N N 289 
SER CA   C  N S 290 
SER C    C  N N 291 
SER O    O  N N 292 
SER CB   C  N N 293 
SER OG   O  N N 294 
SER OXT  O  N N 295 
SER H    H  N N 296 
SER H2   H  N N 297 
SER HA   H  N N 298 
SER HB2  H  N N 299 
SER HB3  H  N N 300 
SER HG   H  N N 301 
SER HXT  H  N N 302 
THR N    N  N N 303 
THR CA   C  N S 304 
THR C    C  N N 305 
THR O    O  N N 306 
THR CB   C  N R 307 
THR OG1  O  N N 308 
THR CG2  C  N N 309 
THR OXT  O  N N 310 
THR H    H  N N 311 
THR H2   H  N N 312 
THR HA   H  N N 313 
THR HB   H  N N 314 
THR HG1  H  N N 315 
THR HG21 H  N N 316 
THR HG22 H  N N 317 
THR HG23 H  N N 318 
THR HXT  H  N N 319 
TRP N    N  N N 320 
TRP CA   C  N S 321 
TRP C    C  N N 322 
TRP O    O  N N 323 
TRP CB   C  N N 324 
TRP CG   C  Y N 325 
TRP CD1  C  Y N 326 
TRP CD2  C  Y N 327 
TRP NE1  N  Y N 328 
TRP CE2  C  Y N 329 
TRP CE3  C  Y N 330 
TRP CZ2  C  Y N 331 
TRP CZ3  C  Y N 332 
TRP CH2  C  Y N 333 
TRP OXT  O  N N 334 
TRP H    H  N N 335 
TRP H2   H  N N 336 
TRP HA   H  N N 337 
TRP HB2  H  N N 338 
TRP HB3  H  N N 339 
TRP HD1  H  N N 340 
TRP HE1  H  N N 341 
TRP HE3  H  N N 342 
TRP HZ2  H  N N 343 
TRP HZ3  H  N N 344 
TRP HH2  H  N N 345 
TRP HXT  H  N N 346 
TYR N    N  N N 347 
TYR CA   C  N S 348 
TYR C    C  N N 349 
TYR O    O  N N 350 
TYR CB   C  N N 351 
TYR CG   C  Y N 352 
TYR CD1  C  Y N 353 
TYR CD2  C  Y N 354 
TYR CE1  C  Y N 355 
TYR CE2  C  Y N 356 
TYR CZ   C  Y N 357 
TYR OH   O  N N 358 
TYR OXT  O  N N 359 
TYR H    H  N N 360 
TYR H2   H  N N 361 
TYR HA   H  N N 362 
TYR HB2  H  N N 363 
TYR HB3  H  N N 364 
TYR HD1  H  N N 365 
TYR HD2  H  N N 366 
TYR HE1  H  N N 367 
TYR HE2  H  N N 368 
TYR HH   H  N N 369 
TYR HXT  H  N N 370 
VAL N    N  N N 371 
VAL CA   C  N S 372 
VAL C    C  N N 373 
VAL O    O  N N 374 
VAL CB   C  N N 375 
VAL CG1  C  N N 376 
VAL CG2  C  N N 377 
VAL OXT  O  N N 378 
VAL H    H  N N 379 
VAL H2   H  N N 380 
VAL HA   H  N N 381 
VAL HB   H  N N 382 
VAL HG11 H  N N 383 
VAL HG12 H  N N 384 
VAL HG13 H  N N 385 
VAL HG21 H  N N 386 
VAL HG22 H  N N 387 
VAL HG23 H  N N 388 
VAL HXT  H  N N 389 
# 
loop_
_chem_comp_bond.comp_id 
_chem_comp_bond.atom_id_1 
_chem_comp_bond.atom_id_2 
_chem_comp_bond.value_order 
_chem_comp_bond.pdbx_aromatic_flag 
_chem_comp_bond.pdbx_stereo_config 
_chem_comp_bond.pdbx_ordinal 
ALA N   CA   sing N N 1   
ALA N   H    sing N N 2   
ALA N   H2   sing N N 3   
ALA CA  C    sing N N 4   
ALA CA  CB   sing N N 5   
ALA CA  HA   sing N N 6   
ALA C   O    doub N N 7   
ALA C   OXT  sing N N 8   
ALA CB  HB1  sing N N 9   
ALA CB  HB2  sing N N 10  
ALA CB  HB3  sing N N 11  
ALA OXT HXT  sing N N 12  
ARG N   CA   sing N N 13  
ARG N   H    sing N N 14  
ARG N   H2   sing N N 15  
ARG CA  C    sing N N 16  
ARG CA  CB   sing N N 17  
ARG CA  HA   sing N N 18  
ARG C   O    doub N N 19  
ARG C   OXT  sing N N 20  
ARG CB  CG   sing N N 21  
ARG CB  HB2  sing N N 22  
ARG CB  HB3  sing N N 23  
ARG CG  CD   sing N N 24  
ARG CG  HG2  sing N N 25  
ARG CG  HG3  sing N N 26  
ARG CD  NE   sing N N 27  
ARG CD  HD2  sing N N 28  
ARG CD  HD3  sing N N 29  
ARG NE  CZ   sing N N 30  
ARG NE  HE   sing N N 31  
ARG CZ  NH1  sing N N 32  
ARG CZ  NH2  doub N N 33  
ARG NH1 HH11 sing N N 34  
ARG NH1 HH12 sing N N 35  
ARG NH2 HH21 sing N N 36  
ARG NH2 HH22 sing N N 37  
ARG OXT HXT  sing N N 38  
ASN N   CA   sing N N 39  
ASN N   H    sing N N 40  
ASN N   H2   sing N N 41  
ASN CA  C    sing N N 42  
ASN CA  CB   sing N N 43  
ASN CA  HA   sing N N 44  
ASN C   O    doub N N 45  
ASN C   OXT  sing N N 46  
ASN CB  CG   sing N N 47  
ASN CB  HB2  sing N N 48  
ASN CB  HB3  sing N N 49  
ASN CG  OD1  doub N N 50  
ASN CG  ND2  sing N N 51  
ASN ND2 HD21 sing N N 52  
ASN ND2 HD22 sing N N 53  
ASN OXT HXT  sing N N 54  
ASP N   CA   sing N N 55  
ASP N   H    sing N N 56  
ASP N   H2   sing N N 57  
ASP CA  C    sing N N 58  
ASP CA  CB   sing N N 59  
ASP CA  HA   sing N N 60  
ASP C   O    doub N N 61  
ASP C   OXT  sing N N 62  
ASP CB  CG   sing N N 63  
ASP CB  HB2  sing N N 64  
ASP CB  HB3  sing N N 65  
ASP CG  OD1  doub N N 66  
ASP CG  OD2  sing N N 67  
ASP OD2 HD2  sing N N 68  
ASP OXT HXT  sing N N 69  
CYS N   CA   sing N N 70  
CYS N   H    sing N N 71  
CYS N   H2   sing N N 72  
CYS CA  C    sing N N 73  
CYS CA  CB   sing N N 74  
CYS CA  HA   sing N N 75  
CYS C   O    doub N N 76  
CYS C   OXT  sing N N 77  
CYS CB  SG   sing N N 78  
CYS CB  HB2  sing N N 79  
CYS CB  HB3  sing N N 80  
CYS SG  HG   sing N N 81  
CYS OXT HXT  sing N N 82  
GLN N   CA   sing N N 83  
GLN N   H    sing N N 84  
GLN N   H2   sing N N 85  
GLN CA  C    sing N N 86  
GLN CA  CB   sing N N 87  
GLN CA  HA   sing N N 88  
GLN C   O    doub N N 89  
GLN C   OXT  sing N N 90  
GLN CB  CG   sing N N 91  
GLN CB  HB2  sing N N 92  
GLN CB  HB3  sing N N 93  
GLN CG  CD   sing N N 94  
GLN CG  HG2  sing N N 95  
GLN CG  HG3  sing N N 96  
GLN CD  OE1  doub N N 97  
GLN CD  NE2  sing N N 98  
GLN NE2 HE21 sing N N 99  
GLN NE2 HE22 sing N N 100 
GLN OXT HXT  sing N N 101 
GLU N   CA   sing N N 102 
GLU N   H    sing N N 103 
GLU N   H2   sing N N 104 
GLU CA  C    sing N N 105 
GLU CA  CB   sing N N 106 
GLU CA  HA   sing N N 107 
GLU C   O    doub N N 108 
GLU C   OXT  sing N N 109 
GLU CB  CG   sing N N 110 
GLU CB  HB2  sing N N 111 
GLU CB  HB3  sing N N 112 
GLU CG  CD   sing N N 113 
GLU CG  HG2  sing N N 114 
GLU CG  HG3  sing N N 115 
GLU CD  OE1  doub N N 116 
GLU CD  OE2  sing N N 117 
GLU OE2 HE2  sing N N 118 
GLU OXT HXT  sing N N 119 
GLY N   CA   sing N N 120 
GLY N   H    sing N N 121 
GLY N   H2   sing N N 122 
GLY CA  C    sing N N 123 
GLY CA  HA2  sing N N 124 
GLY CA  HA3  sing N N 125 
GLY C   O    doub N N 126 
GLY C   OXT  sing N N 127 
GLY OXT HXT  sing N N 128 
HOH O   H1   sing N N 129 
HOH O   H2   sing N N 130 
ILE N   CA   sing N N 131 
ILE N   H    sing N N 132 
ILE N   H2   sing N N 133 
ILE CA  C    sing N N 134 
ILE CA  CB   sing N N 135 
ILE CA  HA   sing N N 136 
ILE C   O    doub N N 137 
ILE C   OXT  sing N N 138 
ILE CB  CG1  sing N N 139 
ILE CB  CG2  sing N N 140 
ILE CB  HB   sing N N 141 
ILE CG1 CD1  sing N N 142 
ILE CG1 HG12 sing N N 143 
ILE CG1 HG13 sing N N 144 
ILE CG2 HG21 sing N N 145 
ILE CG2 HG22 sing N N 146 
ILE CG2 HG23 sing N N 147 
ILE CD1 HD11 sing N N 148 
ILE CD1 HD12 sing N N 149 
ILE CD1 HD13 sing N N 150 
ILE OXT HXT  sing N N 151 
LEU N   CA   sing N N 152 
LEU N   H    sing N N 153 
LEU N   H2   sing N N 154 
LEU CA  C    sing N N 155 
LEU CA  CB   sing N N 156 
LEU CA  HA   sing N N 157 
LEU C   O    doub N N 158 
LEU C   OXT  sing N N 159 
LEU CB  CG   sing N N 160 
LEU CB  HB2  sing N N 161 
LEU CB  HB3  sing N N 162 
LEU CG  CD1  sing N N 163 
LEU CG  CD2  sing N N 164 
LEU CG  HG   sing N N 165 
LEU CD1 HD11 sing N N 166 
LEU CD1 HD12 sing N N 167 
LEU CD1 HD13 sing N N 168 
LEU CD2 HD21 sing N N 169 
LEU CD2 HD22 sing N N 170 
LEU CD2 HD23 sing N N 171 
LEU OXT HXT  sing N N 172 
LYS N   CA   sing N N 173 
LYS N   H    sing N N 174 
LYS N   H2   sing N N 175 
LYS CA  C    sing N N 176 
LYS CA  CB   sing N N 177 
LYS CA  HA   sing N N 178 
LYS C   O    doub N N 179 
LYS C   OXT  sing N N 180 
LYS CB  CG   sing N N 181 
LYS CB  HB2  sing N N 182 
LYS CB  HB3  sing N N 183 
LYS CG  CD   sing N N 184 
LYS CG  HG2  sing N N 185 
LYS CG  HG3  sing N N 186 
LYS CD  CE   sing N N 187 
LYS CD  HD2  sing N N 188 
LYS CD  HD3  sing N N 189 
LYS CE  NZ   sing N N 190 
LYS CE  HE2  sing N N 191 
LYS CE  HE3  sing N N 192 
LYS NZ  HZ1  sing N N 193 
LYS NZ  HZ2  sing N N 194 
LYS NZ  HZ3  sing N N 195 
LYS OXT HXT  sing N N 196 
MET N   CA   sing N N 197 
MET N   H    sing N N 198 
MET N   H2   sing N N 199 
MET CA  C    sing N N 200 
MET CA  CB   sing N N 201 
MET CA  HA   sing N N 202 
MET C   O    doub N N 203 
MET C   OXT  sing N N 204 
MET CB  CG   sing N N 205 
MET CB  HB2  sing N N 206 
MET CB  HB3  sing N N 207 
MET CG  SD   sing N N 208 
MET CG  HG2  sing N N 209 
MET CG  HG3  sing N N 210 
MET SD  CE   sing N N 211 
MET CE  HE1  sing N N 212 
MET CE  HE2  sing N N 213 
MET CE  HE3  sing N N 214 
MET OXT HXT  sing N N 215 
MSE N   CA   sing N N 216 
MSE N   H    sing N N 217 
MSE N   H2   sing N N 218 
MSE CA  C    sing N N 219 
MSE CA  CB   sing N N 220 
MSE CA  HA   sing N N 221 
MSE C   O    doub N N 222 
MSE C   OXT  sing N N 223 
MSE OXT HXT  sing N N 224 
MSE CB  CG   sing N N 225 
MSE CB  HB2  sing N N 226 
MSE CB  HB3  sing N N 227 
MSE CG  SE   sing N N 228 
MSE CG  HG2  sing N N 229 
MSE CG  HG3  sing N N 230 
MSE SE  CE   sing N N 231 
MSE CE  HE1  sing N N 232 
MSE CE  HE2  sing N N 233 
MSE CE  HE3  sing N N 234 
PHE N   CA   sing N N 235 
PHE N   H    sing N N 236 
PHE N   H2   sing N N 237 
PHE CA  C    sing N N 238 
PHE CA  CB   sing N N 239 
PHE CA  HA   sing N N 240 
PHE C   O    doub N N 241 
PHE C   OXT  sing N N 242 
PHE CB  CG   sing N N 243 
PHE CB  HB2  sing N N 244 
PHE CB  HB3  sing N N 245 
PHE CG  CD1  doub Y N 246 
PHE CG  CD2  sing Y N 247 
PHE CD1 CE1  sing Y N 248 
PHE CD1 HD1  sing N N 249 
PHE CD2 CE2  doub Y N 250 
PHE CD2 HD2  sing N N 251 
PHE CE1 CZ   doub Y N 252 
PHE CE1 HE1  sing N N 253 
PHE CE2 CZ   sing Y N 254 
PHE CE2 HE2  sing N N 255 
PHE CZ  HZ   sing N N 256 
PHE OXT HXT  sing N N 257 
PRO N   CA   sing N N 258 
PRO N   CD   sing N N 259 
PRO N   H    sing N N 260 
PRO CA  C    sing N N 261 
PRO CA  CB   sing N N 262 
PRO CA  HA   sing N N 263 
PRO C   O    doub N N 264 
PRO C   OXT  sing N N 265 
PRO CB  CG   sing N N 266 
PRO CB  HB2  sing N N 267 
PRO CB  HB3  sing N N 268 
PRO CG  CD   sing N N 269 
PRO CG  HG2  sing N N 270 
PRO CG  HG3  sing N N 271 
PRO CD  HD2  sing N N 272 
PRO CD  HD3  sing N N 273 
PRO OXT HXT  sing N N 274 
SER N   CA   sing N N 275 
SER N   H    sing N N 276 
SER N   H2   sing N N 277 
SER CA  C    sing N N 278 
SER CA  CB   sing N N 279 
SER CA  HA   sing N N 280 
SER C   O    doub N N 281 
SER C   OXT  sing N N 282 
SER CB  OG   sing N N 283 
SER CB  HB2  sing N N 284 
SER CB  HB3  sing N N 285 
SER OG  HG   sing N N 286 
SER OXT HXT  sing N N 287 
THR N   CA   sing N N 288 
THR N   H    sing N N 289 
THR N   H2   sing N N 290 
THR CA  C    sing N N 291 
THR CA  CB   sing N N 292 
THR CA  HA   sing N N 293 
THR C   O    doub N N 294 
THR C   OXT  sing N N 295 
THR CB  OG1  sing N N 296 
THR CB  CG2  sing N N 297 
THR CB  HB   sing N N 298 
THR OG1 HG1  sing N N 299 
THR CG2 HG21 sing N N 300 
THR CG2 HG22 sing N N 301 
THR CG2 HG23 sing N N 302 
THR OXT HXT  sing N N 303 
TRP N   CA   sing N N 304 
TRP N   H    sing N N 305 
TRP N   H2   sing N N 306 
TRP CA  C    sing N N 307 
TRP CA  CB   sing N N 308 
TRP CA  HA   sing N N 309 
TRP C   O    doub N N 310 
TRP C   OXT  sing N N 311 
TRP CB  CG   sing N N 312 
TRP CB  HB2  sing N N 313 
TRP CB  HB3  sing N N 314 
TRP CG  CD1  doub Y N 315 
TRP CG  CD2  sing Y N 316 
TRP CD1 NE1  sing Y N 317 
TRP CD1 HD1  sing N N 318 
TRP CD2 CE2  doub Y N 319 
TRP CD2 CE3  sing Y N 320 
TRP NE1 CE2  sing Y N 321 
TRP NE1 HE1  sing N N 322 
TRP CE2 CZ2  sing Y N 323 
TRP CE3 CZ3  doub Y N 324 
TRP CE3 HE3  sing N N 325 
TRP CZ2 CH2  doub Y N 326 
TRP CZ2 HZ2  sing N N 327 
TRP CZ3 CH2  sing Y N 328 
TRP CZ3 HZ3  sing N N 329 
TRP CH2 HH2  sing N N 330 
TRP OXT HXT  sing N N 331 
TYR N   CA   sing N N 332 
TYR N   H    sing N N 333 
TYR N   H2   sing N N 334 
TYR CA  C    sing N N 335 
TYR CA  CB   sing N N 336 
TYR CA  HA   sing N N 337 
TYR C   O    doub N N 338 
TYR C   OXT  sing N N 339 
TYR CB  CG   sing N N 340 
TYR CB  HB2  sing N N 341 
TYR CB  HB3  sing N N 342 
TYR CG  CD1  doub Y N 343 
TYR CG  CD2  sing Y N 344 
TYR CD1 CE1  sing Y N 345 
TYR CD1 HD1  sing N N 346 
TYR CD2 CE2  doub Y N 347 
TYR CD2 HD2  sing N N 348 
TYR CE1 CZ   doub Y N 349 
TYR CE1 HE1  sing N N 350 
TYR CE2 CZ   sing Y N 351 
TYR CE2 HE2  sing N N 352 
TYR CZ  OH   sing N N 353 
TYR OH  HH   sing N N 354 
TYR OXT HXT  sing N N 355 
VAL N   CA   sing N N 356 
VAL N   H    sing N N 357 
VAL N   H2   sing N N 358 
VAL CA  C    sing N N 359 
VAL CA  CB   sing N N 360 
VAL CA  HA   sing N N 361 
VAL C   O    doub N N 362 
VAL C   OXT  sing N N 363 
VAL CB  CG1  sing N N 364 
VAL CB  CG2  sing N N 365 
VAL CB  HB   sing N N 366 
VAL CG1 HG11 sing N N 367 
VAL CG1 HG12 sing N N 368 
VAL CG1 HG13 sing N N 369 
VAL CG2 HG21 sing N N 370 
VAL CG2 HG22 sing N N 371 
VAL CG2 HG23 sing N N 372 
VAL OXT HXT  sing N N 373 
# 
_atom_sites.entry_id                    2CXY 
_atom_sites.fract_transf_matrix[1][1]   -0.00610947 
_atom_sites.fract_transf_matrix[1][2]   -0.01394341 
_atom_sites.fract_transf_matrix[1][3]   0.00702572 
_atom_sites.fract_transf_matrix[2][1]   -0.01655953 
_atom_sites.fract_transf_matrix[2][2]   -0.00257672 
_atom_sites.fract_transf_matrix[2][3]   0.00049122 
_atom_sites.fract_transf_matrix[3][1]   0.00100053 
_atom_sites.fract_transf_matrix[3][2]   -0.01007651 
_atom_sites.fract_transf_matrix[3][3]   -0.01912805 
_atom_sites.fract_transf_vector[1]      1.184808 
_atom_sites.fract_transf_vector[2]      0.699115 
_atom_sites.fract_transf_vector[3]      0.049457 
# 
loop_
_atom_type.symbol 
C  
N  
O  
S  
SE 
# 
loop_
_atom_site.group_PDB 
_atom_site.id 
_atom_site.type_symbol 
_atom_site.label_atom_id 
_atom_site.label_alt_id 
_atom_site.label_comp_id 
_atom_site.label_asym_id 
_atom_site.label_entity_id 
_atom_site.label_seq_id 
_atom_site.pdbx_PDB_ins_code 
_atom_site.Cartn_x 
_atom_site.Cartn_y 
_atom_site.Cartn_z 
_atom_site.occupancy 
_atom_site.B_iso_or_equiv 
_atom_site.pdbx_formal_charge 
_atom_site.auth_seq_id 
_atom_site.auth_comp_id 
_atom_site.auth_asym_id 
_atom_site.auth_atom_id 
_atom_site.pdbx_PDB_model_num 
ATOM   1    N  N   . GLY A 1 7   ? 13.603  -7.019  -5.661  1.00 43.76 ? 1   GLY A N   1 
ATOM   2    C  CA  . GLY A 1 7   ? 14.327  -7.760  -4.589  1.00 42.22 ? 1   GLY A CA  1 
ATOM   3    C  C   . GLY A 1 7   ? 14.965  -6.849  -3.552  1.00 41.50 ? 1   GLY A C   1 
ATOM   4    O  O   . GLY A 1 7   ? 16.091  -7.094  -3.110  1.00 42.71 ? 1   GLY A O   1 
ATOM   5    N  N   . GLU A 1 8   ? 14.258  -5.793  -3.163  1.00 37.97 ? 2   GLU A N   1 
ATOM   6    C  CA  . GLU A 1 8   ? 14.777  -4.860  -2.165  1.00 34.68 ? 2   GLU A CA  1 
ATOM   7    C  C   . GLU A 1 8   ? 14.255  -5.258  -0.787  1.00 31.20 ? 2   GLU A C   1 
ATOM   8    O  O   . GLU A 1 8   ? 13.120  -5.716  -0.661  1.00 28.84 ? 2   GLU A O   1 
ATOM   9    C  CB  . GLU A 1 8   ? 14.328  -3.432  -2.479  1.00 37.68 ? 2   GLU A CB  1 
ATOM   10   C  CG  . GLU A 1 8   ? 14.776  -2.902  -3.829  1.00 41.93 ? 2   GLU A CG  1 
ATOM   11   C  CD  . GLU A 1 8   ? 16.286  -2.846  -3.962  1.00 44.93 ? 2   GLU A CD  1 
ATOM   12   O  OE1 . GLU A 1 8   ? 16.948  -2.345  -3.028  1.00 47.03 ? 2   GLU A OE1 1 
ATOM   13   O  OE2 . GLU A 1 8   ? 16.809  -3.294  -5.007  1.00 48.06 ? 2   GLU A OE2 1 
ATOM   14   N  N   . LYS A 1 9   ? 15.083  -5.091  0.241   1.00 28.11 ? 3   LYS A N   1 
ATOM   15   C  CA  . LYS A 1 9   ? 14.682  -5.429  1.610   1.00 26.95 ? 3   LYS A CA  1 
ATOM   16   C  C   . LYS A 1 9   ? 13.594  -4.450  2.055   1.00 24.29 ? 3   LYS A C   1 
ATOM   17   O  O   . LYS A 1 9   ? 13.640  -3.270  1.700   1.00 22.43 ? 3   LYS A O   1 
ATOM   18   C  CB  . LYS A 1 9   ? 15.867  -5.296  2.570   1.00 30.59 ? 3   LYS A CB  1 
ATOM   19   C  CG  . LYS A 1 9   ? 17.125  -6.050  2.172   1.00 35.69 ? 3   LYS A CG  1 
ATOM   20   C  CD  . LYS A 1 9   ? 18.276  -5.657  3.099   1.00 38.73 ? 3   LYS A CD  1 
ATOM   21   C  CE  . LYS A 1 9   ? 19.576  -6.356  2.716   1.00 41.67 ? 3   LYS A CE  1 
ATOM   22   N  NZ  . LYS A 1 9   ? 20.726  -5.891  3.546   1.00 44.33 ? 3   LYS A NZ  1 
ATOM   23   N  N   . ILE A 1 10  ? 12.637  -4.927  2.849   1.00 20.61 ? 4   ILE A N   1 
ATOM   24   C  CA  . ILE A 1 10  ? 11.543  -4.064  3.308   1.00 19.88 ? 4   ILE A CA  1 
ATOM   25   C  C   . ILE A 1 10  ? 12.051  -2.859  4.112   1.00 19.69 ? 4   ILE A C   1 
ATOM   26   O  O   . ILE A 1 10  ? 11.394  -1.815  4.129   1.00 19.58 ? 4   ILE A O   1 
ATOM   27   C  CB  . ILE A 1 10  ? 10.475  -4.877  4.136   1.00 18.67 ? 4   ILE A CB  1 
ATOM   28   C  CG1 . ILE A 1 10  ? 9.222   -4.031  4.407   1.00 20.08 ? 4   ILE A CG1 1 
ATOM   29   C  CG2 . ILE A 1 10  ? 11.078  -5.346  5.460   1.00 19.22 ? 4   ILE A CG2 1 
ATOM   30   C  CD1 . ILE A 1 10  ? 8.513   -3.507  3.162   1.00 18.61 ? 4   ILE A CD1 1 
ATOM   31   N  N   . THR A 1 11  ? 13.218  -2.978  4.750   1.00 19.35 ? 5   THR A N   1 
ATOM   32   C  CA  . THR A 1 11  ? 13.752  -1.857  5.529   1.00 21.09 ? 5   THR A CA  1 
ATOM   33   C  C   . THR A 1 11  ? 13.962  -0.634  4.649   1.00 20.77 ? 5   THR A C   1 
ATOM   34   O  O   . THR A 1 11  ? 14.009  0.485   5.149   1.00 18.83 ? 5   THR A O   1 
ATOM   35   C  CB  . THR A 1 11  ? 15.112  -2.163  6.212   1.00 23.67 ? 5   THR A CB  1 
ATOM   36   O  OG1 . THR A 1 11  ? 16.074  -2.552  5.229   1.00 27.96 ? 5   THR A OG1 1 
ATOM   37   C  CG2 . THR A 1 11  ? 14.973  -3.253  7.232   1.00 26.89 ? 5   THR A CG2 1 
ATOM   38   N  N   . LYS A 1 12  ? 14.090  -0.835  3.341   1.00 20.42 ? 6   LYS A N   1 
ATOM   39   C  CA  . LYS A 1 12  ? 14.277  0.292   2.434   1.00 21.74 ? 6   LYS A CA  1 
ATOM   40   C  C   . LYS A 1 12  ? 13.098  1.256   2.486   1.00 20.20 ? 6   LYS A C   1 
ATOM   41   O  O   . LYS A 1 12  ? 13.237  2.432   2.143   1.00 20.50 ? 6   LYS A O   1 
ATOM   42   C  CB  . LYS A 1 12  ? 14.447  -0.192  0.987   1.00 25.39 ? 6   LYS A CB  1 
ATOM   43   C  CG  . LYS A 1 12  ? 15.784  -0.848  0.692   1.00 30.24 ? 6   LYS A CG  1 
ATOM   44   C  CD  . LYS A 1 12  ? 16.934  0.107   0.951   1.00 35.05 ? 6   LYS A CD  1 
ATOM   45   C  CE  . LYS A 1 12  ? 18.260  -0.528  0.564   1.00 38.14 ? 6   LYS A CE  1 
ATOM   46   N  NZ  . LYS A 1 12  ? 18.441  -1.828  1.267   1.00 42.24 ? 6   LYS A NZ  1 
ATOM   47   N  N   . VAL A 1 13  ? 11.931  0.782   2.917   1.00 18.13 ? 7   VAL A N   1 
ATOM   48   C  CA  . VAL A 1 13  ? 10.775  1.667   2.954   1.00 18.01 ? 7   VAL A CA  1 
ATOM   49   C  C   . VAL A 1 13  ? 10.962  2.775   3.994   1.00 18.02 ? 7   VAL A C   1 
ATOM   50   O  O   . VAL A 1 13  ? 10.354  3.839   3.877   1.00 18.75 ? 7   VAL A O   1 
ATOM   51   C  CB  . VAL A 1 13  ? 9.445   0.884   3.188   1.00 18.43 ? 7   VAL A CB  1 
ATOM   52   C  CG1 . VAL A 1 13  ? 9.325   0.419   4.638   1.00 19.13 ? 7   VAL A CG1 1 
ATOM   53   C  CG2 . VAL A 1 13  ? 8.265   1.757   2.784   1.00 19.52 ? 7   VAL A CG2 1 
ATOM   54   N  N   . TYR A 1 14  ? 11.800  2.542   5.005   1.00 16.95 ? 8   TYR A N   1 
ATOM   55   C  CA  . TYR A 1 14  ? 12.057  3.594   5.997   1.00 17.78 ? 8   TYR A CA  1 
ATOM   56   C  C   . TYR A 1 14  ? 12.955  4.658   5.375   1.00 20.38 ? 8   TYR A C   1 
ATOM   57   O  O   . TYR A 1 14  ? 12.950  5.816   5.799   1.00 21.52 ? 8   TYR A O   1 
ATOM   58   C  CB  . TYR A 1 14  ? 12.808  3.054   7.222   1.00 17.38 ? 8   TYR A CB  1 
ATOM   59   C  CG  . TYR A 1 14  ? 11.986  2.263   8.194   1.00 15.33 ? 8   TYR A CG  1 
ATOM   60   C  CD1 . TYR A 1 14  ? 12.126  0.877   8.287   1.00 15.80 ? 8   TYR A CD1 1 
ATOM   61   C  CD2 . TYR A 1 14  ? 11.069  2.900   9.037   1.00 15.54 ? 8   TYR A CD2 1 
ATOM   62   C  CE1 . TYR A 1 14  ? 11.383  0.143   9.186   1.00 16.34 ? 8   TYR A CE1 1 
ATOM   63   C  CE2 . TYR A 1 14  ? 10.310  2.178   9.941   1.00 16.34 ? 8   TYR A CE2 1 
ATOM   64   C  CZ  . TYR A 1 14  ? 10.470  0.797   10.010  1.00 16.87 ? 8   TYR A CZ  1 
ATOM   65   O  OH  . TYR A 1 14  ? 9.706   0.067   10.875  1.00 17.05 ? 8   TYR A OH  1 
ATOM   66   N  N   . GLU A 1 15  ? 13.722  4.249   4.368   1.00 20.90 ? 9   GLU A N   1 
ATOM   67   C  CA  . GLU A 1 15  ? 14.696  5.123   3.712   1.00 23.95 ? 9   GLU A CA  1 
ATOM   68   C  C   . GLU A 1 15  ? 14.253  5.843   2.447   1.00 23.10 ? 9   GLU A C   1 
ATOM   69   O  O   . GLU A 1 15  ? 14.955  6.748   1.987   1.00 24.71 ? 9   GLU A O   1 
ATOM   70   C  CB  . GLU A 1 15  ? 15.947  4.314   3.369   1.00 26.94 ? 9   GLU A CB  1 
ATOM   71   C  CG  . GLU A 1 15  ? 16.565  3.529   4.514   1.00 33.33 ? 9   GLU A CG  1 
ATOM   72   C  CD  . GLU A 1 15  ? 17.509  2.442   4.008   1.00 37.58 ? 9   GLU A CD  1 
ATOM   73   O  OE1 . GLU A 1 15  ? 18.273  2.711   3.046   1.00 38.67 ? 9   GLU A OE1 1 
ATOM   74   O  OE2 . GLU A 1 15  ? 17.488  1.324   4.572   1.00 39.99 ? 9   GLU A OE2 1 
ATOM   75   N  N   . LEU A 1 16  ? 13.118  5.453   1.872   1.00 19.70 ? 10  LEU A N   1 
ATOM   76   C  CA  . LEU A 1 16  ? 12.652  6.084   0.639   1.00 21.17 ? 10  LEU A CA  1 
ATOM   77   C  C   . LEU A 1 16  ? 12.256  7.543   0.780   1.00 21.99 ? 10  LEU A C   1 
ATOM   78   O  O   . LEU A 1 16  ? 12.118  8.250   -0.220  1.00 24.55 ? 10  LEU A O   1 
ATOM   79   C  CB  . LEU A 1 16  ? 11.490  5.284   0.045   1.00 22.42 ? 10  LEU A CB  1 
ATOM   80   C  CG  . LEU A 1 16  ? 11.942  3.911   -0.445  1.00 23.70 ? 10  LEU A CG  1 
ATOM   81   C  CD1 . LEU A 1 16  ? 10.740  3.088   -0.879  1.00 23.36 ? 10  LEU A CD1 1 
ATOM   82   C  CD2 . LEU A 1 16  ? 12.921  4.089   -1.596  1.00 25.29 ? 10  LEU A CD2 1 
ATOM   83   N  N   . GLY A 1 17  ? 12.079  7.981   2.020   1.00 21.18 ? 11  GLY A N   1 
ATOM   84   C  CA  . GLY A 1 17  ? 11.722  9.357   2.304   1.00 19.59 ? 11  GLY A CA  1 
ATOM   85   C  C   . GLY A 1 17  ? 11.875  9.603   3.794   1.00 20.04 ? 11  GLY A C   1 
ATOM   86   O  O   . GLY A 1 17  ? 12.063  8.654   4.565   1.00 19.87 ? 11  GLY A O   1 
ATOM   87   N  N   . ASN A 1 18  ? 11.823  10.863  4.217   1.00 18.90 ? 12  ASN A N   1 
ATOM   88   C  CA  . ASN A 1 18  ? 11.938  11.144  5.639   1.00 19.43 ? 12  ASN A CA  1 
ATOM   89   C  C   . ASN A 1 18  ? 10.793  12.023  6.140   1.00 20.56 ? 12  ASN A C   1 
ATOM   90   O  O   . ASN A 1 18  ? 10.960  12.822  7.067   1.00 20.69 ? 12  ASN A O   1 
ATOM   91   C  CB  . ASN A 1 18  ? 13.305  11.761  5.982   1.00 18.80 ? 12  ASN A CB  1 
ATOM   92   C  CG  . ASN A 1 18  ? 13.577  13.048  5.238   1.00 20.12 ? 12  ASN A CG  1 
ATOM   93   O  OD1 . ASN A 1 18  ? 12.773  13.489  4.412   1.00 19.67 ? 12  ASN A OD1 1 
ATOM   94   N  ND2 . ASN A 1 18  ? 14.728  13.663  5.526   1.00 18.29 ? 12  ASN A ND2 1 
ATOM   95   N  N   . GLU A 1 19  ? 9.627   11.864  5.517   1.00 18.95 ? 13  GLU A N   1 
ATOM   96   C  CA  . GLU A 1 19  ? 8.432   12.593  5.940   1.00 20.49 ? 13  GLU A CA  1 
ATOM   97   C  C   . GLU A 1 19  ? 8.275   12.290  7.427   1.00 21.83 ? 13  GLU A C   1 
ATOM   98   O  O   . GLU A 1 19  ? 8.445   11.149  7.851   1.00 21.04 ? 13  GLU A O   1 
ATOM   99   C  CB  . GLU A 1 19  ? 7.187   12.081  5.198   1.00 20.99 ? 13  GLU A CB  1 
ATOM   100  C  CG  . GLU A 1 19  ? 7.234   12.273  3.690   1.00 23.79 ? 13  GLU A CG  1 
ATOM   101  C  CD  . GLU A 1 19  ? 7.682   11.027  2.947   1.00 23.39 ? 13  GLU A CD  1 
ATOM   102  O  OE1 . GLU A 1 19  ? 8.582   10.316  3.446   1.00 21.13 ? 13  GLU A OE1 1 
ATOM   103  O  OE2 . GLU A 1 19  ? 7.135   10.770  1.851   1.00 26.49 ? 13  GLU A OE2 1 
ATOM   104  N  N   . PRO A 1 20  ? 7.930   13.300  8.242   1.00 23.17 ? 14  PRO A N   1 
ATOM   105  C  CA  . PRO A 1 20  ? 7.770   13.076  9.682   1.00 24.42 ? 14  PRO A CA  1 
ATOM   106  C  C   . PRO A 1 20  ? 6.898   11.876  10.073  1.00 22.92 ? 14  PRO A C   1 
ATOM   107  O  O   . PRO A 1 20  ? 7.207   11.159  11.025  1.00 25.53 ? 14  PRO A O   1 
ATOM   108  C  CB  . PRO A 1 20  ? 7.178   14.400  10.175  1.00 24.43 ? 14  PRO A CB  1 
ATOM   109  C  CG  . PRO A 1 20  ? 7.755   15.385  9.244   1.00 26.45 ? 14  PRO A CG  1 
ATOM   110  C  CD  . PRO A 1 20  ? 7.658   14.707  7.895   1.00 24.92 ? 14  PRO A CD  1 
ATOM   111  N  N   . GLU A 1 21  ? 5.823   11.655  9.326   1.00 21.24 ? 15  GLU A N   1 
ATOM   112  C  CA  . GLU A 1 21  ? 4.896   10.573  9.622   1.00 20.29 ? 15  GLU A CA  1 
ATOM   113  C  C   . GLU A 1 21  ? 5.274   9.205   9.078   1.00 17.56 ? 15  GLU A C   1 
ATOM   114  O  O   . GLU A 1 21  ? 4.650   8.211   9.440   1.00 17.29 ? 15  GLU A O   1 
ATOM   115  C  CB  . GLU A 1 21  ? 3.502   10.943  9.108   1.00 23.10 ? 15  GLU A CB  1 
ATOM   116  C  CG  . GLU A 1 21  ? 3.519   11.583  7.739   1.00 28.47 ? 15  GLU A CG  1 
ATOM   117  C  CD  . GLU A 1 21  ? 4.105   12.996  7.767   1.00 30.03 ? 15  GLU A CD  1 
ATOM   118  O  OE1 . GLU A 1 21  ? 4.464   13.520  6.704   1.00 29.49 ? 15  GLU A OE1 1 
ATOM   119  O  OE2 . GLU A 1 21  ? 4.201   13.583  8.865   1.00 36.81 ? 15  GLU A OE2 1 
ATOM   120  N  N   . ARG A 1 22  ? 6.294   9.136   8.232   1.00 14.77 ? 16  ARG A N   1 
ATOM   121  C  CA  . ARG A 1 22  ? 6.664   7.852   7.640   1.00 13.80 ? 16  ARG A CA  1 
ATOM   122  C  C   . ARG A 1 22  ? 7.095   6.797   8.648   1.00 15.20 ? 16  ARG A C   1 
ATOM   123  O  O   . ARG A 1 22  ? 6.609   5.666   8.615   1.00 15.01 ? 16  ARG A O   1 
ATOM   124  C  CB  . ARG A 1 22  ? 7.771   8.029   6.589   1.00 13.80 ? 16  ARG A CB  1 
ATOM   125  C  CG  . ARG A 1 22  ? 8.248   6.717   5.963   1.00 15.45 ? 16  ARG A CG  1 
ATOM   126  C  CD  . ARG A 1 22  ? 9.403   6.911   4.972   1.00 15.37 ? 16  ARG A CD  1 
ATOM   127  N  NE  . ARG A 1 22  ? 8.963   7.594   3.753   1.00 16.27 ? 16  ARG A NE  1 
ATOM   128  C  CZ  . ARG A 1 22  ? 8.636   6.981   2.616   1.00 16.39 ? 16  ARG A CZ  1 
ATOM   129  N  NH1 . ARG A 1 22  ? 8.709   5.655   2.513   1.00 15.45 ? 16  ARG A NH1 1 
ATOM   130  N  NH2 . ARG A 1 22  ? 8.195   7.693   1.589   1.00 16.36 ? 16  ARG A NH2 1 
ATOM   131  N  N   . LYS A 1 23  ? 7.997   7.146   9.556   1.00 15.31 ? 17  LYS A N   1 
ATOM   132  C  CA  . LYS A 1 23  ? 8.464   6.143   10.508  1.00 16.66 ? 17  LYS A CA  1 
ATOM   133  C  C   . LYS A 1 23  ? 7.347   5.478   11.319  1.00 17.48 ? 17  LYS A C   1 
ATOM   134  O  O   . LYS A 1 23  ? 7.304   4.243   11.413  1.00 16.99 ? 17  LYS A O   1 
ATOM   135  C  CB  . LYS A 1 23  ? 9.515   6.751   11.436  1.00 18.10 ? 17  LYS A CB  1 
ATOM   136  C  CG  . LYS A 1 23  ? 10.500  5.725   11.995  1.00 21.91 ? 17  LYS A CG  1 
ATOM   137  C  CD  . LYS A 1 23  ? 10.023  5.126   13.290  1.00 23.15 ? 17  LYS A CD  1 
ATOM   138  C  CE  . LYS A 1 23  ? 11.099  4.281   13.960  1.00 18.53 ? 17  LYS A CE  1 
ATOM   139  N  NZ  . LYS A 1 23  ? 11.385  2.979   13.264  1.00 18.83 ? 17  LYS A NZ  1 
ATOM   140  N  N   . LEU A 1 24  ? 6.442   6.272   11.896  1.00 17.40 ? 18  LEU A N   1 
ATOM   141  C  CA  . LEU A 1 24  ? 5.347   5.695   12.679  1.00 17.78 ? 18  LEU A CA  1 
ATOM   142  C  C   . LEU A 1 24  ? 4.445   4.839   11.782  1.00 16.77 ? 18  LEU A C   1 
ATOM   143  O  O   . LEU A 1 24  ? 4.050   3.727   12.159  1.00 17.33 ? 18  LEU A O   1 
ATOM   144  C  CB  . LEU A 1 24  ? 4.519   6.801   13.359  1.00 19.82 ? 18  LEU A CB  1 
ATOM   145  C  CG  . LEU A 1 24  ? 3.276   6.349   14.150  1.00 22.04 ? 18  LEU A CG  1 
ATOM   146  C  CD1 . LEU A 1 24  ? 3.667   5.418   15.295  1.00 21.73 ? 18  LEU A CD1 1 
ATOM   147  C  CD2 . LEU A 1 24  ? 2.550   7.570   14.698  1.00 23.55 ? 18  LEU A CD2 1 
ATOM   148  N  N   . TRP A 1 25  ? 4.131   5.340   10.591  1.00 15.78 ? 19  TRP A N   1 
ATOM   149  C  CA  . TRP A 1 25  ? 3.268   4.578   9.689   1.00 16.18 ? 19  TRP A CA  1 
ATOM   150  C  C   . TRP A 1 25  ? 3.905   3.229   9.364   1.00 14.84 ? 19  TRP A C   1 
ATOM   151  O  O   . TRP A 1 25  ? 3.230   2.194   9.395   1.00 14.02 ? 19  TRP A O   1 
ATOM   152  C  CB  . TRP A 1 25  ? 3.014   5.352   8.384   1.00 16.52 ? 19  TRP A CB  1 
ATOM   153  C  CG  . TRP A 1 25  ? 2.069   4.651   7.447   1.00 16.84 ? 19  TRP A CG  1 
ATOM   154  C  CD1 . TRP A 1 25  ? 0.717   4.824   7.365   1.00 17.28 ? 19  TRP A CD1 1 
ATOM   155  C  CD2 . TRP A 1 25  ? 2.398   3.615   6.507   1.00 16.02 ? 19  TRP A CD2 1 
ATOM   156  N  NE1 . TRP A 1 25  ? 0.180   3.959   6.433   1.00 18.26 ? 19  TRP A NE1 1 
ATOM   157  C  CE2 . TRP A 1 25  ? 1.189   3.207   5.894   1.00 17.62 ? 19  TRP A CE2 1 
ATOM   158  C  CE3 . TRP A 1 25  ? 3.592   2.991   6.129   1.00 17.25 ? 19  TRP A CE3 1 
ATOM   159  C  CZ2 . TRP A 1 25  ? 1.142   2.202   4.923   1.00 17.05 ? 19  TRP A CZ2 1 
ATOM   160  C  CZ3 . TRP A 1 25  ? 3.546   1.980   5.153   1.00 16.58 ? 19  TRP A CZ3 1 
ATOM   161  C  CH2 . TRP A 1 25  ? 2.323   1.601   4.567   1.00 16.22 ? 19  TRP A CH2 1 
ATOM   162  N  N   . VAL A 1 26  ? 5.198   3.226   9.049   1.00 13.89 ? 20  VAL A N   1 
ATOM   163  C  CA  . VAL A 1 26  ? 5.852   1.966   8.712   1.00 13.02 ? 20  VAL A CA  1 
ATOM   164  C  C   . VAL A 1 26  ? 5.893   1.034   9.913   1.00 14.23 ? 20  VAL A C   1 
ATOM   165  O  O   . VAL A 1 26  ? 5.607   -0.157  9.780   1.00 14.09 ? 20  VAL A O   1 
ATOM   166  C  CB  . VAL A 1 26  ? 7.268   2.188   8.153   1.00 12.32 ? 20  VAL A CB  1 
ATOM   167  C  CG1 . VAL A 1 26  ? 7.924   0.838   7.837   1.00 13.48 ? 20  VAL A CG1 1 
ATOM   168  C  CG2 . VAL A 1 26  ? 7.164   3.015   6.861   1.00 13.87 ? 20  VAL A CG2 1 
ATOM   169  N  N   . ASP A 1 27  ? 6.233   1.567   11.087  1.00 14.92 ? 21  ASP A N   1 
ATOM   170  C  CA  . ASP A 1 27  ? 6.253   0.727   12.291  1.00 14.91 ? 21  ASP A CA  1 
ATOM   171  C  C   . ASP A 1 27  ? 4.877   0.081   12.493  1.00 15.61 ? 21  ASP A C   1 
ATOM   172  O  O   . ASP A 1 27  ? 4.779   -1.116  12.775  1.00 16.96 ? 21  ASP A O   1 
ATOM   173  C  CB  . ASP A 1 27  ? 6.562   1.547   13.553  1.00 15.96 ? 21  ASP A CB  1 
ATOM   174  C  CG  . ASP A 1 27  ? 8.040   1.923   13.699  1.00 17.74 ? 21  ASP A CG  1 
ATOM   175  O  OD1 . ASP A 1 27  ? 8.875   1.619   12.815  1.00 17.21 ? 21  ASP A OD1 1 
ATOM   176  O  OD2 . ASP A 1 27  ? 8.364   2.543   14.742  1.00 16.06 ? 21  ASP A OD2 1 
ATOM   177  N  N   . ARG A 1 28  ? 3.811   0.873   12.377  1.00 15.77 ? 22  ARG A N   1 
ATOM   178  C  CA  . ARG A 1 28  ? 2.465   0.332   12.579  1.00 16.03 ? 22  ARG A CA  1 
ATOM   179  C  C   . ARG A 1 28  ? 2.112   -0.694  11.518  1.00 16.00 ? 22  ARG A C   1 
ATOM   180  O  O   . ARG A 1 28  ? 1.553   -1.754  11.815  1.00 16.81 ? 22  ARG A O   1 
ATOM   181  C  CB  . ARG A 1 28  ? 1.422   1.445   12.561  1.00 17.69 ? 22  ARG A CB  1 
ATOM   182  C  CG  . ARG A 1 28  ? 1.604   2.472   13.649  1.00 23.05 ? 22  ARG A CG  1 
ATOM   183  C  CD  . ARG A 1 28  ? 0.605   3.592   13.480  1.00 27.01 ? 22  ARG A CD  1 
ATOM   184  N  NE  . ARG A 1 28  ? -0.754  3.126   13.729  1.00 32.80 ? 22  ARG A NE  1 
ATOM   185  C  CZ  . ARG A 1 28  ? -1.829  3.904   13.664  1.00 35.25 ? 22  ARG A CZ  1 
ATOM   186  N  NH1 . ARG A 1 28  ? -1.698  5.187   13.345  1.00 36.66 ? 22  ARG A NH1 1 
ATOM   187  N  NH2 . ARG A 1 28  ? -3.027  3.406   13.950  1.00 35.39 ? 22  ARG A NH2 1 
ATOM   188  N  N   . TYR A 1 29  ? 2.452   -0.371  10.274  1.00 14.37 ? 23  TYR A N   1 
ATOM   189  C  CA  . TYR A 1 29  ? 2.153   -1.255  9.153   1.00 13.96 ? 23  TYR A CA  1 
ATOM   190  C  C   . TYR A 1 29  ? 2.859   -2.606  9.203   1.00 14.85 ? 23  TYR A C   1 
ATOM   191  O  O   . TYR A 1 29  ? 2.228   -3.659  9.046   1.00 15.52 ? 23  TYR A O   1 
ATOM   192  C  CB  . TYR A 1 29  ? 2.512   -0.561  7.838   1.00 13.50 ? 23  TYR A CB  1 
ATOM   193  C  CG  . TYR A 1 29  ? 2.401   -1.476  6.641   1.00 11.08 ? 23  TYR A CG  1 
ATOM   194  C  CD1 . TYR A 1 29  ? 1.160   -1.927  6.204   1.00 12.19 ? 23  TYR A CD1 1 
ATOM   195  C  CD2 . TYR A 1 29  ? 3.537   -1.936  5.977   1.00 11.84 ? 23  TYR A CD2 1 
ATOM   196  C  CE1 . TYR A 1 29  ? 1.047   -2.818  5.141   1.00 10.63 ? 23  TYR A CE1 1 
ATOM   197  C  CE2 . TYR A 1 29  ? 3.438   -2.825  4.902   1.00 13.10 ? 23  TYR A CE2 1 
ATOM   198  C  CZ  . TYR A 1 29  ? 2.185   -3.262  4.493   1.00 13.14 ? 23  TYR A CZ  1 
ATOM   199  O  OH  . TYR A 1 29  ? 2.079   -4.145  3.441   1.00 14.52 ? 23  TYR A OH  1 
ATOM   200  N  N   . LEU A 1 30  ? 4.170   -2.595  9.416   1.00 14.51 ? 24  LEU A N   1 
ATOM   201  C  CA  . LEU A 1 30  ? 4.897   -3.859  9.438   1.00 14.75 ? 24  LEU A CA  1 
ATOM   202  C  C   . LEU A 1 30  ? 4.494   -4.744  10.605  1.00 16.09 ? 24  LEU A C   1 
ATOM   203  O  O   . LEU A 1 30  ? 4.460   -5.971  10.472  1.00 17.11 ? 24  LEU A O   1 
ATOM   204  C  CB  . LEU A 1 30  ? 6.403   -3.601  9.444   1.00 15.58 ? 24  LEU A CB  1 
ATOM   205  C  CG  . LEU A 1 30  ? 6.912   -2.905  8.178   1.00 16.90 ? 24  LEU A CG  1 
ATOM   206  C  CD1 . LEU A 1 30  ? 8.394   -2.630  8.350   1.00 16.01 ? 24  LEU A CD1 1 
ATOM   207  C  CD2 . LEU A 1 30  ? 6.675   -3.781  6.925   1.00 16.89 ? 24  LEU A CD2 1 
ATOM   208  N  N   . THR A 1 31  ? 4.187   -4.117  11.737  1.00 17.86 ? 25  THR A N   1 
ATOM   209  C  CA  . THR A 1 31  ? 3.768   -4.863  12.910  1.00 18.62 ? 25  THR A CA  1 
ATOM   210  C  C   . THR A 1 31  ? 2.391   -5.438  12.633  1.00 19.36 ? 25  THR A C   1 
ATOM   211  O  O   . THR A 1 31  ? 2.123   -6.600  12.941  1.00 19.17 ? 25  THR A O   1 
ATOM   212  C  CB  . THR A 1 31  ? 3.748   -3.969  14.153  1.00 20.16 ? 25  THR A CB  1 
ATOM   213  O  OG1 . THR A 1 31  ? 5.079   -3.494  14.397  1.00 20.19 ? 25  THR A OG1 1 
ATOM   214  C  CG2 . THR A 1 31  ? 3.263   -4.747  15.372  1.00 20.41 ? 25  THR A CG2 1 
ATOM   215  N  N   . PHE A 1 32  ? 1.519   -4.639  12.021  1.00 18.74 ? 26  PHE A N   1 
ATOM   216  C  CA  . PHE A 1 32  ? 0.178   -5.130  11.687  1.00 19.99 ? 26  PHE A CA  1 
ATOM   217  C  C   . PHE A 1 32  ? 0.296   -6.372  10.811  1.00 19.83 ? 26  PHE A C   1 
ATOM   218  O  O   . PHE A 1 32  ? -0.387  -7.376  11.040  1.00 22.19 ? 26  PHE A O   1 
ATOM   219  C  CB  . PHE A 1 32  ? -0.611  -4.046  10.939  1.00 20.28 ? 26  PHE A CB  1 
ATOM   220  C  CG  . PHE A 1 32  ? -1.816  -4.564  10.190  1.00 20.09 ? 26  PHE A CG  1 
ATOM   221  C  CD1 . PHE A 1 32  ? -2.998  -4.865  10.859  1.00 23.57 ? 26  PHE A CD1 1 
ATOM   222  C  CD2 . PHE A 1 32  ? -1.763  -4.734  8.806   1.00 21.46 ? 26  PHE A CD2 1 
ATOM   223  C  CE1 . PHE A 1 32  ? -4.123  -5.324  10.152  1.00 22.40 ? 26  PHE A CE1 1 
ATOM   224  C  CE2 . PHE A 1 32  ? -2.881  -5.193  8.088   1.00 23.65 ? 26  PHE A CE2 1 
ATOM   225  C  CZ  . PHE A 1 32  ? -4.062  -5.485  8.770   1.00 23.58 ? 26  PHE A CZ  1 
HETATM 226  N  N   . MSE A 1 33  ? 1.166   -6.314  9.805   1.00 18.06 ? 27  MSE A N   1 
HETATM 227  C  CA  . MSE A 1 33  ? 1.354   -7.428  8.884   1.00 19.85 ? 27  MSE A CA  1 
HETATM 228  C  C   . MSE A 1 33  ? 1.983   -8.673  9.513   1.00 21.59 ? 27  MSE A C   1 
HETATM 229  O  O   . MSE A 1 33  ? 1.568   -9.800  9.224   1.00 21.91 ? 27  MSE A O   1 
HETATM 230  C  CB  . MSE A 1 33  ? 2.178   -6.964  7.676   1.00 19.05 ? 27  MSE A CB  1 
HETATM 231  C  CG  . MSE A 1 33  ? 1.492   -5.849  6.867   1.00 16.46 ? 27  MSE A CG  1 
HETATM 232  SE SE  . MSE A 1 33  ? -0.141  -6.493  5.936   1.00 24.86 ? 27  MSE A SE  1 
HETATM 233  C  CE  . MSE A 1 33  ? 0.699   -7.333  4.470   1.00 23.77 ? 27  MSE A CE  1 
ATOM   234  N  N   . GLU A 1 34  ? 2.970   -8.483  10.383  1.00 21.60 ? 28  GLU A N   1 
ATOM   235  C  CA  . GLU A 1 34  ? 3.604   -9.628  11.022  1.00 23.22 ? 28  GLU A CA  1 
ATOM   236  C  C   . GLU A 1 34  ? 2.628   -10.341 11.948  1.00 23.40 ? 28  GLU A C   1 
ATOM   237  O  O   . GLU A 1 34  ? 2.599   -11.579 12.012  1.00 23.63 ? 28  GLU A O   1 
ATOM   238  C  CB  . GLU A 1 34  ? 4.842   -9.182  11.815  1.00 24.46 ? 28  GLU A CB  1 
ATOM   239  C  CG  . GLU A 1 34  ? 5.456   -10.287 12.676  1.00 29.94 ? 28  GLU A CG  1 
ATOM   240  C  CD  . GLU A 1 34  ? 6.932   -10.059 12.970  1.00 33.46 ? 28  GLU A CD  1 
ATOM   241  O  OE1 . GLU A 1 34  ? 7.411   -8.919  12.766  1.00 33.35 ? 28  GLU A OE1 1 
ATOM   242  O  OE2 . GLU A 1 34  ? 7.607   -11.023 13.417  1.00 34.75 ? 28  GLU A OE2 1 
ATOM   243  N  N   . GLU A 1 35  ? 1.810   -9.570  12.645  1.00 23.57 ? 29  GLU A N   1 
ATOM   244  C  CA  . GLU A 1 35  ? 0.875   -10.163 13.584  1.00 25.79 ? 29  GLU A CA  1 
ATOM   245  C  C   . GLU A 1 35  ? -0.320  -10.865 12.967  1.00 27.02 ? 29  GLU A C   1 
ATOM   246  O  O   . GLU A 1 35  ? -0.911  -11.740 13.606  1.00 27.39 ? 29  GLU A O   1 
ATOM   247  C  CB  . GLU A 1 35  ? 0.408   -9.117  14.581  1.00 27.25 ? 29  GLU A CB  1 
ATOM   248  C  CG  . GLU A 1 35  ? 1.577   -8.451  15.272  1.00 31.30 ? 29  GLU A CG  1 
ATOM   249  C  CD  . GLU A 1 35  ? 1.196   -7.790  16.565  1.00 32.64 ? 29  GLU A CD  1 
ATOM   250  O  OE1 . GLU A 1 35  ? 0.139   -7.124  16.601  1.00 34.90 ? 29  GLU A OE1 1 
ATOM   251  O  OE2 . GLU A 1 35  ? 1.963   -7.932  17.544  1.00 30.33 ? 29  GLU A OE2 1 
ATOM   252  N  N   . ARG A 1 36  ? -0.684  -10.508 11.739  1.00 26.87 ? 30  ARG A N   1 
ATOM   253  C  CA  . ARG A 1 36  ? -1.827  -11.171 11.119  1.00 27.23 ? 30  ARG A CA  1 
ATOM   254  C  C   . ARG A 1 36  ? -1.364  -12.402 10.364  1.00 27.54 ? 30  ARG A C   1 
ATOM   255  O  O   . ARG A 1 36  ? -2.183  -13.145 9.823   1.00 31.18 ? 30  ARG A O   1 
ATOM   256  C  CB  . ARG A 1 36  ? -2.577  -10.221 10.179  1.00 25.85 ? 30  ARG A CB  1 
ATOM   257  C  CG  . ARG A 1 36  ? -1.881  -9.938  8.867   1.00 26.04 ? 30  ARG A CG  1 
ATOM   258  C  CD  . ARG A 1 36  ? -2.519  -8.748  8.174   1.00 23.61 ? 30  ARG A CD  1 
ATOM   259  N  NE  . ARG A 1 36  ? -3.821  -9.005  7.555   1.00 23.79 ? 30  ARG A NE  1 
ATOM   260  C  CZ  . ARG A 1 36  ? -3.999  -9.197  6.242   1.00 18.27 ? 30  ARG A CZ  1 
ATOM   261  N  NH1 . ARG A 1 36  ? -2.963  -9.176  5.423   1.00 15.93 ? 30  ARG A NH1 1 
ATOM   262  N  NH2 . ARG A 1 36  ? -5.220  -9.360  5.741   1.00 19.02 ? 30  ARG A NH2 1 
ATOM   263  N  N   . GLY A 1 37  ? -0.054  -12.626 10.326  1.00 26.41 ? 31  GLY A N   1 
ATOM   264  C  CA  . GLY A 1 37  ? 0.467   -13.791 9.640   1.00 27.62 ? 31  GLY A CA  1 
ATOM   265  C  C   . GLY A 1 37  ? 0.875   -13.573 8.196   1.00 27.59 ? 31  GLY A C   1 
ATOM   266  O  O   . GLY A 1 37  ? 1.143   -14.536 7.476   1.00 29.48 ? 31  GLY A O   1 
ATOM   267  N  N   . SER A 1 38  ? 0.918   -12.312 7.763   1.00 27.87 ? 32  SER A N   1 
ATOM   268  C  CA  . SER A 1 38  ? 1.330   -11.988 6.404   1.00 26.36 ? 32  SER A CA  1 
ATOM   269  C  C   . SER A 1 38  ? 2.499   -11.004 6.461   1.00 26.59 ? 32  SER A C   1 
ATOM   270  O  O   . SER A 1 38  ? 2.432   -9.896  5.911   1.00 25.67 ? 32  SER A O   1 
ATOM   271  C  CB  . SER A 1 38  ? 0.168   -11.372 5.612   1.00 26.35 ? 32  SER A CB  1 
ATOM   272  O  OG  . SER A 1 38  ? -0.382  -10.244 6.266   1.00 27.11 ? 32  SER A OG  1 
ATOM   273  N  N   . PRO A 1 39  ? 3.590   -11.396 7.131   1.00 27.00 ? 33  PRO A N   1 
ATOM   274  C  CA  . PRO A 1 39  ? 4.742   -10.500 7.227   1.00 25.72 ? 33  PRO A CA  1 
ATOM   275  C  C   . PRO A 1 39  ? 5.333   -10.127 5.873   1.00 25.77 ? 33  PRO A C   1 
ATOM   276  O  O   . PRO A 1 39  ? 5.366   -10.935 4.933   1.00 25.76 ? 33  PRO A O   1 
ATOM   277  C  CB  . PRO A 1 39  ? 5.721   -11.289 8.094   1.00 26.82 ? 33  PRO A CB  1 
ATOM   278  C  CG  . PRO A 1 39  ? 5.416   -12.714 7.730   1.00 27.66 ? 33  PRO A CG  1 
ATOM   279  C  CD  . PRO A 1 39  ? 3.902   -12.722 7.705   1.00 25.58 ? 33  PRO A CD  1 
ATOM   280  N  N   . VAL A 1 40  ? 5.794   -8.887  5.783   1.00 22.42 ? 34  VAL A N   1 
ATOM   281  C  CA  . VAL A 1 40  ? 6.398   -8.383  4.561   1.00 21.96 ? 34  VAL A CA  1 
ATOM   282  C  C   . VAL A 1 40  ? 7.904   -8.291  4.797   1.00 22.84 ? 34  VAL A C   1 
ATOM   283  O  O   . VAL A 1 40  ? 8.351   -7.585  5.710   1.00 24.24 ? 34  VAL A O   1 
ATOM   284  C  CB  . VAL A 1 40  ? 5.851   -6.989  4.225   1.00 21.18 ? 34  VAL A CB  1 
ATOM   285  C  CG1 . VAL A 1 40  ? 6.452   -6.500  2.918   1.00 22.42 ? 34  VAL A CG1 1 
ATOM   286  C  CG2 . VAL A 1 40  ? 4.331   -7.036  4.134   1.00 20.79 ? 34  VAL A CG2 1 
ATOM   287  N  N   . SER A 1 41  ? 8.685   -8.999  3.986   1.00 21.91 ? 35  SER A N   1 
ATOM   288  C  CA  . SER A 1 41  ? 10.144  -9.006  4.134   1.00 23.94 ? 35  SER A CA  1 
ATOM   289  C  C   . SER A 1 41  ? 10.873  -8.259  3.027   1.00 21.78 ? 35  SER A C   1 
ATOM   290  O  O   . SER A 1 41  ? 12.006  -7.808  3.205   1.00 21.67 ? 35  SER A O   1 
ATOM   291  C  CB  . SER A 1 41  ? 10.665  -10.446 4.158   1.00 26.17 ? 35  SER A CB  1 
ATOM   292  O  OG  . SER A 1 41  ? 9.901   -11.238 5.045   1.00 33.95 ? 35  SER A OG  1 
ATOM   293  N  N   . SER A 1 42  ? 10.225  -8.157  1.873   1.00 21.83 ? 36  SER A N   1 
ATOM   294  C  CA  . SER A 1 42  ? 10.803  -7.483  0.721   1.00 22.16 ? 36  SER A CA  1 
ATOM   295  C  C   . SER A 1 42  ? 9.832   -6.415  0.244   1.00 21.38 ? 36  SER A C   1 
ATOM   296  O  O   . SER A 1 42  ? 8.628   -6.530  0.455   1.00 20.06 ? 36  SER A O   1 
ATOM   297  C  CB  . SER A 1 42  ? 11.022  -8.479  -0.430  1.00 24.39 ? 36  SER A CB  1 
ATOM   298  O  OG  . SER A 1 42  ? 11.884  -9.538  -0.054  1.00 29.16 ? 36  SER A OG  1 
ATOM   299  N  N   . LEU A 1 43  ? 10.357  -5.381  -0.396  1.00 21.59 ? 37  LEU A N   1 
ATOM   300  C  CA  . LEU A 1 43  ? 9.505   -4.341  -0.934  1.00 23.06 ? 37  LEU A CA  1 
ATOM   301  C  C   . LEU A 1 43  ? 8.787   -4.925  -2.137  1.00 23.53 ? 37  LEU A C   1 
ATOM   302  O  O   . LEU A 1 43  ? 9.414   -5.530  -3.012  1.00 23.15 ? 37  LEU A O   1 
ATOM   303  C  CB  . LEU A 1 43  ? 10.333  -3.141  -1.408  1.00 25.69 ? 37  LEU A CB  1 
ATOM   304  C  CG  . LEU A 1 43  ? 10.446  -1.880  -0.563  1.00 28.45 ? 37  LEU A CG  1 
ATOM   305  C  CD1 . LEU A 1 43  ? 10.992  -0.771  -1.461  1.00 28.55 ? 37  LEU A CD1 1 
ATOM   306  C  CD2 . LEU A 1 43  ? 9.095   -1.482  0.000   1.00 27.30 ? 37  LEU A CD2 1 
ATOM   307  N  N   . PRO A 1 44  ? 7.460   -4.766  -2.195  1.00 23.06 ? 38  PRO A N   1 
ATOM   308  C  CA  . PRO A 1 44  ? 6.671   -5.281  -3.315  1.00 24.27 ? 38  PRO A CA  1 
ATOM   309  C  C   . PRO A 1 44  ? 7.076   -4.501  -4.567  1.00 24.13 ? 38  PRO A C   1 
ATOM   310  O  O   . PRO A 1 44  ? 7.638   -3.407  -4.474  1.00 25.12 ? 38  PRO A O   1 
ATOM   311  C  CB  . PRO A 1 44  ? 5.234   -4.962  -2.904  1.00 23.91 ? 38  PRO A CB  1 
ATOM   312  C  CG  . PRO A 1 44  ? 5.291   -4.891  -1.407  1.00 26.64 ? 38  PRO A CG  1 
ATOM   313  C  CD  . PRO A 1 44  ? 6.591   -4.193  -1.152  1.00 24.50 ? 38  PRO A CD  1 
ATOM   314  N  N   . ALA A 1 45  ? 6.797   -5.058  -5.734  1.00 23.19 ? 39  ALA A N   1 
ATOM   315  C  CA  . ALA A 1 45  ? 7.152   -4.359  -6.962  1.00 23.42 ? 39  ALA A CA  1 
ATOM   316  C  C   . ALA A 1 45  ? 6.109   -4.525  -8.050  1.00 22.98 ? 39  ALA A C   1 
ATOM   317  O  O   . ALA A 1 45  ? 5.262   -5.412  -7.998  1.00 25.01 ? 39  ALA A O   1 
ATOM   318  C  CB  . ALA A 1 45  ? 8.491   -4.856  -7.464  1.00 24.48 ? 39  ALA A CB  1 
ATOM   319  N  N   . VAL A 1 46  ? 6.153   -3.617  -9.014  1.00 21.21 ? 40  VAL A N   1 
ATOM   320  C  CA  . VAL A 1 46  ? 5.286   -3.692  -10.177 1.00 21.64 ? 40  VAL A CA  1 
ATOM   321  C  C   . VAL A 1 46  ? 6.361   -3.648  -11.243 1.00 21.83 ? 40  VAL A C   1 
ATOM   322  O  O   . VAL A 1 46  ? 7.073   -2.654  -11.354 1.00 20.73 ? 40  VAL A O   1 
ATOM   323  C  CB  . VAL A 1 46  ? 4.354   -2.473  -10.324 1.00 22.37 ? 40  VAL A CB  1 
ATOM   324  C  CG1 . VAL A 1 46  ? 3.801   -2.428  -11.742 1.00 22.69 ? 40  VAL A CG1 1 
ATOM   325  C  CG2 . VAL A 1 46  ? 3.194   -2.568  -9.334  1.00 21.64 ? 40  VAL A CG2 1 
ATOM   326  N  N   . GLY A 1 47  ? 6.519   -4.740  -11.983 1.00 24.39 ? 41  GLY A N   1 
ATOM   327  C  CA  . GLY A 1 47  ? 7.559   -4.775  -12.998 1.00 25.00 ? 41  GLY A CA  1 
ATOM   328  C  C   . GLY A 1 47  ? 8.901   -4.719  -12.291 1.00 25.96 ? 41  GLY A C   1 
ATOM   329  O  O   . GLY A 1 47  ? 9.163   -5.508  -11.384 1.00 26.45 ? 41  GLY A O   1 
ATOM   330  N  N   . LYS A 1 48  ? 9.754   -3.779  -12.687 1.00 25.39 ? 42  LYS A N   1 
ATOM   331  C  CA  . LYS A 1 48  ? 11.063  -3.651  -12.062 1.00 25.56 ? 42  LYS A CA  1 
ATOM   332  C  C   . LYS A 1 48  ? 11.098  -2.456  -11.125 1.00 24.22 ? 42  LYS A C   1 
ATOM   333  O  O   . LYS A 1 48  ? 12.171  -1.967  -10.751 1.00 24.62 ? 42  LYS A O   1 
ATOM   334  C  CB  . LYS A 1 48  ? 12.154  -3.524  -13.130 1.00 28.17 ? 42  LYS A CB  1 
ATOM   335  C  CG  . LYS A 1 48  ? 12.240  -4.744  -14.034 1.00 31.25 ? 42  LYS A CG  1 
ATOM   336  C  CD  . LYS A 1 48  ? 13.453  -4.716  -14.955 1.00 36.05 ? 42  LYS A CD  1 
ATOM   337  C  CE  . LYS A 1 48  ? 14.755  -4.867  -14.173 1.00 38.88 ? 42  LYS A CE  1 
ATOM   338  N  NZ  . LYS A 1 48  ? 15.945  -5.045  -15.068 1.00 40.55 ? 42  LYS A NZ  1 
ATOM   339  N  N   . LYS A 1 49  ? 9.916   -1.988  -10.735 1.00 22.51 ? 43  LYS A N   1 
ATOM   340  C  CA  . LYS A 1 49  ? 9.841   -0.856  -9.836  1.00 22.29 ? 43  LYS A CA  1 
ATOM   341  C  C   . LYS A 1 49  ? 9.432   -1.208  -8.404  1.00 22.45 ? 43  LYS A C   1 
ATOM   342  O  O   . LYS A 1 49  ? 8.321   -1.670  -8.168  1.00 22.55 ? 43  LYS A O   1 
ATOM   343  C  CB  . LYS A 1 49  ? 8.859   0.184   -10.353 1.00 22.64 ? 43  LYS A CB  1 
ATOM   344  C  CG  . LYS A 1 49  ? 8.832   1.397   -9.443  1.00 25.16 ? 43  LYS A CG  1 
ATOM   345  C  CD  . LYS A 1 49  ? 7.729   2.358   -9.763  1.00 26.60 ? 43  LYS A CD  1 
ATOM   346  C  CE  . LYS A 1 49  ? 7.895   3.608   -8.918  1.00 29.01 ? 43  LYS A CE  1 
ATOM   347  N  NZ  . LYS A 1 49  ? 9.275   4.164   -9.038  1.00 28.46 ? 43  LYS A NZ  1 
ATOM   348  N  N   . PRO A 1 50  ? 10.335  -1.000  -7.438  1.00 22.48 ? 44  PRO A N   1 
ATOM   349  C  CA  . PRO A 1 50  ? 10.034  -1.287  -6.030  1.00 22.33 ? 44  PRO A CA  1 
ATOM   350  C  C   . PRO A 1 50  ? 8.984   -0.263  -5.619  1.00 21.18 ? 44  PRO A C   1 
ATOM   351  O  O   . PRO A 1 50  ? 9.102   0.923   -5.934  1.00 21.74 ? 44  PRO A O   1 
ATOM   352  C  CB  . PRO A 1 50  ? 11.368  -1.035  -5.327  1.00 23.04 ? 44  PRO A CB  1 
ATOM   353  C  CG  . PRO A 1 50  ? 12.377  -1.298  -6.399  1.00 24.33 ? 44  PRO A CG  1 
ATOM   354  C  CD  . PRO A 1 50  ? 11.752  -0.638  -7.603  1.00 23.44 ? 44  PRO A CD  1 
ATOM   355  N  N   . LEU A 1 51  ? 7.949   -0.713  -4.927  1.00 19.91 ? 45  LEU A N   1 
ATOM   356  C  CA  . LEU A 1 51  ? 6.868   0.179   -4.521  1.00 19.51 ? 45  LEU A CA  1 
ATOM   357  C  C   . LEU A 1 51  ? 7.033   0.837   -3.163  1.00 19.79 ? 45  LEU A C   1 
ATOM   358  O  O   . LEU A 1 51  ? 7.158   0.148   -2.156  1.00 19.78 ? 45  LEU A O   1 
ATOM   359  C  CB  . LEU A 1 51  ? 5.542   -0.582  -4.509  1.00 21.44 ? 45  LEU A CB  1 
ATOM   360  C  CG  . LEU A 1 51  ? 4.937   -1.007  -5.836  1.00 22.04 ? 45  LEU A CG  1 
ATOM   361  C  CD1 . LEU A 1 51  ? 3.598   -1.684  -5.550  1.00 22.07 ? 45  LEU A CD1 1 
ATOM   362  C  CD2 . LEU A 1 51  ? 4.756   0.213   -6.739  1.00 24.35 ? 45  LEU A CD2 1 
ATOM   363  N  N   . ASP A 1 52  ? 7.025   2.166   -3.137  1.00 19.64 ? 46  ASP A N   1 
ATOM   364  C  CA  . ASP A 1 52  ? 7.115   2.893   -1.869  1.00 19.59 ? 46  ASP A CA  1 
ATOM   365  C  C   . ASP A 1 52  ? 5.714   2.767   -1.260  1.00 17.76 ? 46  ASP A C   1 
ATOM   366  O  O   . ASP A 1 52  ? 4.819   3.570   -1.549  1.00 17.97 ? 46  ASP A O   1 
ATOM   367  C  CB  . ASP A 1 52  ? 7.446   4.370   -2.105  1.00 20.61 ? 46  ASP A CB  1 
ATOM   368  C  CG  . ASP A 1 52  ? 7.539   5.162   -0.809  1.00 22.43 ? 46  ASP A CG  1 
ATOM   369  O  OD1 . ASP A 1 52  ? 7.077   4.660   0.241   1.00 19.99 ? 46  ASP A OD1 1 
ATOM   370  O  OD2 . ASP A 1 52  ? 8.067   6.295   -0.837  1.00 21.32 ? 46  ASP A OD2 1 
ATOM   371  N  N   . LEU A 1 53  ? 5.519   1.755   -0.422  1.00 18.09 ? 47  LEU A N   1 
ATOM   372  C  CA  . LEU A 1 53  ? 4.194   1.526   0.160   1.00 17.99 ? 47  LEU A CA  1 
ATOM   373  C  C   . LEU A 1 53  ? 3.615   2.692   0.948   1.00 17.87 ? 47  LEU A C   1 
ATOM   374  O  O   . LEU A 1 53  ? 2.398   2.892   0.957   1.00 17.49 ? 47  LEU A O   1 
ATOM   375  C  CB  . LEU A 1 53  ? 4.216   0.260   1.023   1.00 18.16 ? 47  LEU A CB  1 
ATOM   376  C  CG  . LEU A 1 53  ? 4.463   -1.032  0.245   1.00 18.68 ? 47  LEU A CG  1 
ATOM   377  C  CD1 . LEU A 1 53  ? 4.617   -2.187  1.228   1.00 21.69 ? 47  LEU A CD1 1 
ATOM   378  C  CD2 . LEU A 1 53  ? 3.314   -1.301  -0.726  1.00 19.55 ? 47  LEU A CD2 1 
ATOM   379  N  N   . PHE A 1 54  ? 4.472   3.465   1.613   1.00 15.90 ? 48  PHE A N   1 
ATOM   380  C  CA  . PHE A 1 54  ? 3.984   4.604   2.373   1.00 16.03 ? 48  PHE A CA  1 
ATOM   381  C  C   . PHE A 1 54  ? 3.405   5.650   1.412   1.00 15.57 ? 48  PHE A C   1 
ATOM   382  O  O   . PHE A 1 54  ? 2.297   6.144   1.628   1.00 16.57 ? 48  PHE A O   1 
ATOM   383  C  CB  . PHE A 1 54  ? 5.119   5.233   3.201   1.00 16.97 ? 48  PHE A CB  1 
ATOM   384  C  CG  . PHE A 1 54  ? 4.721   6.508   3.889   1.00 15.94 ? 48  PHE A CG  1 
ATOM   385  C  CD1 . PHE A 1 54  ? 3.850   6.485   4.969   1.00 17.49 ? 48  PHE A CD1 1 
ATOM   386  C  CD2 . PHE A 1 54  ? 5.193   7.732   3.433   1.00 18.12 ? 48  PHE A CD2 1 
ATOM   387  C  CE1 . PHE A 1 54  ? 3.442   7.667   5.591   1.00 18.25 ? 48  PHE A CE1 1 
ATOM   388  C  CE2 . PHE A 1 54  ? 4.791   8.921   4.044   1.00 17.56 ? 48  PHE A CE2 1 
ATOM   389  C  CZ  . PHE A 1 54  ? 3.915   8.886   5.126   1.00 17.65 ? 48  PHE A CZ  1 
ATOM   390  N  N   . ARG A 1 55  ? 4.146   5.994   0.353   1.00 16.35 ? 49  ARG A N   1 
ATOM   391  C  CA  . ARG A 1 55  ? 3.650   6.992   -0.605  1.00 18.67 ? 49  ARG A CA  1 
ATOM   392  C  C   . ARG A 1 55  ? 2.368   6.523   -1.273  1.00 17.40 ? 49  ARG A C   1 
ATOM   393  O  O   . ARG A 1 55  ? 1.428   7.287   -1.453  1.00 18.26 ? 49  ARG A O   1 
ATOM   394  C  CB  . ARG A 1 55  ? 4.693   7.293   -1.691  1.00 21.02 ? 49  ARG A CB  1 
ATOM   395  C  CG  . ARG A 1 55  ? 5.631   8.432   -1.351  1.00 30.02 ? 49  ARG A CG  1 
ATOM   396  C  CD  . ARG A 1 55  ? 4.870   9.733   -1.154  1.00 33.24 ? 49  ARG A CD  1 
ATOM   397  N  NE  . ARG A 1 55  ? 4.564   10.422  -2.408  1.00 37.42 ? 49  ARG A NE  1 
ATOM   398  C  CZ  . ARG A 1 55  ? 3.890   11.566  -2.473  1.00 38.65 ? 49  ARG A CZ  1 
ATOM   399  N  NH1 . ARG A 1 55  ? 3.452   12.141  -1.359  1.00 38.68 ? 49  ARG A NH1 1 
ATOM   400  N  NH2 . ARG A 1 55  ? 3.668   12.150  -3.645  1.00 40.92 ? 49  ARG A NH2 1 
ATOM   401  N  N   . LEU A 1 56  ? 2.328   5.251   -1.638  1.00 15.66 ? 50  LEU A N   1 
ATOM   402  C  CA  . LEU A 1 56  ? 1.140   4.717   -2.283  1.00 16.89 ? 50  LEU A CA  1 
ATOM   403  C  C   . LEU A 1 56  ? -0.064  4.838   -1.342  1.00 16.39 ? 50  LEU A C   1 
ATOM   404  O  O   . LEU A 1 56  ? -1.155  5.248   -1.748  1.00 16.25 ? 50  LEU A O   1 
ATOM   405  C  CB  . LEU A 1 56  ? 1.370   3.262   -2.674  1.00 15.98 ? 50  LEU A CB  1 
ATOM   406  C  CG  . LEU A 1 56  ? 0.137   2.531   -3.203  1.00 15.81 ? 50  LEU A CG  1 
ATOM   407  C  CD1 . LEU A 1 56  ? -0.415  3.240   -4.436  1.00 15.32 ? 50  LEU A CD1 1 
ATOM   408  C  CD2 . LEU A 1 56  ? 0.525   1.101   -3.521  1.00 15.87 ? 50  LEU A CD2 1 
ATOM   409  N  N   . TYR A 1 57  ? 0.133   4.487   -0.077  1.00 16.55 ? 51  TYR A N   1 
ATOM   410  C  CA  . TYR A 1 57  ? -0.952  4.576   0.882   1.00 15.90 ? 51  TYR A CA  1 
ATOM   411  C  C   . TYR A 1 57  ? -1.444  6.014   1.039   1.00 16.73 ? 51  TYR A C   1 
ATOM   412  O  O   . TYR A 1 57  ? -2.650  6.270   1.085   1.00 17.89 ? 51  TYR A O   1 
ATOM   413  C  CB  . TYR A 1 57  ? -0.497  4.049   2.244   1.00 16.07 ? 51  TYR A CB  1 
ATOM   414  C  CG  . TYR A 1 57  ? -1.631  3.962   3.224   1.00 17.58 ? 51  TYR A CG  1 
ATOM   415  C  CD1 . TYR A 1 57  ? -2.395  2.800   3.323   1.00 19.52 ? 51  TYR A CD1 1 
ATOM   416  C  CD2 . TYR A 1 57  ? -1.965  5.049   4.029   1.00 19.13 ? 51  TYR A CD2 1 
ATOM   417  C  CE1 . TYR A 1 57  ? -3.466  2.719   4.202   1.00 20.89 ? 51  TYR A CE1 1 
ATOM   418  C  CE2 . TYR A 1 57  ? -3.034  4.980   4.908   1.00 20.26 ? 51  TYR A CE2 1 
ATOM   419  C  CZ  . TYR A 1 57  ? -3.779  3.812   4.990   1.00 22.18 ? 51  TYR A CZ  1 
ATOM   420  O  OH  . TYR A 1 57  ? -4.842  3.727   5.860   1.00 25.30 ? 51  TYR A OH  1 
ATOM   421  N  N   . VAL A 1 58  ? -0.503  6.943   1.138   1.00 17.68 ? 52  VAL A N   1 
ATOM   422  C  CA  . VAL A 1 58  ? -0.827  8.355   1.296   1.00 19.38 ? 52  VAL A CA  1 
ATOM   423  C  C   . VAL A 1 58  ? -1.578  8.899   0.080   1.00 19.22 ? 52  VAL A C   1 
ATOM   424  O  O   . VAL A 1 58  ? -2.555  9.621   0.225   1.00 19.20 ? 52  VAL A O   1 
ATOM   425  C  CB  . VAL A 1 58  ? 0.470   9.172   1.537   1.00 20.40 ? 52  VAL A CB  1 
ATOM   426  C  CG1 . VAL A 1 58  ? 0.183   10.661  1.482   1.00 24.27 ? 52  VAL A CG1 1 
ATOM   427  C  CG2 . VAL A 1 58  ? 1.059   8.792   2.895   1.00 23.97 ? 52  VAL A CG2 1 
ATOM   428  N  N   . CYS A 1 59  ? -1.131  8.540   -1.116  1.00 19.64 ? 53  CYS A N   1 
ATOM   429  C  CA  . CYS A 1 59  ? -1.789  9.005   -2.330  1.00 20.80 ? 53  CYS A CA  1 
ATOM   430  C  C   . CYS A 1 59  ? -3.193  8.424   -2.465  1.00 20.57 ? 53  CYS A C   1 
ATOM   431  O  O   . CYS A 1 59  ? -4.125  9.119   -2.871  1.00 21.20 ? 53  CYS A O   1 
ATOM   432  C  CB  . CYS A 1 59  ? -0.940  8.666   -3.556  1.00 22.35 ? 53  CYS A CB  1 
ATOM   433  S  SG  . CYS A 1 59  ? 0.649   9.551   -3.585  1.00 28.87 ? 53  CYS A SG  1 
ATOM   434  N  N   . VAL A 1 60  ? -3.365  7.155   -2.113  1.00 18.68 ? 54  VAL A N   1 
ATOM   435  C  CA  . VAL A 1 60  ? -4.681  6.553   -2.198  1.00 17.82 ? 54  VAL A CA  1 
ATOM   436  C  C   . VAL A 1 60  ? -5.598  7.168   -1.143  1.00 19.22 ? 54  VAL A C   1 
ATOM   437  O  O   . VAL A 1 60  ? -6.794  7.374   -1.382  1.00 20.00 ? 54  VAL A O   1 
ATOM   438  C  CB  . VAL A 1 60  ? -4.592  5.017   -2.016  1.00 16.36 ? 54  VAL A CB  1 
ATOM   439  C  CG1 . VAL A 1 60  ? -5.965  4.428   -1.754  1.00 16.41 ? 54  VAL A CG1 1 
ATOM   440  C  CG2 . VAL A 1 60  ? -3.985  4.408   -3.267  1.00 15.97 ? 54  VAL A CG2 1 
ATOM   441  N  N   . LYS A 1 61  ? -5.033  7.482   0.020   1.00 20.63 ? 55  LYS A N   1 
ATOM   442  C  CA  . LYS A 1 61  ? -5.816  8.083   1.091   1.00 22.72 ? 55  LYS A CA  1 
ATOM   443  C  C   . LYS A 1 61  ? -6.314  9.459   0.650   1.00 24.93 ? 55  LYS A C   1 
ATOM   444  O  O   . LYS A 1 61  ? -7.434  9.856   0.976   1.00 25.15 ? 55  LYS A O   1 
ATOM   445  C  CB  . LYS A 1 61  ? -4.981  8.229   2.367   1.00 23.24 ? 55  LYS A CB  1 
ATOM   446  C  CG  . LYS A 1 61  ? -5.807  8.716   3.543   1.00 26.59 ? 55  LYS A CG  1 
ATOM   447  C  CD  . LYS A 1 61  ? -4.966  9.008   4.765   1.00 29.52 ? 55  LYS A CD  1 
ATOM   448  C  CE  . LYS A 1 61  ? -5.863  9.451   5.921   1.00 33.31 ? 55  LYS A CE  1 
ATOM   449  N  NZ  . LYS A 1 61  ? -5.087  10.042  7.044   1.00 35.95 ? 55  LYS A NZ  1 
ATOM   450  N  N   . GLU A 1 62  ? -5.483  10.181  -0.095  1.00 25.60 ? 56  GLU A N   1 
ATOM   451  C  CA  . GLU A 1 62  ? -5.865  11.506  -0.585  1.00 28.23 ? 56  GLU A CA  1 
ATOM   452  C  C   . GLU A 1 62  ? -7.123  11.411  -1.441  1.00 27.76 ? 56  GLU A C   1 
ATOM   453  O  O   . GLU A 1 62  ? -8.002  12.275  -1.363  1.00 28.88 ? 56  GLU A O   1 
ATOM   454  C  CB  . GLU A 1 62  ? -4.739  12.130  -1.413  1.00 31.62 ? 56  GLU A CB  1 
ATOM   455  C  CG  . GLU A 1 62  ? -3.567  12.659  -0.607  1.00 38.72 ? 56  GLU A CG  1 
ATOM   456  C  CD  . GLU A 1 62  ? -2.439  13.176  -1.492  1.00 42.16 ? 56  GLU A CD  1 
ATOM   457  O  OE1 . GLU A 1 62  ? -2.716  13.998  -2.392  1.00 45.26 ? 56  GLU A OE1 1 
ATOM   458  O  OE2 . GLU A 1 62  ? -1.274  12.762  -1.289  1.00 45.48 ? 56  GLU A OE2 1 
ATOM   459  N  N   . ILE A 1 63  ? -7.205  10.358  -2.253  1.00 25.85 ? 57  ILE A N   1 
ATOM   460  C  CA  . ILE A 1 63  ? -8.357  10.141  -3.126  1.00 25.89 ? 57  ILE A CA  1 
ATOM   461  C  C   . ILE A 1 63  ? -9.554  9.660   -2.308  1.00 26.13 ? 57  ILE A C   1 
ATOM   462  O  O   . ILE A 1 63  ? -10.706 9.908   -2.672  1.00 27.99 ? 57  ILE A O   1 
ATOM   463  C  CB  . ILE A 1 63  ? -8.025  9.107   -4.222  1.00 25.80 ? 57  ILE A CB  1 
ATOM   464  C  CG1 . ILE A 1 63  ? -6.923  9.664   -5.121  1.00 25.02 ? 57  ILE A CG1 1 
ATOM   465  C  CG2 . ILE A 1 63  ? -9.270  8.769   -5.036  1.00 28.09 ? 57  ILE A CG2 1 
ATOM   466  C  CD1 . ILE A 1 63  ? -6.425  8.708   -6.164  1.00 25.37 ? 57  ILE A CD1 1 
ATOM   467  N  N   . GLY A 1 64  ? -9.283  8.978   -1.201  1.00 24.90 ? 58  GLY A N   1 
ATOM   468  C  CA  . GLY A 1 64  ? -10.369 8.508   -0.360  1.00 24.37 ? 58  GLY A CA  1 
ATOM   469  C  C   . GLY A 1 64  ? -10.421 7.014   -0.114  1.00 23.36 ? 58  GLY A C   1 
ATOM   470  O  O   . GLY A 1 64  ? -11.442 6.505   0.348   1.00 24.13 ? 58  GLY A O   1 
ATOM   471  N  N   . GLY A 1 65  ? -9.332  6.313   -0.422  1.00 21.22 ? 59  GLY A N   1 
ATOM   472  C  CA  . GLY A 1 65  ? -9.289  4.873   -0.200  1.00 20.46 ? 59  GLY A CA  1 
ATOM   473  C  C   . GLY A 1 65  ? -9.606  4.021   -1.418  1.00 18.08 ? 59  GLY A C   1 
ATOM   474  O  O   . GLY A 1 65  ? -10.054 4.524   -2.451  1.00 18.69 ? 59  GLY A O   1 
ATOM   475  N  N   . LEU A 1 66  ? -9.389  2.715   -1.285  1.00 18.05 ? 60  LEU A N   1 
ATOM   476  C  CA  . LEU A 1 66  ? -9.629  1.773   -2.371  1.00 16.31 ? 60  LEU A CA  1 
ATOM   477  C  C   . LEU A 1 66  ? -10.956 1.954   -3.104  1.00 16.89 ? 60  LEU A C   1 
ATOM   478  O  O   . LEU A 1 66  ? -10.989 2.047   -4.329  1.00 16.71 ? 60  LEU A O   1 
ATOM   479  C  CB  . LEU A 1 66  ? -9.546  0.326   -1.851  1.00 18.28 ? 60  LEU A CB  1 
ATOM   480  C  CG  . LEU A 1 66  ? -9.965  -0.756  -2.855  1.00 18.85 ? 60  LEU A CG  1 
ATOM   481  C  CD1 . LEU A 1 66  ? -9.057  -0.685  -4.092  1.00 19.20 ? 60  LEU A CD1 1 
ATOM   482  C  CD2 . LEU A 1 66  ? -9.871  -2.137  -2.211  1.00 20.25 ? 60  LEU A CD2 1 
ATOM   483  N  N   . ALA A 1 67  ? -12.053 1.986   -2.355  1.00 16.62 ? 61  ALA A N   1 
ATOM   484  C  CA  . ALA A 1 67  ? -13.366 2.107   -2.975  1.00 17.38 ? 61  ALA A CA  1 
ATOM   485  C  C   . ALA A 1 67  ? -13.493 3.358   -3.818  1.00 17.02 ? 61  ALA A C   1 
ATOM   486  O  O   . ALA A 1 67  ? -14.080 3.320   -4.899  1.00 17.84 ? 61  ALA A O   1 
ATOM   487  C  CB  . ALA A 1 67  ? -14.461 2.074   -1.908  1.00 17.25 ? 61  ALA A CB  1 
ATOM   488  N  N   . GLN A 1 68  ? -12.945 4.465   -3.319  1.00 17.78 ? 62  GLN A N   1 
ATOM   489  C  CA  . GLN A 1 68  ? -12.999 5.730   -4.039  1.00 19.11 ? 62  GLN A CA  1 
ATOM   490  C  C   . GLN A 1 68  ? -12.109 5.717   -5.283  1.00 19.09 ? 62  GLN A C   1 
ATOM   491  O  O   . GLN A 1 68  ? -12.483 6.263   -6.317  1.00 18.03 ? 62  GLN A O   1 
ATOM   492  C  CB  . GLN A 1 68  ? -12.598 6.885   -3.117  1.00 22.87 ? 62  GLN A CB  1 
ATOM   493  C  CG  . GLN A 1 68  ? -13.693 7.322   -2.150  1.00 30.05 ? 62  GLN A CG  1 
ATOM   494  C  CD  . GLN A 1 68  ? -14.906 7.873   -2.875  1.00 32.27 ? 62  GLN A CD  1 
ATOM   495  O  OE1 . GLN A 1 68  ? -14.800 8.811   -3.663  1.00 36.12 ? 62  GLN A OE1 1 
ATOM   496  N  NE2 . GLN A 1 68  ? -16.066 7.283   -2.617  1.00 36.52 ? 62  GLN A NE2 1 
ATOM   497  N  N   . VAL A 1 69  ? -10.931 5.101   -5.195  1.00 17.96 ? 63  VAL A N   1 
ATOM   498  C  CA  . VAL A 1 69  ? -10.061 5.045   -6.363  1.00 17.84 ? 63  VAL A CA  1 
ATOM   499  C  C   . VAL A 1 69  ? -10.751 4.210   -7.439  1.00 18.48 ? 63  VAL A C   1 
ATOM   500  O  O   . VAL A 1 69  ? -10.683 4.533   -8.628  1.00 18.53 ? 63  VAL A O   1 
ATOM   501  C  CB  . VAL A 1 69  ? -8.689  4.413   -6.027  1.00 17.06 ? 63  VAL A CB  1 
ATOM   502  C  CG1 . VAL A 1 69  ? -7.831  4.332   -7.286  1.00 16.15 ? 63  VAL A CG1 1 
ATOM   503  C  CG2 . VAL A 1 69  ? -7.987  5.241   -4.957  1.00 17.50 ? 63  VAL A CG2 1 
ATOM   504  N  N   . ASN A 1 70  ? -11.431 3.142   -7.019  1.00 17.92 ? 64  ASN A N   1 
ATOM   505  C  CA  . ASN A 1 70  ? -12.137 2.272   -7.956  1.00 18.49 ? 64  ASN A CA  1 
ATOM   506  C  C   . ASN A 1 70  ? -13.283 3.008   -8.638  1.00 20.84 ? 64  ASN A C   1 
ATOM   507  O  O   . ASN A 1 70  ? -13.427 2.950   -9.860  1.00 20.61 ? 64  ASN A O   1 
ATOM   508  C  CB  . ASN A 1 70  ? -12.722 1.049   -7.240  1.00 17.83 ? 64  ASN A CB  1 
ATOM   509  C  CG  . ASN A 1 70  ? -11.685 -0.005  -6.926  1.00 19.37 ? 64  ASN A CG  1 
ATOM   510  O  OD1 . ASN A 1 70  ? -10.577 -0.003  -7.469  1.00 18.84 ? 64  ASN A OD1 1 
ATOM   511  N  ND2 . ASN A 1 70  ? -12.048 -0.937  -6.054  1.00 18.94 ? 64  ASN A ND2 1 
ATOM   512  N  N   . LYS A 1 71  ? -14.094 3.694   -7.843  1.00 21.34 ? 65  LYS A N   1 
ATOM   513  C  CA  . LYS A 1 71  ? -15.244 4.422   -8.368  1.00 23.98 ? 65  LYS A CA  1 
ATOM   514  C  C   . LYS A 1 71  ? -14.827 5.505   -9.351  1.00 25.27 ? 65  LYS A C   1 
ATOM   515  O  O   . LYS A 1 71  ? -15.427 5.649   -10.420 1.00 26.93 ? 65  LYS A O   1 
ATOM   516  C  CB  . LYS A 1 71  ? -16.030 5.055   -7.223  1.00 25.07 ? 65  LYS A CB  1 
ATOM   517  C  CG  . LYS A 1 71  ? -17.206 5.910   -7.667  1.00 29.68 ? 65  LYS A CG  1 
ATOM   518  C  CD  . LYS A 1 71  ? -17.747 6.727   -6.504  1.00 32.68 ? 65  LYS A CD  1 
ATOM   519  C  CE  . LYS A 1 71  ? -18.957 7.557   -6.921  1.00 36.29 ? 65  LYS A CE  1 
ATOM   520  N  NZ  . LYS A 1 71  ? -18.646 8.505   -8.025  1.00 37.68 ? 65  LYS A NZ  1 
ATOM   521  N  N   . ASN A 1 72  ? -13.798 6.260   -8.987  1.00 23.35 ? 66  ASN A N   1 
ATOM   522  C  CA  . ASN A 1 72  ? -13.314 7.346   -9.824  1.00 25.06 ? 66  ASN A CA  1 
ATOM   523  C  C   . ASN A 1 72  ? -12.344 6.925   -10.923 1.00 24.51 ? 66  ASN A C   1 
ATOM   524  O  O   . ASN A 1 72  ? -11.888 7.759   -11.701 1.00 24.72 ? 66  ASN A O   1 
ATOM   525  C  CB  . ASN A 1 72  ? -12.696 8.429   -8.943  1.00 28.30 ? 66  ASN A CB  1 
ATOM   526  C  CG  . ASN A 1 72  ? -13.742 9.180   -8.150  1.00 31.60 ? 66  ASN A CG  1 
ATOM   527  O  OD1 . ASN A 1 72  ? -14.704 9.698   -8.721  1.00 34.74 ? 66  ASN A OD1 1 
ATOM   528  N  ND2 . ASN A 1 72  ? -13.569 9.243   -6.837  1.00 32.92 ? 66  ASN A ND2 1 
ATOM   529  N  N   . LYS A 1 73  ? -12.054 5.630   -10.989 1.00 23.54 ? 67  LYS A N   1 
ATOM   530  C  CA  . LYS A 1 73  ? -11.159 5.072   -11.997 1.00 23.84 ? 67  LYS A CA  1 
ATOM   531  C  C   . LYS A 1 73  ? -9.843  5.845   -12.027 1.00 23.53 ? 67  LYS A C   1 
ATOM   532  O  O   . LYS A 1 73  ? -9.399  6.314   -13.077 1.00 23.01 ? 67  LYS A O   1 
ATOM   533  C  CB  . LYS A 1 73  ? -11.846 5.116   -13.368 1.00 26.35 ? 67  LYS A CB  1 
ATOM   534  C  CG  . LYS A 1 73  ? -13.321 4.728   -13.285 1.00 29.77 ? 67  LYS A CG  1 
ATOM   535  C  CD  . LYS A 1 73  ? -13.902 4.330   -14.635 1.00 36.00 ? 67  LYS A CD  1 
ATOM   536  C  CE  . LYS A 1 73  ? -13.367 2.978   -15.092 1.00 38.31 ? 67  LYS A CE  1 
ATOM   537  N  NZ  . LYS A 1 73  ? -13.600 1.918   -14.059 1.00 40.95 ? 67  LYS A NZ  1 
ATOM   538  N  N   . LYS A 1 74  ? -9.214  5.948   -10.861 1.00 19.35 ? 68  LYS A N   1 
ATOM   539  C  CA  . LYS A 1 74  ? -7.973  6.687   -10.735 1.00 18.70 ? 68  LYS A CA  1 
ATOM   540  C  C   . LYS A 1 74  ? -6.690  5.865   -10.670 1.00 16.89 ? 68  LYS A C   1 
ATOM   541  O  O   . LYS A 1 74  ? -5.630  6.423   -10.402 1.00 16.39 ? 68  LYS A O   1 
ATOM   542  C  CB  . LYS A 1 74  ? -8.051  7.605   -9.517  1.00 20.18 ? 68  LYS A CB  1 
ATOM   543  C  CG  . LYS A 1 74  ? -8.984  8.801   -9.719  1.00 27.05 ? 68  LYS A CG  1 
ATOM   544  C  CD  . LYS A 1 74  ? -8.980  9.724   -8.512  1.00 31.59 ? 68  LYS A CD  1 
ATOM   545  C  CE  . LYS A 1 74  ? -10.046 10.815  -8.640  1.00 33.72 ? 68  LYS A CE  1 
ATOM   546  N  NZ  . LYS A 1 74  ? -10.224 11.609  -7.373  1.00 35.15 ? 68  LYS A NZ  1 
ATOM   547  N  N   . TRP A 1 75  ? -6.762  4.561   -10.922 1.00 16.40 ? 69  TRP A N   1 
ATOM   548  C  CA  . TRP A 1 75  ? -5.541  3.748   -10.868 1.00 15.60 ? 69  TRP A CA  1 
ATOM   549  C  C   . TRP A 1 75  ? -4.496  4.117   -11.928 1.00 17.08 ? 69  TRP A C   1 
ATOM   550  O  O   . TRP A 1 75  ? -3.299  4.068   -11.662 1.00 16.41 ? 69  TRP A O   1 
ATOM   551  C  CB  . TRP A 1 75  ? -5.858  2.252   -10.950 1.00 16.81 ? 69  TRP A CB  1 
ATOM   552  C  CG  . TRP A 1 75  ? -6.478  1.748   -9.687  1.00 15.96 ? 69  TRP A CG  1 
ATOM   553  C  CD1 . TRP A 1 75  ? -7.767  1.328   -9.510  1.00 17.43 ? 69  TRP A CD1 1 
ATOM   554  C  CD2 . TRP A 1 75  ? -5.853  1.680   -8.404  1.00 15.02 ? 69  TRP A CD2 1 
ATOM   555  N  NE1 . TRP A 1 75  ? -7.988  1.007   -8.188  1.00 16.61 ? 69  TRP A NE1 1 
ATOM   556  C  CE2 . TRP A 1 75  ? -6.829  1.212   -7.486  1.00 17.00 ? 69  TRP A CE2 1 
ATOM   557  C  CE3 . TRP A 1 75  ? -4.568  1.971   -7.936  1.00 16.22 ? 69  TRP A CE3 1 
ATOM   558  C  CZ2 . TRP A 1 75  ? -6.553  1.029   -6.122  1.00 16.75 ? 69  TRP A CZ2 1 
ATOM   559  C  CZ3 . TRP A 1 75  ? -4.294  1.788   -6.578  1.00 15.35 ? 69  TRP A CZ3 1 
ATOM   560  C  CH2 . TRP A 1 75  ? -5.282  1.325   -5.691  1.00 16.19 ? 69  TRP A CH2 1 
ATOM   561  N  N   . ARG A 1 76  ? -4.945  4.502   -13.117 1.00 17.51 ? 70  ARG A N   1 
ATOM   562  C  CA  . ARG A 1 76  ? -4.001  4.882   -14.167 1.00 18.67 ? 70  ARG A CA  1 
ATOM   563  C  C   . ARG A 1 76  ? -3.324  6.206   -13.811 1.00 17.78 ? 70  ARG A C   1 
ATOM   564  O  O   . ARG A 1 76  ? -2.133  6.398   -14.077 1.00 18.13 ? 70  ARG A O   1 
ATOM   565  C  CB  . ARG A 1 76  ? -4.732  4.993   -15.503 1.00 19.82 ? 70  ARG A CB  1 
ATOM   566  C  CG  . ARG A 1 76  ? -3.806  4.940   -16.691 1.00 26.60 ? 70  ARG A CG  1 
ATOM   567  C  CD  . ARG A 1 76  ? -4.546  4.444   -17.915 1.00 31.93 ? 70  ARG A CD  1 
ATOM   568  N  NE  . ARG A 1 76  ? -3.634  4.259   -19.031 1.00 35.54 ? 70  ARG A NE  1 
ATOM   569  C  CZ  . ARG A 1 76  ? -3.972  3.689   -20.178 1.00 36.62 ? 70  ARG A CZ  1 
ATOM   570  N  NH1 . ARG A 1 76  ? -5.210  3.246   -20.358 1.00 37.62 ? 70  ARG A NH1 1 
ATOM   571  N  NH2 . ARG A 1 76  ? -3.070  3.563   -21.140 1.00 37.94 ? 70  ARG A NH2 1 
ATOM   572  N  N   . GLU A 1 77  ? -4.073  7.121   -13.202 1.00 17.12 ? 71  GLU A N   1 
ATOM   573  C  CA  . GLU A 1 77  ? -3.508  8.398   -12.790 1.00 17.84 ? 71  GLU A CA  1 
ATOM   574  C  C   . GLU A 1 77  ? -2.458  8.116   -11.722 1.00 17.77 ? 71  GLU A C   1 
ATOM   575  O  O   . GLU A 1 77  ? -1.350  8.655   -11.763 1.00 17.33 ? 71  GLU A O   1 
ATOM   576  C  CB  . GLU A 1 77  ? -4.601  9.314   -12.231 1.00 21.51 ? 71  GLU A CB  1 
ATOM   577  C  CG  . GLU A 1 77  ? -4.080  10.632  -11.669 1.00 28.34 ? 71  GLU A CG  1 
ATOM   578  C  CD  . GLU A 1 77  ? -5.204  11.553  -11.211 1.00 33.19 ? 71  GLU A CD  1 
ATOM   579  O  OE1 . GLU A 1 77  ? -6.053  11.913  -12.051 1.00 35.48 ? 71  GLU A OE1 1 
ATOM   580  O  OE2 . GLU A 1 77  ? -5.234  11.909  -10.012 1.00 37.47 ? 71  GLU A OE2 1 
ATOM   581  N  N   . LEU A 1 78  ? -2.797  7.264   -10.756 1.00 15.70 ? 72  LEU A N   1 
ATOM   582  C  CA  . LEU A 1 78  ? -1.833  6.942   -9.708  1.00 15.62 ? 72  LEU A CA  1 
ATOM   583  C  C   . LEU A 1 78  ? -0.573  6.273   -10.250 1.00 15.28 ? 72  LEU A C   1 
ATOM   584  O  O   . LEU A 1 78  ? 0.535   6.624   -9.849  1.00 16.25 ? 72  LEU A O   1 
ATOM   585  C  CB  . LEU A 1 78  ? -2.479  6.041   -8.647  1.00 16.50 ? 72  LEU A CB  1 
ATOM   586  C  CG  . LEU A 1 78  ? -3.433  6.768   -7.702  1.00 18.86 ? 72  LEU A CG  1 
ATOM   587  C  CD1 . LEU A 1 78  ? -4.266  5.749   -6.936  1.00 21.62 ? 72  LEU A CD1 1 
ATOM   588  C  CD2 . LEU A 1 78  ? -2.636  7.648   -6.732  1.00 23.07 ? 72  LEU A CD2 1 
ATOM   589  N  N   . ALA A 1 79  ? -0.731  5.317   -11.158 1.00 14.27 ? 73  ALA A N   1 
ATOM   590  C  CA  . ALA A 1 79  ? 0.431   4.621   -11.712 1.00 15.78 ? 73  ALA A CA  1 
ATOM   591  C  C   . ALA A 1 79  ? 1.301   5.613   -12.494 1.00 16.23 ? 73  ALA A C   1 
ATOM   592  O  O   . ALA A 1 79  ? 2.533   5.550   -12.445 1.00 15.42 ? 73  ALA A O   1 
ATOM   593  C  CB  . ALA A 1 79  ? -0.016  3.481   -12.611 1.00 16.68 ? 73  ALA A CB  1 
ATOM   594  N  N   . THR A 1 80  ? 0.654   6.540   -13.197 1.00 15.81 ? 74  THR A N   1 
ATOM   595  C  CA  . THR A 1 80  ? 1.386   7.545   -13.966 1.00 15.49 ? 74  THR A CA  1 
ATOM   596  C  C   . THR A 1 80  ? 2.151   8.477   -13.031 1.00 15.97 ? 74  THR A C   1 
ATOM   597  O  O   . THR A 1 80  ? 3.358   8.698   -13.200 1.00 15.92 ? 74  THR A O   1 
ATOM   598  C  CB  . THR A 1 80  ? 0.422   8.403   -14.833 1.00 16.52 ? 74  THR A CB  1 
ATOM   599  O  OG1 . THR A 1 80  ? -0.217  7.573   -15.814 1.00 17.52 ? 74  THR A OG1 1 
ATOM   600  C  CG2 . THR A 1 80  ? 1.186   9.533   -15.539 1.00 17.37 ? 74  THR A CG2 1 
ATOM   601  N  N   . ASN A 1 81  ? 1.459   9.000   -12.025 1.00 16.88 ? 75  ASN A N   1 
ATOM   602  C  CA  . ASN A 1 81  ? 2.067   9.933   -11.083 1.00 17.08 ? 75  ASN A CA  1 
ATOM   603  C  C   . ASN A 1 81  ? 3.137   9.330   -10.176 1.00 17.99 ? 75  ASN A C   1 
ATOM   604  O  O   . ASN A 1 81  ? 4.022   10.046  -9.697  1.00 20.07 ? 75  ASN A O   1 
ATOM   605  C  CB  . ASN A 1 81  ? 0.972   10.615  -10.253 1.00 18.79 ? 75  ASN A CB  1 
ATOM   606  C  CG  . ASN A 1 81  ? 0.172   11.617  -11.069 1.00 20.79 ? 75  ASN A CG  1 
ATOM   607  O  OD1 . ASN A 1 81  ? 0.614   12.050  -12.133 1.00 21.08 ? 75  ASN A OD1 1 
ATOM   608  N  ND2 . ASN A 1 81  ? -0.999  11.998  -10.572 1.00 20.70 ? 75  ASN A ND2 1 
ATOM   609  N  N   . LEU A 1 82  ? 3.076   8.018   -9.952  1.00 17.85 ? 76  LEU A N   1 
ATOM   610  C  CA  . LEU A 1 82  ? 4.070   7.343   -9.117  1.00 17.60 ? 76  LEU A CA  1 
ATOM   611  C  C   . LEU A 1 82  ? 5.179   6.715   -9.970  1.00 17.99 ? 76  LEU A C   1 
ATOM   612  O  O   . LEU A 1 82  ? 6.039   5.996   -9.463  1.00 19.90 ? 76  LEU A O   1 
ATOM   613  C  CB  . LEU A 1 82  ? 3.392   6.271   -8.253  1.00 18.14 ? 76  LEU A CB  1 
ATOM   614  C  CG  . LEU A 1 82  ? 2.427   6.837   -7.203  1.00 19.59 ? 76  LEU A CG  1 
ATOM   615  C  CD1 . LEU A 1 82  ? 1.724   5.697   -6.495  1.00 22.68 ? 76  LEU A CD1 1 
ATOM   616  C  CD2 . LEU A 1 82  ? 3.186   7.686   -6.193  1.00 23.74 ? 76  LEU A CD2 1 
ATOM   617  N  N   . ASN A 1 83  ? 5.155   6.995   -11.267 1.00 19.23 ? 77  ASN A N   1 
ATOM   618  C  CA  . ASN A 1 83  ? 6.158   6.473   -12.203 1.00 20.58 ? 77  ASN A CA  1 
ATOM   619  C  C   . ASN A 1 83  ? 6.201   4.947   -12.263 1.00 20.56 ? 77  ASN A C   1 
ATOM   620  O  O   . ASN A 1 83  ? 7.262   4.341   -12.473 1.00 21.34 ? 77  ASN A O   1 
ATOM   621  C  CB  . ASN A 1 83  ? 7.554   7.002   -11.864 1.00 23.16 ? 77  ASN A CB  1 
ATOM   622  C  CG  . ASN A 1 83  ? 8.510   6.927   -13.053 1.00 27.13 ? 77  ASN A CG  1 
ATOM   623  O  OD1 . ASN A 1 83  ? 9.729   6.826   -12.884 1.00 32.76 ? 77  ASN A OD1 1 
ATOM   624  N  ND2 . ASN A 1 83  ? 7.956   6.989   -14.262 1.00 27.25 ? 77  ASN A ND2 1 
ATOM   625  N  N   . VAL A 1 84  ? 5.040   4.329   -12.084 1.00 19.44 ? 78  VAL A N   1 
ATOM   626  C  CA  . VAL A 1 84  ? 4.928   2.885   -12.159 1.00 19.34 ? 78  VAL A CA  1 
ATOM   627  C  C   . VAL A 1 84  ? 4.701   2.506   -13.620 1.00 20.21 ? 78  VAL A C   1 
ATOM   628  O  O   . VAL A 1 84  ? 5.152   1.466   -14.085 1.00 20.26 ? 78  VAL A O   1 
ATOM   629  C  CB  . VAL A 1 84  ? 3.737   2.385   -11.299 1.00 20.15 ? 78  VAL A CB  1 
ATOM   630  C  CG1 . VAL A 1 84  ? 3.462   0.918   -11.573 1.00 23.50 ? 78  VAL A CG1 1 
ATOM   631  C  CG2 . VAL A 1 84  ? 4.049   2.589   -9.827  1.00 21.66 ? 78  VAL A CG2 1 
ATOM   632  N  N   . GLY A 1 85  ? 3.990   3.354   -14.348 1.00 20.28 ? 79  GLY A N   1 
ATOM   633  C  CA  . GLY A 1 85  ? 3.725   3.055   -15.741 1.00 21.08 ? 79  GLY A CA  1 
ATOM   634  C  C   . GLY A 1 85  ? 2.515   3.829   -16.194 1.00 21.72 ? 79  GLY A C   1 
ATOM   635  O  O   . GLY A 1 85  ? 1.729   4.302   -15.374 1.00 20.68 ? 79  GLY A O   1 
ATOM   636  N  N   . THR A 1 86  ? 2.361   3.959   -17.504 1.00 23.06 ? 80  THR A N   1 
ATOM   637  C  CA  . THR A 1 86  ? 1.245   4.711   -18.051 1.00 23.80 ? 80  THR A CA  1 
ATOM   638  C  C   . THR A 1 86  ? 0.244   3.812   -18.738 1.00 24.00 ? 80  THR A C   1 
ATOM   639  O  O   . THR A 1 86  ? -0.766  4.285   -19.261 1.00 23.33 ? 80  THR A O   1 
ATOM   640  C  CB  . THR A 1 86  ? 1.738   5.757   -19.070 1.00 26.12 ? 80  THR A CB  1 
ATOM   641  O  OG1 . THR A 1 86  ? 2.561   5.113   -20.054 1.00 28.86 ? 80  THR A OG1 1 
ATOM   642  C  CG2 . THR A 1 86  ? 2.539   6.840   -18.367 1.00 26.39 ? 80  THR A CG2 1 
ATOM   643  N  N   . SER A 1 87  ? 0.517   2.513   -18.726 1.00 23.51 ? 81  SER A N   1 
ATOM   644  C  CA  . SER A 1 87  ? -0.368  1.561   -19.381 1.00 23.84 ? 81  SER A CA  1 
ATOM   645  C  C   . SER A 1 87  ? -1.503  1.057   -18.506 1.00 25.41 ? 81  SER A C   1 
ATOM   646  O  O   . SER A 1 87  ? -1.509  1.236   -17.283 1.00 23.80 ? 81  SER A O   1 
ATOM   647  C  CB  . SER A 1 87  ? 0.429   0.359   -19.888 1.00 23.61 ? 81  SER A CB  1 
ATOM   648  O  OG  . SER A 1 87  ? 0.938   -0.410  -18.814 1.00 25.99 ? 81  SER A OG  1 
ATOM   649  N  N   . SER A 1 88  ? -2.472  0.426   -19.160 1.00 24.91 ? 82  SER A N   1 
ATOM   650  C  CA  . SER A 1 88  ? -3.616  -0.141  -18.471 1.00 26.27 ? 82  SER A CA  1 
ATOM   651  C  C   . SER A 1 88  ? -3.120  -1.294  -17.592 1.00 25.22 ? 82  SER A C   1 
ATOM   652  O  O   . SER A 1 88  ? -3.642  -1.516  -16.496 1.00 24.38 ? 82  SER A O   1 
ATOM   653  C  CB  . SER A 1 88  ? -4.641  -0.646  -19.497 1.00 28.74 ? 82  SER A CB  1 
ATOM   654  O  OG  . SER A 1 88  ? -5.797  -1.158  -18.857 1.00 34.70 ? 82  SER A OG  1 
ATOM   655  N  N   . SER A 1 89  ? -2.105  -2.020  -18.059 1.00 24.68 ? 83  SER A N   1 
ATOM   656  C  CA  . SER A 1 89  ? -1.566  -3.136  -17.278 1.00 24.22 ? 83  SER A CA  1 
ATOM   657  C  C   . SER A 1 89  ? -0.830  -2.658  -16.025 1.00 23.36 ? 83  SER A C   1 
ATOM   658  O  O   . SER A 1 89  ? -0.910  -3.305  -14.978 1.00 22.31 ? 83  SER A O   1 
ATOM   659  C  CB  . SER A 1 89  ? -0.648  -4.029  -18.131 1.00 27.70 ? 83  SER A CB  1 
ATOM   660  O  OG  . SER A 1 89  ? 0.512   -3.348  -18.577 1.00 33.14 ? 83  SER A OG  1 
ATOM   661  N  N   . ALA A 1 90  ? -0.130  -1.528  -16.111 1.00 20.60 ? 84  ALA A N   1 
ATOM   662  C  CA  . ALA A 1 90  ? 0.574   -1.006  -14.938 1.00 20.23 ? 84  ALA A CA  1 
ATOM   663  C  C   . ALA A 1 90  ? -0.457  -0.598  -13.890 1.00 18.48 ? 84  ALA A C   1 
ATOM   664  O  O   . ALA A 1 90  ? -0.265  -0.821  -12.698 1.00 18.93 ? 84  ALA A O   1 
ATOM   665  C  CB  . ALA A 1 90  ? 1.438   0.188   -15.320 1.00 20.84 ? 84  ALA A CB  1 
ATOM   666  N  N   . ALA A 1 91  ? -1.552  0.000   -14.344 1.00 17.71 ? 85  ALA A N   1 
ATOM   667  C  CA  . ALA A 1 91  ? -2.614  0.437   -13.443 1.00 17.38 ? 85  ALA A CA  1 
ATOM   668  C  C   . ALA A 1 91  ? -3.222  -0.769  -12.720 1.00 18.55 ? 85  ALA A C   1 
ATOM   669  O  O   . ALA A 1 91  ? -3.437  -0.729  -11.508 1.00 17.59 ? 85  ALA A O   1 
ATOM   670  C  CB  . ALA A 1 91  ? -3.695  1.180   -14.226 1.00 18.04 ? 85  ALA A CB  1 
ATOM   671  N  N   . SER A 1 92  ? -3.510  -1.832  -13.466 1.00 18.63 ? 86  SER A N   1 
ATOM   672  C  CA  . SER A 1 92  ? -4.087  -3.024  -12.860 1.00 19.24 ? 86  SER A CA  1 
ATOM   673  C  C   . SER A 1 92  ? -3.101  -3.693  -11.906 1.00 17.41 ? 86  SER A C   1 
ATOM   674  O  O   . SER A 1 92  ? -3.504  -4.224  -10.868 1.00 18.27 ? 86  SER A O   1 
ATOM   675  C  CB  . SER A 1 92  ? -4.525  -4.019  -13.931 1.00 22.00 ? 86  SER A CB  1 
ATOM   676  O  OG  . SER A 1 92  ? -5.655  -3.519  -14.627 1.00 26.84 ? 86  SER A OG  1 
ATOM   677  N  N   . SER A 1 93  ? -1.818  -3.678  -12.249 1.00 17.34 ? 87  SER A N   1 
ATOM   678  C  CA  . SER A 1 93  ? -0.822  -4.281  -11.369 1.00 17.71 ? 87  SER A CA  1 
ATOM   679  C  C   . SER A 1 93  ? -0.711  -3.477  -10.079 1.00 16.96 ? 87  SER A C   1 
ATOM   680  O  O   . SER A 1 93  ? -0.547  -4.055  -9.005  1.00 16.45 ? 87  SER A O   1 
ATOM   681  C  CB  . SER A 1 93  ? 0.543   -4.350  -12.047 1.00 21.57 ? 87  SER A CB  1 
ATOM   682  O  OG  . SER A 1 93  ? 0.513   -5.267  -13.128 1.00 27.50 ? 87  SER A OG  1 
ATOM   683  N  N   . LEU A 1 94  ? -0.793  -2.153  -10.180 1.00 15.95 ? 88  LEU A N   1 
ATOM   684  C  CA  . LEU A 1 94  ? -0.704  -1.311  -8.982  1.00 14.71 ? 88  LEU A CA  1 
ATOM   685  C  C   . LEU A 1 94  ? -1.909  -1.561  -8.079  1.00 15.06 ? 88  LEU A C   1 
ATOM   686  O  O   . LEU A 1 94  ? -1.773  -1.682  -6.856  1.00 14.49 ? 88  LEU A O   1 
ATOM   687  C  CB  . LEU A 1 94  ? -0.635  0.175   -9.358  1.00 14.90 ? 88  LEU A CB  1 
ATOM   688  C  CG  . LEU A 1 94  ? -0.458  1.152   -8.195  1.00 14.65 ? 88  LEU A CG  1 
ATOM   689  C  CD1 . LEU A 1 94  ? 0.844   0.855   -7.459  1.00 16.44 ? 88  LEU A CD1 1 
ATOM   690  C  CD2 . LEU A 1 94  ? -0.458  2.602   -8.730  1.00 16.06 ? 88  LEU A CD2 1 
ATOM   691  N  N   . LYS A 1 95  ? -3.094  -1.641  -8.678  1.00 14.00 ? 89  LYS A N   1 
ATOM   692  C  CA  . LYS A 1 95  ? -4.306  -1.895  -7.904  1.00 13.87 ? 89  LYS A CA  1 
ATOM   693  C  C   . LYS A 1 95  ? -4.166  -3.237  -7.160  1.00 14.31 ? 89  LYS A C   1 
ATOM   694  O  O   . LYS A 1 95  ? -4.527  -3.355  -5.979  1.00 14.79 ? 89  LYS A O   1 
ATOM   695  C  CB  . LYS A 1 95  ? -5.529  -1.920  -8.839  1.00 15.68 ? 89  LYS A CB  1 
ATOM   696  C  CG  . LYS A 1 95  ? -6.808  -2.378  -8.157  1.00 17.58 ? 89  LYS A CG  1 
ATOM   697  C  CD  . LYS A 1 95  ? -7.980  -2.456  -9.126  1.00 20.09 ? 89  LYS A CD  1 
ATOM   698  C  CE  . LYS A 1 95  ? -9.213  -2.976  -8.410  1.00 21.04 ? 89  LYS A CE  1 
ATOM   699  N  NZ  . LYS A 1 95  ? -10.435 -2.969  -9.277  1.00 25.43 ? 89  LYS A NZ  1 
ATOM   700  N  N   . LYS A 1 96  ? -3.630  -4.241  -7.848  1.00 14.77 ? 90  LYS A N   1 
ATOM   701  C  CA  . LYS A 1 96  ? -3.447  -5.560  -7.261  1.00 16.67 ? 90  LYS A CA  1 
ATOM   702  C  C   . LYS A 1 96  ? -2.520  -5.485  -6.050  1.00 16.31 ? 90  LYS A C   1 
ATOM   703  O  O   . LYS A 1 96  ? -2.803  -6.063  -5.001  1.00 16.08 ? 90  LYS A O   1 
ATOM   704  C  CB  . LYS A 1 96  ? -2.882  -6.509  -8.321  1.00 19.47 ? 90  LYS A CB  1 
ATOM   705  C  CG  . LYS A 1 96  ? -2.665  -7.936  -7.857  1.00 23.59 ? 90  LYS A CG  1 
ATOM   706  C  CD  . LYS A 1 96  ? -1.332  -8.083  -7.215  1.00 25.34 ? 90  LYS A CD  1 
ATOM   707  C  CE  . LYS A 1 96  ? -0.825  -9.509  -7.309  1.00 27.01 ? 90  LYS A CE  1 
ATOM   708  N  NZ  . LYS A 1 96  ? 0.508   -9.610  -6.676  1.00 29.34 ? 90  LYS A NZ  1 
ATOM   709  N  N   . GLN A 1 97  ? -1.415  -4.762  -6.186  1.00 13.50 ? 91  GLN A N   1 
ATOM   710  C  CA  . GLN A 1 97  ? -0.487  -4.647  -5.076  1.00 13.32 ? 91  GLN A CA  1 
ATOM   711  C  C   . GLN A 1 97  ? -1.119  -3.882  -3.917  1.00 12.31 ? 91  GLN A C   1 
ATOM   712  O  O   . GLN A 1 97  ? -0.835  -4.199  -2.757  1.00 12.29 ? 91  GLN A O   1 
ATOM   713  C  CB  . GLN A 1 97  ? 0.815   -3.978  -5.527  1.00 14.58 ? 91  GLN A CB  1 
ATOM   714  C  CG  . GLN A 1 97  ? 1.628   -4.826  -6.503  1.00 16.41 ? 91  GLN A CG  1 
ATOM   715  C  CD  . GLN A 1 97  ? 2.112   -6.136  -5.895  1.00 18.55 ? 91  GLN A CD  1 
ATOM   716  O  OE1 . GLN A 1 97  ? 1.320   -6.999  -5.520  1.00 22.96 ? 91  GLN A OE1 1 
ATOM   717  N  NE2 . GLN A 1 97  ? 3.417   -6.282  -5.788  1.00 20.70 ? 91  GLN A NE2 1 
ATOM   718  N  N   . TYR A 1 98  ? -1.969  -2.887  -4.198  1.00 12.03 ? 92  TYR A N   1 
ATOM   719  C  CA  . TYR A 1 98  ? -2.603  -2.153  -3.100  1.00 12.59 ? 92  TYR A CA  1 
ATOM   720  C  C   . TYR A 1 98  ? -3.537  -3.097  -2.352  1.00 13.41 ? 92  TYR A C   1 
ATOM   721  O  O   . TYR A 1 98  ? -3.559  -3.117  -1.124  1.00 13.51 ? 92  TYR A O   1 
ATOM   722  C  CB  . TYR A 1 98  ? -3.419  -0.943  -3.609  1.00 12.64 ? 92  TYR A CB  1 
ATOM   723  C  CG  . TYR A 1 98  ? -3.983  -0.117  -2.476  1.00 13.87 ? 92  TYR A CG  1 
ATOM   724  C  CD1 . TYR A 1 98  ? -3.239  0.912   -1.904  1.00 12.75 ? 92  TYR A CD1 1 
ATOM   725  C  CD2 . TYR A 1 98  ? -5.231  -0.422  -1.915  1.00 13.72 ? 92  TYR A CD2 1 
ATOM   726  C  CE1 . TYR A 1 98  ? -3.711  1.619   -0.793  1.00 15.10 ? 92  TYR A CE1 1 
ATOM   727  C  CE2 . TYR A 1 98  ? -5.709  0.271   -0.811  1.00 15.32 ? 92  TYR A CE2 1 
ATOM   728  C  CZ  . TYR A 1 98  ? -4.949  1.289   -0.251  1.00 14.31 ? 92  TYR A CZ  1 
ATOM   729  O  OH  . TYR A 1 98  ? -5.443  1.966   0.834   1.00 17.53 ? 92  TYR A OH  1 
ATOM   730  N  N   . ILE A 1 99  ? -4.301  -3.894  -3.090  1.00 12.00 ? 93  ILE A N   1 
ATOM   731  C  CA  . ILE A 1 99  ? -5.234  -4.811  -2.446  1.00 12.95 ? 93  ILE A CA  1 
ATOM   732  C  C   . ILE A 1 99  ? -4.485  -5.845  -1.607  1.00 13.50 ? 93  ILE A C   1 
ATOM   733  O  O   . ILE A 1 99  ? -4.845  -6.123  -0.453  1.00 14.28 ? 93  ILE A O   1 
ATOM   734  C  CB  . ILE A 1 99  ? -6.104  -5.513  -3.517  1.00 13.88 ? 93  ILE A CB  1 
ATOM   735  C  CG1 . ILE A 1 99  ? -7.111  -4.505  -4.075  1.00 14.17 ? 93  ILE A CG1 1 
ATOM   736  C  CG2 . ILE A 1 99  ? -6.822  -6.721  -2.927  1.00 15.67 ? 93  ILE A CG2 1 
ATOM   737  C  CD1 . ILE A 1 99  ? -7.844  -4.996  -5.318  1.00 16.37 ? 93  ILE A CD1 1 
ATOM   738  N  N   . GLN A 1 100 ? -3.432  -6.399  -2.179  1.00 13.20 ? 94  GLN A N   1 
ATOM   739  C  CA  . GLN A 1 100 ? -2.658  -7.425  -1.503  1.00 13.71 ? 94  GLN A CA  1 
ATOM   740  C  C   . GLN A 1 100 ? -1.890  -6.955  -0.274  1.00 14.32 ? 94  GLN A C   1 
ATOM   741  O  O   . GLN A 1 100 ? -1.864  -7.644  0.749   1.00 14.84 ? 94  GLN A O   1 
ATOM   742  C  CB  . GLN A 1 100 ? -1.676  -8.053  -2.492  1.00 15.62 ? 94  GLN A CB  1 
ATOM   743  C  CG  . GLN A 1 100 ? -0.846  -9.185  -1.901  1.00 16.89 ? 94  GLN A CG  1 
ATOM   744  C  CD  . GLN A 1 100 ? 0.200   -9.692  -2.877  1.00 19.53 ? 94  GLN A CD  1 
ATOM   745  O  OE1 . GLN A 1 100 ? -0.031  -9.713  -4.082  1.00 23.43 ? 94  GLN A OE1 1 
ATOM   746  N  NE2 . GLN A 1 100 ? 1.350   -10.109 -2.363  1.00 18.47 ? 94  GLN A NE2 1 
ATOM   747  N  N   . TYR A 1 101 ? -1.269  -5.782  -0.373  1.00 12.28 ? 95  TYR A N   1 
ATOM   748  C  CA  . TYR A 1 101 ? -0.441  -5.282  0.721   1.00 12.88 ? 95  TYR A CA  1 
ATOM   749  C  C   . TYR A 1 101 ? -0.998  -4.217  1.634   1.00 12.28 ? 95  TYR A C   1 
ATOM   750  O  O   . TYR A 1 101 ? -0.559  -4.102  2.787   1.00 12.63 ? 95  TYR A O   1 
ATOM   751  C  CB  . TYR A 1 101 ? 0.878   -4.723  0.177   1.00 12.72 ? 95  TYR A CB  1 
ATOM   752  C  CG  . TYR A 1 101 ? 1.821   -5.759  -0.360  1.00 14.37 ? 95  TYR A CG  1 
ATOM   753  C  CD1 . TYR A 1 101 ? 1.777   -6.152  -1.701  1.00 14.22 ? 95  TYR A CD1 1 
ATOM   754  C  CD2 . TYR A 1 101 ? 2.732   -6.388  0.489   1.00 17.28 ? 95  TYR A CD2 1 
ATOM   755  C  CE1 . TYR A 1 101 ? 2.624   -7.160  -2.182  1.00 14.96 ? 95  TYR A CE1 1 
ATOM   756  C  CE2 . TYR A 1 101 ? 3.570   -7.389  0.027   1.00 17.47 ? 95  TYR A CE2 1 
ATOM   757  C  CZ  . TYR A 1 101 ? 3.509   -7.772  -1.305  1.00 17.64 ? 95  TYR A CZ  1 
ATOM   758  O  OH  . TYR A 1 101 ? 4.326   -8.788  -1.742  1.00 20.64 ? 95  TYR A OH  1 
ATOM   759  N  N   . LEU A 1 102 ? -1.973  -3.455  1.158   1.00 11.66 ? 96  LEU A N   1 
ATOM   760  C  CA  . LEU A 1 102 ? -2.449  -2.333  1.937   1.00 12.60 ? 96  LEU A CA  1 
ATOM   761  C  C   . LEU A 1 102 ? -3.909  -2.234  2.306   1.00 12.22 ? 96  LEU A C   1 
ATOM   762  O  O   . LEU A 1 102 ? -4.241  -1.515  3.247   1.00 12.88 ? 96  LEU A O   1 
ATOM   763  C  CB  . LEU A 1 102 ? -2.063  -1.036  1.212   1.00 11.02 ? 96  LEU A CB  1 
ATOM   764  C  CG  . LEU A 1 102 ? -0.566  -0.786  0.997   1.00 13.46 ? 96  LEU A CG  1 
ATOM   765  C  CD1 . LEU A 1 102 ? -0.357  0.442   0.112   1.00 12.76 ? 96  LEU A CD1 1 
ATOM   766  C  CD2 . LEU A 1 102 ? 0.108   -0.567  2.355   1.00 15.03 ? 96  LEU A CD2 1 
ATOM   767  N  N   . PHE A 1 103 ? -4.789  -2.929  1.589   1.00 12.99 ? 97  PHE A N   1 
ATOM   768  C  CA  . PHE A 1 103 ? -6.204  -2.750  1.888   1.00 13.82 ? 97  PHE A CA  1 
ATOM   769  C  C   . PHE A 1 103 ? -6.632  -3.192  3.287   1.00 15.04 ? 97  PHE A C   1 
ATOM   770  O  O   . PHE A 1 103 ? -7.405  -2.494  3.926   1.00 15.02 ? 97  PHE A O   1 
ATOM   771  C  CB  . PHE A 1 103 ? -7.067  -3.415  0.828   1.00 14.45 ? 97  PHE A CB  1 
ATOM   772  C  CG  . PHE A 1 103 ? -8.535  -3.134  0.999   1.00 14.87 ? 97  PHE A CG  1 
ATOM   773  C  CD1 . PHE A 1 103 ? -8.992  -1.826  1.105   1.00 16.50 ? 97  PHE A CD1 1 
ATOM   774  C  CD2 . PHE A 1 103 ? -9.449  -4.176  1.064   1.00 18.73 ? 97  PHE A CD2 1 
ATOM   775  C  CE1 . PHE A 1 103 ? -10.353 -1.554  1.279   1.00 18.70 ? 97  PHE A CE1 1 
ATOM   776  C  CE2 . PHE A 1 103 ? -10.814 -3.907  1.237   1.00 19.41 ? 97  PHE A CE2 1 
ATOM   777  C  CZ  . PHE A 1 103 ? -11.256 -2.596  1.344   1.00 18.37 ? 97  PHE A CZ  1 
ATOM   778  N  N   . ALA A 1 104 ? -6.126  -4.319  3.776   1.00 14.87 ? 98  ALA A N   1 
ATOM   779  C  CA  . ALA A 1 104 ? -6.509  -4.742  5.124   1.00 15.05 ? 98  ALA A CA  1 
ATOM   780  C  C   . ALA A 1 104 ? -6.072  -3.678  6.136   1.00 16.72 ? 98  ALA A C   1 
ATOM   781  O  O   . ALA A 1 104 ? -6.789  -3.395  7.105   1.00 16.86 ? 98  ALA A O   1 
ATOM   782  C  CB  . ALA A 1 104 ? -5.876  -6.095  5.467   1.00 14.93 ? 98  ALA A CB  1 
ATOM   783  N  N   . PHE A 1 105 ? -4.902  -3.082  5.908   1.00 15.60 ? 99  PHE A N   1 
ATOM   784  C  CA  . PHE A 1 105 ? -4.388  -2.042  6.795   1.00 17.20 ? 99  PHE A CA  1 
ATOM   785  C  C   . PHE A 1 105 ? -5.269  -0.791  6.708   1.00 17.39 ? 99  PHE A C   1 
ATOM   786  O  O   . PHE A 1 105 ? -5.568  -0.166  7.719   1.00 19.16 ? 99  PHE A O   1 
ATOM   787  C  CB  . PHE A 1 105 ? -2.936  -1.692  6.429   1.00 16.89 ? 99  PHE A CB  1 
ATOM   788  C  CG  . PHE A 1 105 ? -2.242  -0.829  7.455   1.00 17.26 ? 99  PHE A CG  1 
ATOM   789  C  CD1 . PHE A 1 105 ? -2.141  -1.249  8.779   1.00 18.18 ? 99  PHE A CD1 1 
ATOM   790  C  CD2 . PHE A 1 105 ? -1.661  0.380   7.095   1.00 17.46 ? 99  PHE A CD2 1 
ATOM   791  C  CE1 . PHE A 1 105 ? -1.471  -0.480  9.718   1.00 17.71 ? 99  PHE A CE1 1 
ATOM   792  C  CE2 . PHE A 1 105 ? -0.980  1.155   8.042   1.00 18.75 ? 99  PHE A CE2 1 
ATOM   793  C  CZ  . PHE A 1 105 ? -0.888  0.719   9.354   1.00 18.67 ? 99  PHE A CZ  1 
ATOM   794  N  N   . GLU A 1 106 ? -5.688  -0.434  5.494   1.00 16.55 ? 100 GLU A N   1 
ATOM   795  C  CA  . GLU A 1 106 ? -6.557  0.725   5.290   1.00 16.95 ? 100 GLU A CA  1 
ATOM   796  C  C   . GLU A 1 106 ? -7.811  0.549   6.140   1.00 18.39 ? 100 GLU A C   1 
ATOM   797  O  O   . GLU A 1 106 ? -8.251  1.487   6.806   1.00 19.38 ? 100 GLU A O   1 
ATOM   798  C  CB  . GLU A 1 106 ? -6.971  0.847   3.809   1.00 18.49 ? 100 GLU A CB  1 
ATOM   799  C  CG  . GLU A 1 106 ? -7.883  2.049   3.515   1.00 19.15 ? 100 GLU A CG  1 
ATOM   800  C  CD  . GLU A 1 106 ? -8.634  1.946   2.179   1.00 21.75 ? 100 GLU A CD  1 
ATOM   801  O  OE1 . GLU A 1 106 ? -7.991  1.721   1.131   1.00 18.51 ? 100 GLU A OE1 1 
ATOM   802  O  OE2 . GLU A 1 106 ? -9.877  2.101   2.170   1.00 21.91 ? 100 GLU A OE2 1 
ATOM   803  N  N   . CYS A 1 107 ? -8.380  -0.653  6.115   1.00 18.78 ? 101 CYS A N   1 
ATOM   804  C  CA  . CYS A 1 107 ? -9.589  -0.923  6.884   1.00 20.56 ? 101 CYS A CA  1 
ATOM   805  C  C   . CYS A 1 107 ? -9.340  -0.729  8.373   1.00 24.59 ? 101 CYS A C   1 
ATOM   806  O  O   . CYS A 1 107 ? -10.140 -0.106  9.070   1.00 25.09 ? 101 CYS A O   1 
ATOM   807  C  CB  . CYS A 1 107 ? -10.094 -2.337  6.594   1.00 21.63 ? 101 CYS A CB  1 
ATOM   808  S  SG  . CYS A 1 107 ? -10.720 -2.547  4.883   1.00 24.13 ? 101 CYS A SG  1 
ATOM   809  N  N   . LYS A 1 108 ? -8.219  -1.243  8.860   1.00 25.19 ? 102 LYS A N   1 
ATOM   810  C  CA  . LYS A 1 108 ? -7.880  -1.100  10.271  1.00 28.19 ? 102 LYS A CA  1 
ATOM   811  C  C   . LYS A 1 108 ? -7.615  0.347   10.700  1.00 30.30 ? 102 LYS A C   1 
ATOM   812  O  O   . LYS A 1 108 ? -8.140  0.808   11.721  1.00 30.92 ? 102 LYS A O   1 
ATOM   813  C  CB  . LYS A 1 108 ? -6.655  -1.956  10.589  1.00 31.23 ? 102 LYS A CB  1 
ATOM   814  C  CG  . LYS A 1 108 ? -6.102  -1.754  11.991  1.00 33.60 ? 102 LYS A CG  1 
ATOM   815  C  CD  . LYS A 1 108 ? -4.839  -2.570  12.179  1.00 35.66 ? 102 LYS A CD  1 
ATOM   816  C  CE  . LYS A 1 108 ? -4.325  -2.472  13.603  1.00 38.56 ? 102 LYS A CE  1 
ATOM   817  N  NZ  . LYS A 1 108 ? -5.385  -2.868  14.565  1.00 39.08 ? 102 LYS A NZ  1 
ATOM   818  N  N   . ILE A 1 109 ? -6.808  1.059   9.920   1.00 30.84 ? 103 ILE A N   1 
ATOM   819  C  CA  . ILE A 1 109 ? -6.427  2.439   10.220  1.00 33.81 ? 103 ILE A CA  1 
ATOM   820  C  C   . ILE A 1 109 ? -7.458  3.527   9.939   1.00 35.61 ? 103 ILE A C   1 
ATOM   821  O  O   . ILE A 1 109 ? -7.589  4.475   10.717  1.00 36.24 ? 103 ILE A O   1 
ATOM   822  C  CB  . ILE A 1 109 ? -5.134  2.823   9.455   1.00 34.45 ? 103 ILE A CB  1 
ATOM   823  C  CG1 . ILE A 1 109 ? -3.977  1.941   9.917   1.00 36.12 ? 103 ILE A CG1 1 
ATOM   824  C  CG2 . ILE A 1 109 ? -4.804  4.297   9.663   1.00 35.68 ? 103 ILE A CG2 1 
ATOM   825  C  CD1 . ILE A 1 109 ? -3.604  2.121   11.369  1.00 37.72 ? 103 ILE A CD1 1 
ATOM   826  N  N   . GLU A 1 110 ? -8.186  3.403   8.835   1.00 36.60 ? 104 GLU A N   1 
ATOM   827  C  CA  . GLU A 1 110 ? -9.161  4.424   8.465   1.00 37.57 ? 104 GLU A CA  1 
ATOM   828  C  C   . GLU A 1 110 ? -10.560 4.208   9.019   1.00 37.72 ? 104 GLU A C   1 
ATOM   829  O  O   . GLU A 1 110 ? -11.300 5.171   9.229   1.00 38.62 ? 104 GLU A O   1 
ATOM   830  C  CB  . GLU A 1 110 ? -9.237  4.536   6.939   1.00 37.66 ? 104 GLU A CB  1 
ATOM   831  C  CG  . GLU A 1 110 ? -7.875  4.648   6.271   1.00 38.33 ? 104 GLU A CG  1 
ATOM   832  C  CD  . GLU A 1 110 ? -7.112  5.893   6.683   1.00 40.61 ? 104 GLU A CD  1 
ATOM   833  O  OE1 . GLU A 1 110 ? -5.893  5.958   6.408   1.00 39.83 ? 104 GLU A OE1 1 
ATOM   834  O  OE2 . GLU A 1 110 ? -7.726  6.808   7.276   1.00 40.26 ? 104 GLU A OE2 1 
ATOM   835  N  N   . ARG A 1 111 ? -10.925 2.959   9.264   1.00 38.01 ? 105 ARG A N   1 
ATOM   836  C  CA  . ARG A 1 111 ? -12.265 2.670   9.757   1.00 39.64 ? 105 ARG A CA  1 
ATOM   837  C  C   . ARG A 1 111 ? -12.320 1.869   11.056  1.00 41.74 ? 105 ARG A C   1 
ATOM   838  O  O   . ARG A 1 111 ? -13.365 1.325   11.422  1.00 41.99 ? 105 ARG A O   1 
ATOM   839  C  CB  . ARG A 1 111 ? -13.055 1.959   8.654   1.00 38.48 ? 105 ARG A CB  1 
ATOM   840  C  CG  . ARG A 1 111 ? -13.275 2.840   7.426   1.00 36.79 ? 105 ARG A CG  1 
ATOM   841  C  CD  . ARG A 1 111 ? -13.908 2.072   6.278   1.00 36.04 ? 105 ARG A CD  1 
ATOM   842  N  NE  . ARG A 1 111 ? -12.966 1.171   5.616   1.00 31.21 ? 105 ARG A NE  1 
ATOM   843  C  CZ  . ARG A 1 111 ? -12.054 1.554   4.728   1.00 31.28 ? 105 ARG A CZ  1 
ATOM   844  N  NH1 . ARG A 1 111 ? -11.949 2.831   4.377   1.00 31.29 ? 105 ARG A NH1 1 
ATOM   845  N  NH2 . ARG A 1 111 ? -11.253 0.651   4.179   1.00 28.02 ? 105 ARG A NH2 1 
ATOM   846  N  N   . GLY A 1 112 ? -11.196 1.811   11.762  1.00 43.50 ? 106 GLY A N   1 
ATOM   847  C  CA  . GLY A 1 112 ? -11.155 1.081   13.015  1.00 46.84 ? 106 GLY A CA  1 
ATOM   848  C  C   . GLY A 1 112 ? -11.645 -0.346  12.868  1.00 49.25 ? 106 GLY A C   1 
ATOM   849  O  O   . GLY A 1 112 ? -12.029 -0.981  13.850  1.00 49.15 ? 106 GLY A O   1 
ATOM   850  N  N   . GLU A 1 113 ? -11.636 -0.857  11.642  1.00 51.63 ? 107 GLU A N   1 
ATOM   851  C  CA  . GLU A 1 113 ? -12.083 -2.220  11.402  1.00 55.08 ? 107 GLU A CA  1 
ATOM   852  C  C   . GLU A 1 113 ? -11.099 -3.190  12.046  1.00 56.80 ? 107 GLU A C   1 
ATOM   853  O  O   . GLU A 1 113 ? -9.888  -3.076  11.854  1.00 56.87 ? 107 GLU A O   1 
ATOM   854  C  CB  . GLU A 1 113 ? -12.155 -2.505  9.902   1.00 56.48 ? 107 GLU A CB  1 
ATOM   855  C  CG  . GLU A 1 113 ? -13.038 -3.693  9.545   1.00 58.53 ? 107 GLU A CG  1 
ATOM   856  C  CD  . GLU A 1 113 ? -14.490 -3.293  9.358   1.00 59.79 ? 107 GLU A CD  1 
ATOM   857  O  OE1 . GLU A 1 113 ? -15.375 -4.171  9.445   1.00 60.45 ? 107 GLU A OE1 1 
ATOM   858  O  OE2 . GLU A 1 113 ? -14.743 -2.094  9.111   1.00 60.66 ? 107 GLU A OE2 1 
ATOM   859  N  N   . GLU A 1 114 ? -11.615 -4.137  12.819  1.00 59.15 ? 108 GLU A N   1 
ATOM   860  C  CA  . GLU A 1 114 ? -10.755 -5.123  13.456  1.00 61.57 ? 108 GLU A CA  1 
ATOM   861  C  C   . GLU A 1 114 ? -11.252 -6.508  13.081  1.00 62.87 ? 108 GLU A C   1 
ATOM   862  O  O   . GLU A 1 114 ? -12.150 -7.047  13.727  1.00 63.36 ? 108 GLU A O   1 
ATOM   863  C  CB  . GLU A 1 114 ? -10.765 -4.967  14.977  1.00 62.43 ? 108 GLU A CB  1 
ATOM   864  C  CG  . GLU A 1 114 ? -9.921  -6.019  15.688  1.00 63.87 ? 108 GLU A CG  1 
ATOM   865  C  CD  . GLU A 1 114 ? -9.820  -5.800  17.187  1.00 65.04 ? 108 GLU A CD  1 
ATOM   866  O  OE1 . GLU A 1 114 ? -10.871 -5.787  17.867  1.00 65.48 ? 108 GLU A OE1 1 
ATOM   867  O  OE2 . GLU A 1 114 ? -8.681  -5.649  17.686  1.00 65.69 ? 108 GLU A OE2 1 
ATOM   868  N  N   . PRO A 1 115 ? -10.665 -7.069  12.026  1.00 64.17 ? 109 PRO A N   1 
ATOM   869  C  CA  . PRO A 1 115 ? -11.034 -8.392  11.532  1.00 65.37 ? 109 PRO A CA  1 
ATOM   870  C  C   . PRO A 1 115 ? -11.544 -9.291  12.654  1.00 65.93 ? 109 PRO A C   1 
ATOM   871  O  O   . PRO A 1 115 ? -10.781 -9.699  13.532  1.00 66.23 ? 109 PRO A O   1 
ATOM   872  C  CB  . PRO A 1 115 ? -9.836  -9.044  10.841  1.00 65.36 ? 109 PRO A CB  1 
ATOM   873  N  N   . PRO A 1 116 ? -12.842 -9.583  12.621  1.00 66.64 ? 110 PRO A N   1 
ATOM   874  C  CA  . PRO A 1 116 ? -13.475 -10.433 13.623  1.00 67.34 ? 110 PRO A CA  1 
ATOM   875  C  C   . PRO A 1 116 ? -12.579 -11.621 13.938  1.00 68.02 ? 110 PRO A C   1 
ATOM   876  O  O   . PRO A 1 116 ? -12.112 -12.311 13.028  1.00 68.35 ? 110 PRO A O   1 
ATOM   877  C  CB  . PRO A 1 116 ? -14.827 -10.915 13.112  1.00 67.31 ? 110 PRO A CB  1 
ATOM   878  N  N   . PRO A 1 117 ? -12.335 -11.847 15.226  1.00 68.10 ? 111 PRO A N   1 
ATOM   879  C  CA  . PRO A 1 117 ? -11.488 -12.951 15.670  1.00 68.38 ? 111 PRO A CA  1 
ATOM   880  C  C   . PRO A 1 117 ? -11.783 -14.228 14.881  1.00 68.89 ? 111 PRO A C   1 
ATOM   881  O  O   . PRO A 1 117 ? -12.917 -14.713 14.870  1.00 69.02 ? 111 PRO A O   1 
ATOM   882  C  CB  . PRO A 1 117 ? -11.696 -13.196 17.160  1.00 68.37 ? 111 PRO A CB  1 
ATOM   883  N  N   . GLU A 1 118 ? -10.759 -14.763 14.218  1.00 68.93 ? 112 GLU A N   1 
ATOM   884  C  CA  . GLU A 1 118 ? -10.906 -15.980 13.425  1.00 68.74 ? 112 GLU A CA  1 
ATOM   885  C  C   . GLU A 1 118 ? -11.494 -17.115 14.266  1.00 68.61 ? 112 GLU A C   1 
ATOM   886  O  O   . GLU A 1 118 ? -10.762 -17.935 14.823  1.00 68.35 ? 112 GLU A O   1 
ATOM   887  C  CB  . GLU A 1 118 ? -9.551  -16.394 12.850  1.00 68.40 ? 112 GLU A CB  1 
ATOM   888  N  N   . VAL A 1 119 ? -12.821 -17.150 14.348  1.00 68.41 ? 113 VAL A N   1 
ATOM   889  C  CA  . VAL A 1 119 ? -13.522 -18.173 15.119  1.00 67.79 ? 113 VAL A CA  1 
ATOM   890  C  C   . VAL A 1 119 ? -14.489 -18.964 14.237  1.00 67.56 ? 113 VAL A C   1 
ATOM   891  O  O   . VAL A 1 119 ? -14.227 -20.126 13.921  1.00 67.90 ? 113 VAL A O   1 
ATOM   892  C  CB  . VAL A 1 119 ? -14.277 -17.526 16.275  1.00 67.51 ? 113 VAL A CB  1 
ATOM   893  N  N   . PHE A 1 120 ? -15.595 -18.327 13.848  1.00 66.50 ? 114 PHE A N   1 
ATOM   894  C  CA  . PHE A 1 120 ? -16.630 -18.939 13.005  1.00 65.78 ? 114 PHE A CA  1 
ATOM   895  C  C   . PHE A 1 120 ? -16.584 -20.464 12.896  1.00 65.82 ? 114 PHE A C   1 
ATOM   896  O  O   . PHE A 1 120 ? -17.483 -21.121 13.461  1.00 65.72 ? 114 PHE A O   1 
ATOM   897  C  CB  . PHE A 1 120 ? -16.589 -18.343 11.591  1.00 65.10 ? 114 PHE A CB  1 
ATOM   898  C  CG  . PHE A 1 120 ? -17.186 -16.964 11.491  1.00 64.51 ? 114 PHE A CG  1 
ATOM   899  C  CD1 . PHE A 1 120 ? -18.459 -16.704 11.994  1.00 63.78 ? 114 PHE A CD1 1 
ATOM   900  C  CD2 . PHE A 1 120 ? -16.482 -15.929 10.881  1.00 63.86 ? 114 PHE A CD2 1 
ATOM   901  C  CE1 . PHE A 1 120 ? -19.023 -15.432 11.893  1.00 63.35 ? 114 PHE A CE1 1 
ATOM   902  C  CE2 . PHE A 1 120 ? -17.037 -14.653 10.773  1.00 63.21 ? 114 PHE A CE2 1 
ATOM   903  C  CZ  . PHE A 1 120 ? -18.309 -14.404 11.280  1.00 62.71 ? 114 PHE A CZ  1 
HETATM 904  O  O   . HOH B 2 .   ? -3.054  -4.727  4.242   1.00 15.27 ? 120 HOH A O   1 
HETATM 905  O  O   . HOH B 2 .   ? 10.600  1.767   16.297  1.00 14.94 ? 121 HOH A O   1 
HETATM 906  O  O   . HOH B 2 .   ? -0.112  13.870  -13.872 1.00 16.38 ? 122 HOH A O   1 
HETATM 907  O  O   . HOH B 2 .   ? 5.840   -7.407  8.400   1.00 21.20 ? 123 HOH A O   1 
HETATM 908  O  O   . HOH B 2 .   ? -16.202 1.537   -5.445  1.00 23.33 ? 124 HOH A O   1 
HETATM 909  O  O   . HOH B 2 .   ? -4.908  4.601   1.598   1.00 20.41 ? 125 HOH A O   1 
HETATM 910  O  O   . HOH B 2 .   ? 11.276  6.469   8.002   1.00 23.53 ? 126 HOH A O   1 
HETATM 911  O  O   . HOH B 2 .   ? -1.490  8.648   -17.966 1.00 18.77 ? 127 HOH A O   1 
HETATM 912  O  O   . HOH B 2 .   ? 6.623   9.122   12.535  1.00 27.28 ? 128 HOH A O   1 
HETATM 913  O  O   . HOH B 2 .   ? -6.840  7.064   -13.900 1.00 22.88 ? 129 HOH A O   1 
HETATM 914  O  O   . HOH B 2 .   ? -8.810  2.969   -12.480 1.00 24.43 ? 130 HOH A O   1 
HETATM 915  O  O   . HOH B 2 .   ? 6.933   -8.662  -0.544  1.00 32.29 ? 131 HOH A O   1 
HETATM 916  O  O   . HOH B 2 .   ? 13.425  3.990   11.339  1.00 23.08 ? 132 HOH A O   1 
HETATM 917  O  O   . HOH B 2 .   ? -12.816 4.478   -0.226  1.00 24.49 ? 133 HOH A O   1 
HETATM 918  O  O   . HOH B 2 .   ? -6.735  5.498   3.389   1.00 30.53 ? 134 HOH A O   1 
HETATM 919  O  O   . HOH B 2 .   ? 2.058   8.323   10.458  1.00 24.68 ? 135 HOH A O   1 
HETATM 920  O  O   . HOH B 2 .   ? 14.703  8.336   5.932   1.00 25.14 ? 136 HOH A O   1 
HETATM 921  O  O   . HOH B 2 .   ? 0.109   -1.909  14.107  1.00 24.98 ? 137 HOH A O   1 
HETATM 922  O  O   . HOH B 2 .   ? -13.301 -1.202  6.521   1.00 32.63 ? 138 HOH A O   1 
HETATM 923  O  O   . HOH B 2 .   ? -5.997  -5.735  -10.808 1.00 30.67 ? 139 HOH A O   1 
HETATM 924  O  O   . HOH B 2 .   ? -11.171 -3.744  -5.513  1.00 28.94 ? 140 HOH A O   1 
HETATM 925  O  O   . HOH B 2 .   ? 8.653   7.234   -17.102 1.00 27.07 ? 141 HOH A O   1 
HETATM 926  O  O   . HOH B 2 .   ? -1.620  6.897   -20.250 1.00 30.63 ? 142 HOH A O   1 
HETATM 927  O  O   . HOH B 2 .   ? 7.518   3.566   -5.571  1.00 30.96 ? 143 HOH A O   1 
HETATM 928  O  O   . HOH B 2 .   ? -7.479  3.574   -14.271 1.00 34.71 ? 144 HOH A O   1 
HETATM 929  O  O   . HOH B 2 .   ? -8.068  -5.458  8.641   1.00 35.53 ? 145 HOH A O   1 
HETATM 930  O  O   . HOH B 2 .   ? -2.637  0.566   -22.190 1.00 37.57 ? 146 HOH A O   1 
HETATM 931  O  O   . HOH B 2 .   ? 7.611   4.075   -15.287 1.00 31.85 ? 147 HOH A O   1 
HETATM 932  O  O   . HOH B 2 .   ? -1.479  -2.389  -21.013 1.00 29.05 ? 148 HOH A O   1 
HETATM 933  O  O   . HOH B 2 .   ? -2.622  -7.814  12.644  1.00 29.16 ? 149 HOH A O   1 
HETATM 934  O  O   . HOH B 2 .   ? 14.805  -5.587  5.602   1.00 27.94 ? 150 HOH A O   1 
HETATM 935  O  O   . HOH B 2 .   ? 9.971   3.916   -11.968 1.00 33.60 ? 151 HOH A O   1 
HETATM 936  O  O   . HOH B 2 .   ? -14.558 -4.689  12.519  1.00 43.21 ? 152 HOH A O   1 
HETATM 937  O  O   . HOH B 2 .   ? 8.907   -8.824  -3.196  1.00 52.64 ? 153 HOH A O   1 
HETATM 938  O  O   . HOH B 2 .   ? 4.859   -0.349  -16.228 1.00 30.58 ? 154 HOH A O   1 
HETATM 939  O  O   . HOH B 2 .   ? -10.906 -0.209  -10.568 1.00 45.45 ? 155 HOH A O   1 
HETATM 940  O  O   . HOH B 2 .   ? 6.258   -1.463  15.530  1.00 35.08 ? 156 HOH A O   1 
HETATM 941  O  O   . HOH B 2 .   ? 9.226   7.243   -3.061  1.00 35.25 ? 157 HOH A O   1 
HETATM 942  O  O   . HOH B 2 .   ? 4.898   8.198   -15.424 1.00 30.18 ? 158 HOH A O   1 
HETATM 943  O  O   . HOH B 2 .   ? 11.692  12.344  1.623   1.00 39.29 ? 159 HOH A O   1 
HETATM 944  O  O   . HOH B 2 .   ? -2.952  -15.725 9.698   1.00 42.07 ? 160 HOH A O   1 
HETATM 945  O  O   . HOH B 2 .   ? -10.390 8.813   -14.116 1.00 42.36 ? 161 HOH A O   1 
HETATM 946  O  O   . HOH B 2 .   ? 14.945  9.530   3.495   1.00 39.56 ? 162 HOH A O   1 
HETATM 947  O  O   . HOH B 2 .   ? -3.510  11.460  -4.552  1.00 31.82 ? 163 HOH A O   1 
HETATM 948  O  O   . HOH B 2 .   ? 2.836   12.232  4.844   1.00 40.53 ? 164 HOH A O   1 
HETATM 949  O  O   . HOH B 2 .   ? 3.458   0.478   -18.318 1.00 39.48 ? 165 HOH A O   1 
HETATM 950  O  O   . HOH B 2 .   ? 14.616  -2.759  -10.299 1.00 40.36 ? 166 HOH A O   1 
HETATM 951  O  O   . HOH B 2 .   ? -1.181  3.534   -15.791 1.00 35.27 ? 167 HOH A O   1 
HETATM 952  O  O   . HOH B 2 .   ? 1.100   4.125   -22.177 1.00 47.71 ? 168 HOH A O   1 
HETATM 953  O  O   . HOH B 2 .   ? -3.078  11.340  2.254   1.00 41.93 ? 169 HOH A O   1 
HETATM 954  O  O   . HOH B 2 .   ? 19.752  5.128   2.599   1.00 35.14 ? 170 HOH A O   1 
HETATM 955  O  O   . HOH B 2 .   ? -7.920  -3.530  -12.924 1.00 40.49 ? 171 HOH A O   1 
HETATM 956  O  O   . HOH B 2 .   ? 4.410   -6.768  -12.048 1.00 41.66 ? 172 HOH A O   1 
HETATM 957  O  O   . HOH B 2 .   ? 0.380   6.192   11.045  1.00 31.06 ? 173 HOH A O   1 
HETATM 958  O  O   . HOH B 2 .   ? 4.848   9.403   -18.168 1.00 33.35 ? 174 HOH A O   1 
HETATM 959  O  O   . HOH B 2 .   ? -18.444 2.993   -5.712  1.00 34.24 ? 175 HOH A O   1 
HETATM 960  O  O   . HOH B 2 .   ? 17.168  6.686   5.980   1.00 44.72 ? 176 HOH A O   1 
HETATM 961  O  O   . HOH B 2 .   ? 8.308   8.827   14.540  1.00 45.69 ? 177 HOH A O   1 
HETATM 962  O  O   . HOH B 2 .   ? 5.404   5.801   -16.228 1.00 45.59 ? 178 HOH A O   1 
HETATM 963  O  O   . HOH B 2 .   ? 4.575   0.582   -20.497 1.00 35.92 ? 179 HOH A O   1 
HETATM 964  O  O   . HOH B 2 .   ? 6.745   5.852   -6.519  1.00 38.23 ? 180 HOH A O   1 
HETATM 965  O  O   . HOH B 2 .   ? -14.547 4.817   1.639   1.00 41.76 ? 181 HOH A O   1 
HETATM 966  O  O   . HOH B 2 .   ? 0.603   11.315  5.633   1.00 50.12 ? 182 HOH A O   1 
HETATM 967  O  O   . HOH B 2 .   ? 12.466  -11.290 -2.580  1.00 45.84 ? 183 HOH A O   1 
HETATM 968  O  O   . HOH B 2 .   ? -6.522  -0.693  -15.560 1.00 40.67 ? 184 HOH A O   1 
HETATM 969  O  O   . HOH B 2 .   ? -1.806  -0.128  14.039  1.00 44.55 ? 185 HOH A O   1 
HETATM 970  O  O   . HOH B 2 .   ? 15.479  -1.528  -8.237  1.00 42.44 ? 186 HOH A O   1 
HETATM 971  O  O   . HOH B 2 .   ? -3.699  7.164   -21.911 1.00 47.19 ? 187 HOH A O   1 
HETATM 972  O  O   . HOH B 2 .   ? -7.493  1.766   -15.980 1.00 44.49 ? 188 HOH A O   1 
HETATM 973  O  O   . HOH B 2 .   ? 13.981  -7.933  5.307   1.00 39.31 ? 189 HOH A O   1 
HETATM 974  O  O   . HOH B 2 .   ? -16.573 -0.081  7.154   1.00 46.60 ? 190 HOH A O   1 
HETATM 975  O  O   . HOH B 2 .   ? -12.818 -3.628  -7.973  1.00 41.38 ? 191 HOH A O   1 
HETATM 976  O  O   . HOH B 2 .   ? 3.479   -6.992  -9.646  1.00 46.05 ? 192 HOH A O   1 
HETATM 977  O  O   . HOH B 2 .   ? -13.284 8.272   1.735   1.00 39.40 ? 193 HOH A O   1 
HETATM 978  O  O   . HOH B 2 .   ? 10.082  5.094   -5.064  1.00 47.22 ? 194 HOH A O   1 
HETATM 979  O  O   . HOH B 2 .   ? -16.420 1.327   -8.439  1.00 46.65 ? 195 HOH A O   1 
HETATM 980  O  O   . HOH B 2 .   ? 15.670  3.272   9.434   1.00 34.19 ? 196 HOH A O   1 
HETATM 981  O  O   . HOH B 2 .   ? -5.295  -8.196  11.822  1.00 37.53 ? 197 HOH A O   1 
HETATM 982  O  O   . HOH B 2 .   ? -10.614 8.280   9.860   1.00 52.84 ? 198 HOH A O   1 
HETATM 983  O  O   . HOH B 2 .   ? 0.258   8.766   8.071   1.00 43.06 ? 199 HOH A O   1 
HETATM 984  O  O   . HOH B 2 .   ? -0.959  2.227   -23.385 1.00 50.03 ? 200 HOH A O   1 
HETATM 985  O  O   . HOH B 2 .   ? 3.042   -1.986  -19.600 1.00 49.87 ? 201 HOH A O   1 
HETATM 986  O  O   . HOH B 2 .   ? 14.948  -4.970  -6.713  1.00 57.03 ? 202 HOH A O   1 
HETATM 987  O  O   . HOH B 2 .   ? -6.019  -9.335  9.429   1.00 43.72 ? 203 HOH A O   1 
HETATM 988  O  O   . HOH B 2 .   ? 14.372  11.977  1.935   1.00 45.20 ? 204 HOH A O   1 
HETATM 989  O  O   . HOH B 2 .   ? 3.978   10.610  13.251  1.00 50.20 ? 205 HOH A O   1 
HETATM 990  O  O   . HOH B 2 .   ? -1.401  13.634  1.341   1.00 54.08 ? 206 HOH A O   1 
HETATM 991  O  O   . HOH B 2 .   ? 15.759  5.640   7.819   1.00 38.60 ? 207 HOH A O   1 
HETATM 992  O  O   . HOH B 2 .   ? 16.155  1.190   7.281   1.00 38.67 ? 208 HOH A O   1 
HETATM 993  O  O   . HOH B 2 .   ? 1.272   14.202  2.119   1.00 42.94 ? 209 HOH A O   1 
HETATM 994  O  O   . HOH B 2 .   ? 11.699  -5.127  -4.569  1.00 42.48 ? 210 HOH A O   1 
HETATM 995  O  O   . HOH B 2 .   ? 10.759  2.956   -6.588  1.00 49.49 ? 211 HOH A O   1 
HETATM 996  O  O   . HOH B 2 .   ? -4.221  7.314   7.988   1.00 45.42 ? 212 HOH A O   1 
HETATM 997  O  O   . HOH B 2 .   ? -5.197  -4.680  -17.729 1.00 43.89 ? 213 HOH A O   1 
HETATM 998  O  O   . HOH B 2 .   ? -7.517  -8.844  7.321   1.00 45.06 ? 214 HOH A O   1 
HETATM 999  O  O   . HOH B 2 .   ? 4.833   13.187  12.646  1.00 43.78 ? 215 HOH A O   1 
HETATM 1000 O  O   . HOH B 2 .   ? 10.651  8.207   16.704  1.00 45.01 ? 216 HOH A O   1 
HETATM 1001 O  O   . HOH B 2 .   ? -8.945  7.068   2.981   1.00 51.76 ? 217 HOH A O   1 
HETATM 1002 O  O   . HOH B 2 .   ? -10.582 5.030   3.143   1.00 44.95 ? 218 HOH A O   1 
HETATM 1003 O  O   . HOH B 2 .   ? -9.894  -5.260  -11.155 1.00 46.19 ? 219 HOH A O   1 
HETATM 1004 O  O   . HOH B 2 .   ? 9.450   9.596   9.672   1.00 34.35 ? 220 HOH A O   1 
HETATM 1005 O  O   . HOH B 2 .   ? 11.440  8.907   8.545   1.00 50.97 ? 221 HOH A O   1 
HETATM 1006 O  O   . HOH B 2 .   ? 12.780  7.302   15.650  1.00 37.92 ? 222 HOH A O   1 
HETATM 1007 O  O   . HOH B 2 .   ? 1.762   10.439  11.941  1.00 48.06 ? 223 HOH A O   1 
HETATM 1008 O  O   . HOH B 2 .   ? 5.701   -2.718  -19.308 1.00 52.69 ? 224 HOH A O   1 
HETATM 1009 O  O   . HOH B 2 .   ? 4.644   11.380  1.235   1.00 48.80 ? 225 HOH A O   1 
HETATM 1010 O  O   . HOH B 2 .   ? -1.455  -6.209  -14.786 1.00 48.70 ? 226 HOH A O   1 
HETATM 1011 O  O   . HOH B 2 .   ? -13.452 0.541   -10.708 1.00 47.63 ? 227 HOH A O   1 
HETATM 1012 O  O   . HOH B 2 .   ? 17.914  -1.525  3.811   1.00 53.52 ? 228 HOH A O   1 
HETATM 1013 O  O   . HOH B 2 .   ? -9.302  0.316   -12.626 1.00 49.73 ? 229 HOH A O   1 
HETATM 1014 O  O   . HOH B 2 .   ? -6.929  -0.838  -12.948 1.00 48.44 ? 230 HOH A O   1 
HETATM 1015 O  O   . HOH B 2 .   ? 1.015   -7.041  -9.375  1.00 54.79 ? 231 HOH A O   1 
HETATM 1016 O  O   . HOH B 2 .   ? 5.130   15.035  4.497   1.00 48.04 ? 232 HOH A O   1 
HETATM 1017 O  O   . HOH B 2 .   ? -13.801 8.431   -14.293 1.00 50.30 ? 233 HOH A O   1 
HETATM 1018 O  O   . HOH B 2 .   ? 3.417   12.963  2.627   1.00 53.68 ? 234 HOH A O   1 
HETATM 1019 O  O   . HOH B 2 .   ? 13.121  -9.823  7.224   1.00 49.87 ? 235 HOH A O   1 
HETATM 1020 O  O   . HOH B 2 .   ? 11.265  6.022   -10.675 1.00 54.19 ? 236 HOH A O   1 
HETATM 1021 O  O   . HOH B 2 .   ? -8.549  4.954   -16.416 1.00 54.61 ? 237 HOH A O   1 
HETATM 1022 O  O   . HOH B 2 .   ? 8.908   -11.781 10.640  1.00 48.72 ? 238 HOH A O   1 
# 
